data_6VEF
#
_entry.id   6VEF
#
_cell.length_a   1.00
_cell.length_b   1.00
_cell.length_c   1.00
_cell.angle_alpha   90.00
_cell.angle_beta   90.00
_cell.angle_gamma   90.00
#
_symmetry.space_group_name_H-M   'P 1'
#
loop_
_entity.id
_entity.type
_entity.pdbx_description
1 polymer '2-oxoglutarate dehydrogenase E1 component'
2 non-polymer 'ADENOSINE MONOPHOSPHATE'
3 non-polymer 'OXALOACETATE ION'
#
_entity_poly.entity_id   1
_entity_poly.type   'polypeptide(L)'
_entity_poly.pdbx_seq_one_letter_code
;DTNVKQVKVLQLINAYRFRGHQHANLDPLGLYQQDKVADLDPSFHDLTEADFQETFNVGSFASGKETMKLGELLEALKQT
YCGPIGAEYMHITSTEEKRWIQQRIESGRATFNSEEKKRFLSELTAAEGLERYLGAKFPGAKRFSLEGDALIPMLKEMIR
HAGNSGTREVVLGMAHRGRLNVLVNVLGKKPQDLFDEFAGKHKEHLGTGDVKYHMGFSSDFQTDGGLVHLALAFNPSHLE
IVSPVVIGSVRARLDRLDEPSSNKVLPITIHGDAAVTGQGVVQETLNMSKARGYEVGGTVRIVINNQVGFTTSNPLDARS
TPYMTDIGKMVQAPIFHVNADDPEAVAFVTRLALDFRNTFKRDVFIDLVCYRRHGHNEADEPSATQKIKKHPTPRKIYAD
KLEQEKVATLEDATEMVNLYRDALDAGDCVVAEWRPMNMHSFTWSPYLNHEWDEEYPNKVEMKRLQELAKRISTVPEAVE
MQSRVAKIYGDRQAMAAGEKLFDWGGAENLAYATLVDEGIPVRLSGEDSGRGTFFHRHAVIHNQSNGSTYTPLQHIHNGQ
GAFRVWDSVLSEEAVLAFEYGYATAEPRTLTIWEAQFGDFANGAQVVIDQFISSGEQKWGRMCGLVMLLPHGYEGQGPEH
SSARLERYLQLCAEQNMQVCVPSTPAQVYHMLRRQALRGMRRPLVVMSPKSLLRHPLAVSSLEELANGTFLPAIGEIDEL
DPKGVKRVVMCSGKVYYDLLEQRRKNNQHDVAIVRIEQLYPFPHKAMQEVLQQFAHVKDFVWCQEEPLNQGAWYCSQHHF
REVIPFGASLRYAGRPASASPAVGHMSVHQKQQQDLVNDALNVE
;
_entity_poly.pdbx_strand_id   A,B
#
loop_
_chem_comp.id
_chem_comp.type
_chem_comp.name
_chem_comp.formula
AMP non-polymer 'ADENOSINE MONOPHOSPHATE' 'C10 H14 N5 O7 P'
OAA non-polymer 'OXALOACETATE ION' 'C4 H3 O5 -1'
#
# COMPACT_ATOMS: atom_id res chain seq x y z
N ASP A 1 17.28 -9.65 -54.66
CA ASP A 1 16.60 -10.94 -54.63
C ASP A 1 17.22 -11.79 -53.53
N THR A 2 18.51 -11.54 -53.25
CA THR A 2 19.20 -12.24 -52.18
C THR A 2 19.41 -11.39 -50.93
N ASN A 3 19.29 -10.06 -51.03
CA ASN A 3 19.39 -9.19 -49.88
C ASN A 3 18.05 -9.00 -49.17
N VAL A 4 16.96 -9.44 -49.78
CA VAL A 4 15.67 -9.38 -49.10
C VAL A 4 15.64 -10.38 -47.96
N LYS A 5 16.33 -11.51 -48.10
CA LYS A 5 16.44 -12.43 -46.97
C LYS A 5 17.43 -11.89 -45.93
N GLN A 6 18.41 -11.09 -46.37
CA GLN A 6 19.31 -10.42 -45.43
C GLN A 6 18.55 -9.46 -44.53
N VAL A 7 17.76 -8.58 -45.13
CA VAL A 7 16.99 -7.65 -44.31
C VAL A 7 15.84 -8.36 -43.59
N LYS A 8 15.37 -9.50 -44.11
CA LYS A 8 14.33 -10.25 -43.42
C LYS A 8 14.88 -10.93 -42.17
N VAL A 9 16.10 -11.46 -42.23
CA VAL A 9 16.67 -12.03 -41.01
C VAL A 9 17.16 -10.93 -40.08
N LEU A 10 17.43 -9.72 -40.59
CA LEU A 10 17.64 -8.60 -39.68
C LEU A 10 16.36 -8.24 -38.93
N GLN A 11 15.23 -8.28 -39.63
CA GLN A 11 13.93 -8.05 -38.99
C GLN A 11 13.63 -9.12 -37.96
N LEU A 12 13.79 -10.39 -38.33
CA LEU A 12 13.54 -11.48 -37.39
C LEU A 12 14.55 -11.52 -36.27
N ILE A 13 15.78 -11.04 -36.47
CA ILE A 13 16.69 -11.04 -35.34
C ILE A 13 16.42 -9.86 -34.43
N ASN A 14 15.85 -8.78 -34.95
CA ASN A 14 15.44 -7.70 -34.05
C ASN A 14 14.23 -8.13 -33.23
N ALA A 15 13.25 -8.75 -33.88
CA ALA A 15 12.10 -9.29 -33.16
C ALA A 15 12.46 -10.48 -32.28
N TYR A 16 13.60 -11.11 -32.51
CA TYR A 16 14.12 -12.13 -31.64
C TYR A 16 14.95 -11.54 -30.50
N ARG A 17 15.42 -10.31 -30.67
CA ARG A 17 15.98 -9.57 -29.54
C ARG A 17 14.91 -9.06 -28.62
N PHE A 18 13.72 -8.75 -29.15
CA PHE A 18 12.60 -8.37 -28.28
C PHE A 18 12.13 -9.53 -27.43
N ARG A 19 11.74 -10.63 -28.06
CA ARG A 19 11.07 -11.72 -27.36
C ARG A 19 11.83 -13.03 -27.56
N GLY A 20 13.13 -13.02 -27.35
CA GLY A 20 13.87 -14.25 -27.37
C GLY A 20 13.91 -14.90 -26.01
N HIS A 21 13.60 -14.13 -24.97
CA HIS A 21 13.77 -14.59 -23.61
C HIS A 21 12.74 -15.61 -23.18
N GLN A 22 11.57 -15.66 -23.82
CA GLN A 22 10.59 -16.67 -23.43
C GLN A 22 10.88 -18.01 -24.09
N HIS A 23 11.73 -18.04 -25.11
CA HIS A 23 12.20 -19.30 -25.65
C HIS A 23 13.34 -19.87 -24.83
N ALA A 24 13.90 -19.07 -23.91
CA ALA A 24 15.07 -19.45 -23.16
C ALA A 24 14.73 -20.47 -22.08
N ASN A 25 15.77 -21.15 -21.61
CA ASN A 25 15.64 -22.15 -20.56
C ASN A 25 16.06 -21.52 -19.25
N LEU A 26 15.11 -21.39 -18.33
CA LEU A 26 15.35 -20.67 -17.08
C LEU A 26 15.14 -21.51 -15.84
N ASP A 27 14.25 -22.48 -15.87
CA ASP A 27 13.91 -23.19 -14.64
C ASP A 27 15.02 -24.17 -14.30
N PRO A 28 15.55 -24.13 -13.08
CA PRO A 28 16.55 -25.14 -12.70
C PRO A 28 15.99 -26.55 -12.61
N LEU A 29 14.67 -26.72 -12.52
CA LEU A 29 14.08 -28.05 -12.55
C LEU A 29 13.25 -28.33 -13.80
N GLY A 30 12.84 -27.31 -14.55
CA GLY A 30 12.15 -27.54 -15.80
C GLY A 30 10.64 -27.68 -15.70
N LEU A 31 9.98 -26.77 -14.99
CA LEU A 31 8.53 -26.69 -14.96
C LEU A 31 8.03 -25.27 -15.20
N TYR A 32 8.87 -24.40 -15.73
CA TYR A 32 8.50 -23.04 -16.12
C TYR A 32 8.29 -22.97 -17.62
N GLN A 33 8.38 -24.12 -18.29
CA GLN A 33 8.38 -24.17 -19.75
C GLN A 33 6.95 -24.04 -20.28
N GLN A 34 6.76 -23.09 -21.19
CA GLN A 34 5.48 -22.93 -21.89
C GLN A 34 5.55 -23.55 -23.27
N ASP A 35 4.37 -23.77 -23.87
CA ASP A 35 4.30 -24.35 -25.20
C ASP A 35 4.37 -23.28 -26.29
N LYS A 36 4.10 -22.03 -25.94
CA LYS A 36 4.17 -20.92 -26.90
C LYS A 36 5.60 -20.41 -26.96
N VAL A 37 6.49 -21.25 -27.49
CA VAL A 37 7.90 -20.93 -27.61
C VAL A 37 8.33 -20.87 -29.07
N ALA A 38 7.57 -21.51 -29.95
CA ALA A 38 7.83 -21.45 -31.40
C ALA A 38 6.59 -20.84 -32.04
N ASP A 39 6.50 -19.52 -31.98
CA ASP A 39 5.45 -18.74 -32.62
C ASP A 39 6.06 -17.39 -32.99
N LEU A 40 6.51 -17.29 -34.25
CA LEU A 40 7.21 -16.15 -34.85
C LEU A 40 8.57 -15.86 -34.21
N ASP A 41 9.00 -16.71 -33.28
CA ASP A 41 10.29 -16.56 -32.63
C ASP A 41 11.44 -17.02 -33.53
N PRO A 42 11.55 -18.29 -33.98
CA PRO A 42 12.80 -18.71 -34.63
C PRO A 42 12.82 -18.28 -36.09
N SER A 43 13.83 -18.78 -36.80
CA SER A 43 13.90 -18.56 -38.24
C SER A 43 12.94 -19.44 -39.01
N PHE A 44 12.74 -20.68 -38.56
CA PHE A 44 12.06 -21.72 -39.32
C PHE A 44 10.57 -21.47 -39.49
N HIS A 45 9.96 -20.64 -38.62
CA HIS A 45 8.51 -20.47 -38.67
C HIS A 45 8.08 -19.62 -39.86
N ASP A 46 8.48 -18.36 -39.89
CA ASP A 46 8.02 -17.42 -40.91
C ASP A 46 9.13 -17.12 -41.92
N LEU A 47 8.98 -17.71 -43.10
CA LEU A 47 9.57 -17.36 -44.39
C LEU A 47 11.05 -17.72 -44.52
N THR A 48 11.72 -18.14 -43.45
CA THR A 48 13.10 -18.56 -43.56
C THR A 48 13.22 -20.01 -43.10
N GLU A 49 14.32 -20.64 -43.51
CA GLU A 49 14.57 -22.04 -43.19
C GLU A 49 16.07 -22.28 -43.15
N ALA A 50 16.45 -23.53 -42.97
CA ALA A 50 17.84 -23.90 -42.97
C ALA A 50 18.25 -24.44 -44.35
N ASP A 51 19.43 -25.08 -44.37
CA ASP A 51 20.08 -25.65 -45.56
C ASP A 51 20.28 -24.58 -46.64
N PHE A 52 21.06 -23.58 -46.27
CA PHE A 52 21.49 -22.52 -47.17
C PHE A 52 22.98 -22.53 -47.41
N GLN A 53 23.77 -22.78 -46.36
CA GLN A 53 25.22 -22.68 -46.28
C GLN A 53 25.76 -21.29 -46.66
N GLU A 54 24.92 -20.26 -46.60
CA GLU A 54 25.35 -18.90 -46.87
C GLU A 54 24.41 -17.93 -46.16
N THR A 55 25.00 -17.01 -45.39
CA THR A 55 24.34 -15.83 -44.87
C THR A 55 25.44 -14.85 -44.53
N PHE A 56 25.39 -13.67 -45.11
CA PHE A 56 26.49 -12.74 -44.94
C PHE A 56 26.29 -11.97 -43.62
N ASN A 57 27.21 -11.09 -43.30
CA ASN A 57 27.23 -10.43 -42.01
C ASN A 57 26.58 -9.07 -42.23
N VAL A 58 26.68 -8.21 -41.22
CA VAL A 58 26.17 -6.85 -41.29
C VAL A 58 26.45 -6.08 -42.58
N GLY A 59 27.43 -6.52 -43.38
CA GLY A 59 27.70 -5.95 -44.68
C GLY A 59 28.94 -5.07 -44.70
N SER A 60 28.75 -3.79 -45.04
CA SER A 60 29.87 -2.86 -45.19
C SER A 60 30.53 -2.53 -43.86
N PHE A 61 29.80 -2.67 -42.76
CA PHE A 61 30.36 -2.43 -41.44
C PHE A 61 31.36 -3.52 -41.07
N ALA A 62 32.60 -3.10 -40.80
CA ALA A 62 33.70 -4.02 -40.58
C ALA A 62 33.69 -4.64 -39.20
N SER A 63 32.86 -5.66 -38.98
CA SER A 63 32.79 -6.30 -37.66
C SER A 63 34.01 -7.17 -37.37
N GLY A 64 34.77 -7.54 -38.40
CA GLY A 64 35.89 -8.43 -38.19
C GLY A 64 35.49 -9.86 -37.92
N LYS A 65 34.28 -10.23 -38.27
CA LYS A 65 33.72 -11.52 -37.92
C LYS A 65 33.68 -12.44 -39.12
N GLU A 66 33.32 -13.71 -38.87
CA GLU A 66 33.26 -14.71 -39.92
C GLU A 66 31.86 -15.33 -40.01
N THR A 67 30.83 -14.48 -39.86
CA THR A 67 29.45 -14.95 -39.79
C THR A 67 29.00 -15.54 -41.13
N MET A 68 28.78 -16.86 -41.14
CA MET A 68 28.63 -17.61 -42.36
C MET A 68 27.22 -18.13 -42.62
N LYS A 69 26.39 -18.26 -41.59
CA LYS A 69 25.13 -18.96 -41.74
C LYS A 69 24.13 -18.43 -40.73
N LEU A 70 22.87 -18.28 -41.17
CA LEU A 70 21.81 -17.89 -40.27
C LEU A 70 21.53 -18.96 -39.23
N GLY A 71 21.74 -20.22 -39.60
CA GLY A 71 21.76 -21.28 -38.59
C GLY A 71 22.91 -21.10 -37.63
N GLU A 72 24.09 -20.74 -38.13
CA GLU A 72 25.19 -20.41 -37.24
C GLU A 72 24.92 -19.13 -36.48
N LEU A 73 24.22 -18.17 -37.10
CA LEU A 73 23.87 -16.92 -36.41
C LEU A 73 22.95 -17.19 -35.23
N LEU A 74 21.88 -17.95 -35.45
CA LEU A 74 20.99 -18.28 -34.36
C LEU A 74 21.59 -19.25 -33.36
N GLU A 75 22.51 -20.12 -33.78
CA GLU A 75 23.12 -21.02 -32.80
C GLU A 75 24.12 -20.27 -31.93
N ALA A 76 24.81 -19.28 -32.50
CA ALA A 76 25.67 -18.44 -31.68
C ALA A 76 24.87 -17.49 -30.83
N LEU A 77 23.68 -17.12 -31.28
CA LEU A 77 22.94 -16.07 -30.59
C LEU A 77 22.02 -16.65 -29.52
N LYS A 78 21.49 -17.84 -29.75
CA LYS A 78 20.77 -18.58 -28.71
C LYS A 78 21.69 -18.98 -27.57
N GLN A 79 22.99 -19.09 -27.82
CA GLN A 79 23.98 -19.28 -26.78
C GLN A 79 24.28 -17.98 -26.04
N THR A 80 23.74 -16.86 -26.51
CA THR A 80 23.85 -15.59 -25.82
C THR A 80 22.51 -15.13 -25.23
N TYR A 81 21.48 -14.97 -26.05
CA TYR A 81 20.26 -14.35 -25.56
C TYR A 81 19.30 -15.39 -25.00
N CYS A 82 19.35 -16.61 -25.52
CA CYS A 82 18.34 -17.61 -25.25
C CYS A 82 18.89 -18.76 -24.43
N GLY A 83 20.12 -18.64 -23.95
CA GLY A 83 20.78 -19.73 -23.28
C GLY A 83 20.45 -19.79 -21.80
N PRO A 84 21.49 -19.76 -20.96
CA PRO A 84 21.26 -19.82 -19.52
C PRO A 84 20.65 -18.55 -18.95
N ILE A 85 20.70 -17.43 -19.68
CA ILE A 85 20.14 -16.18 -19.21
C ILE A 85 19.29 -15.55 -20.30
N GLY A 86 18.24 -14.86 -19.88
CA GLY A 86 17.41 -14.07 -20.76
C GLY A 86 17.63 -12.60 -20.43
N ALA A 87 17.52 -11.75 -21.44
CA ALA A 87 17.80 -10.33 -21.29
C ALA A 87 16.60 -9.54 -21.78
N GLU A 88 15.82 -9.01 -20.86
CA GLU A 88 14.62 -8.24 -21.18
C GLU A 88 15.03 -6.78 -21.16
N TYR A 89 15.55 -6.30 -22.29
CA TYR A 89 16.15 -4.98 -22.35
C TYR A 89 15.72 -4.16 -23.55
N MET A 90 15.23 -4.79 -24.61
CA MET A 90 15.05 -4.09 -25.89
C MET A 90 13.90 -3.10 -25.83
N HIS A 91 13.01 -3.21 -24.84
CA HIS A 91 11.89 -2.30 -24.76
C HIS A 91 12.25 -0.92 -24.24
N ILE A 92 13.44 -0.73 -23.67
CA ILE A 92 13.87 0.59 -23.24
C ILE A 92 14.08 1.46 -24.47
N THR A 93 13.57 2.69 -24.44
CA THR A 93 13.65 3.51 -25.64
C THR A 93 14.97 4.25 -25.77
N SER A 94 15.77 4.32 -24.72
CA SER A 94 17.03 5.08 -24.78
C SER A 94 18.07 4.27 -25.52
N THR A 95 18.45 4.75 -26.71
CA THR A 95 19.22 3.96 -27.66
C THR A 95 20.67 3.74 -27.23
N GLU A 96 21.20 4.65 -26.40
CA GLU A 96 22.53 4.44 -25.83
C GLU A 96 22.55 3.20 -24.94
N GLU A 97 21.47 3.01 -24.16
CA GLU A 97 21.36 1.84 -23.29
C GLU A 97 21.29 0.56 -24.11
N LYS A 98 20.52 0.62 -25.21
CA LYS A 98 20.35 -0.53 -26.08
C LYS A 98 21.66 -0.93 -26.73
N ARG A 99 22.40 0.04 -27.24
CA ARG A 99 23.65 -0.30 -27.92
C ARG A 99 24.74 -0.65 -26.91
N TRP A 100 24.62 -0.17 -25.67
CA TRP A 100 25.56 -0.59 -24.64
C TRP A 100 25.35 -2.04 -24.24
N ILE A 101 24.10 -2.46 -24.07
CA ILE A 101 23.84 -3.85 -23.75
C ILE A 101 24.15 -4.75 -24.95
N GLN A 102 23.90 -4.26 -26.17
CA GLN A 102 24.29 -4.99 -27.37
C GLN A 102 25.81 -5.18 -27.45
N GLN A 103 26.56 -4.18 -27.02
CA GLN A 103 28.01 -4.30 -27.01
C GLN A 103 28.46 -5.27 -25.92
N ARG A 104 27.72 -5.34 -24.82
CA ARG A 104 28.12 -6.28 -23.78
C ARG A 104 27.78 -7.73 -24.12
N ILE A 105 26.48 -8.06 -24.24
CA ILE A 105 26.09 -9.47 -24.16
C ILE A 105 26.06 -10.21 -25.48
N GLU A 106 26.47 -9.61 -26.58
CA GLU A 106 26.50 -10.39 -27.81
C GLU A 106 27.87 -10.46 -28.45
N SER A 107 28.60 -9.34 -28.50
CA SER A 107 29.89 -9.34 -29.17
C SER A 107 30.98 -10.00 -28.31
N GLY A 108 30.73 -10.17 -27.02
CA GLY A 108 31.70 -10.84 -26.18
C GLY A 108 31.14 -11.44 -24.91
N ARG A 109 31.40 -12.73 -24.68
CA ARG A 109 31.05 -13.41 -23.45
C ARG A 109 32.22 -13.36 -22.49
N ALA A 110 31.99 -12.85 -21.28
CA ALA A 110 33.05 -12.75 -20.28
C ALA A 110 33.35 -14.12 -19.70
N THR A 111 34.36 -14.78 -20.26
CA THR A 111 34.79 -16.09 -19.79
C THR A 111 35.66 -15.93 -18.56
N PHE A 112 35.38 -16.73 -17.54
CA PHE A 112 36.03 -16.61 -16.25
C PHE A 112 37.27 -17.48 -16.19
N ASN A 113 38.22 -17.09 -15.35
CA ASN A 113 39.42 -17.88 -15.14
C ASN A 113 39.14 -19.00 -14.13
N SER A 114 40.16 -19.80 -13.82
CA SER A 114 39.97 -20.99 -13.01
C SER A 114 39.71 -20.66 -11.54
N GLU A 115 40.41 -19.64 -11.01
CA GLU A 115 40.32 -19.36 -9.59
C GLU A 115 38.97 -18.78 -9.20
N GLU A 116 38.38 -17.93 -10.04
CA GLU A 116 37.02 -17.45 -9.77
C GLU A 116 36.00 -18.57 -9.82
N LYS A 117 36.16 -19.51 -10.74
CA LYS A 117 35.32 -20.71 -10.76
C LYS A 117 35.43 -21.49 -9.46
N LYS A 118 36.67 -21.63 -8.97
CA LYS A 118 36.89 -22.34 -7.71
C LYS A 118 36.25 -21.62 -6.54
N ARG A 119 36.32 -20.30 -6.52
CA ARG A 119 35.75 -19.60 -5.38
C ARG A 119 34.23 -19.56 -5.45
N PHE A 120 33.64 -19.62 -6.66
CA PHE A 120 32.19 -19.72 -6.73
C PHE A 120 31.71 -21.05 -6.23
N LEU A 121 32.36 -22.14 -6.68
CA LEU A 121 31.93 -23.46 -6.24
C LEU A 121 32.17 -23.63 -4.75
N SER A 122 33.27 -23.06 -4.25
CA SER A 122 33.56 -23.09 -2.82
C SER A 122 32.51 -22.34 -2.02
N GLU A 123 32.09 -21.19 -2.51
CA GLU A 123 31.20 -20.37 -1.70
C GLU A 123 29.77 -20.91 -1.68
N LEU A 124 29.28 -21.38 -2.83
CA LEU A 124 27.94 -21.95 -2.80
C LEU A 124 27.93 -23.33 -2.15
N THR A 125 29.04 -24.06 -2.24
CA THR A 125 29.20 -25.29 -1.47
C THR A 125 29.15 -24.98 0.01
N ALA A 126 29.76 -23.88 0.42
CA ALA A 126 29.68 -23.42 1.80
C ALA A 126 28.25 -23.02 2.17
N ALA A 127 27.50 -22.44 1.24
CA ALA A 127 26.13 -22.03 1.52
C ALA A 127 25.24 -23.24 1.80
N GLU A 128 25.30 -24.23 0.91
CA GLU A 128 24.48 -25.42 1.09
C GLU A 128 24.98 -26.26 2.26
N GLY A 129 26.29 -26.24 2.52
CA GLY A 129 26.81 -26.89 3.71
C GLY A 129 26.34 -26.22 4.98
N LEU A 130 26.21 -24.89 4.95
CA LEU A 130 25.66 -24.16 6.10
C LEU A 130 24.23 -24.58 6.38
N GLU A 131 23.38 -24.58 5.36
CA GLU A 131 21.98 -24.87 5.64
C GLU A 131 21.77 -26.34 6.00
N ARG A 132 22.59 -27.25 5.44
CA ARG A 132 22.47 -28.63 5.90
C ARG A 132 23.05 -28.83 7.29
N TYR A 133 24.03 -28.02 7.69
CA TYR A 133 24.53 -28.09 9.05
C TYR A 133 23.51 -27.57 10.04
N LEU A 134 22.80 -26.51 9.65
CA LEU A 134 21.71 -25.99 10.47
C LEU A 134 20.61 -27.00 10.63
N GLY A 135 20.30 -27.73 9.56
CA GLY A 135 19.36 -28.85 9.69
C GLY A 135 19.90 -29.97 10.53
N ALA A 136 21.22 -30.15 10.54
CA ALA A 136 21.83 -31.24 11.29
C ALA A 136 21.74 -30.99 12.79
N LYS A 137 22.14 -29.80 13.24
CA LYS A 137 22.06 -29.54 14.68
C LYS A 137 20.63 -29.31 15.12
N PHE A 138 19.98 -28.30 14.55
CA PHE A 138 18.65 -27.89 15.00
C PHE A 138 17.60 -28.39 14.03
N PRO A 139 16.81 -29.37 14.40
CA PRO A 139 15.92 -30.01 13.42
C PRO A 139 14.69 -29.17 13.07
N GLY A 140 14.00 -28.62 14.06
CA GLY A 140 12.78 -27.91 13.76
C GLY A 140 12.80 -26.46 14.20
N ALA A 141 12.83 -25.56 13.23
CA ALA A 141 12.90 -24.14 13.54
C ALA A 141 12.39 -23.35 12.35
N LYS A 142 12.09 -22.08 12.59
CA LYS A 142 11.80 -21.13 11.53
C LYS A 142 13.09 -20.86 10.78
N ARG A 143 13.40 -21.75 9.84
CA ARG A 143 14.73 -21.71 9.25
C ARG A 143 14.79 -20.84 8.00
N PHE A 144 13.80 -20.96 7.13
CA PHE A 144 13.72 -20.29 5.82
C PHE A 144 14.96 -20.58 4.99
N SER A 145 15.03 -21.85 4.59
CA SER A 145 16.16 -22.37 3.86
C SER A 145 16.30 -21.65 2.52
N LEU A 146 17.53 -21.33 2.13
CA LEU A 146 17.71 -20.68 0.84
C LEU A 146 17.55 -21.69 -0.28
N GLU A 147 18.49 -22.64 -0.38
CA GLU A 147 18.44 -23.81 -1.24
C GLU A 147 18.36 -23.51 -2.74
N GLY A 148 18.42 -22.25 -3.15
CA GLY A 148 18.49 -21.90 -4.54
C GLY A 148 19.94 -21.66 -4.89
N ASP A 149 20.70 -21.24 -3.89
CA ASP A 149 22.17 -21.27 -3.82
C ASP A 149 22.86 -20.32 -4.78
N ALA A 150 22.14 -19.66 -5.67
CA ALA A 150 22.81 -18.75 -6.58
C ALA A 150 22.99 -17.37 -5.96
N LEU A 151 22.29 -17.11 -4.85
CA LEU A 151 22.27 -15.77 -4.28
C LEU A 151 23.60 -15.41 -3.64
N ILE A 152 24.20 -16.36 -2.93
CA ILE A 152 25.46 -16.10 -2.24
C ILE A 152 26.63 -15.76 -3.19
N PRO A 153 26.89 -16.53 -4.28
CA PRO A 153 28.01 -16.13 -5.14
C PRO A 153 27.77 -14.85 -5.90
N MET A 154 26.55 -14.56 -6.32
CA MET A 154 26.34 -13.32 -7.05
C MET A 154 26.35 -12.11 -6.13
N LEU A 155 25.91 -12.26 -4.88
CA LEU A 155 26.09 -11.19 -3.90
C LEU A 155 27.56 -10.91 -3.65
N LYS A 156 28.35 -11.96 -3.43
CA LYS A 156 29.76 -11.69 -3.15
C LYS A 156 30.50 -11.23 -4.39
N GLU A 157 30.06 -11.63 -5.58
CA GLU A 157 30.69 -11.17 -6.81
C GLU A 157 30.37 -9.71 -7.06
N MET A 158 29.13 -9.30 -6.79
CA MET A 158 28.75 -7.91 -6.97
C MET A 158 29.39 -7.01 -5.92
N ILE A 159 29.62 -7.54 -4.72
CA ILE A 159 30.37 -6.79 -3.73
C ILE A 159 31.83 -6.61 -4.16
N ARG A 160 32.42 -7.65 -4.74
CA ARG A 160 33.79 -7.54 -5.26
C ARG A 160 33.87 -6.55 -6.42
N HIS A 161 32.91 -6.61 -7.34
CA HIS A 161 32.95 -5.72 -8.50
C HIS A 161 32.58 -4.29 -8.12
N ALA A 162 31.82 -4.10 -7.03
CA ALA A 162 31.58 -2.75 -6.54
C ALA A 162 32.80 -2.22 -5.81
N GLY A 163 33.57 -3.12 -5.20
CA GLY A 163 34.83 -2.71 -4.62
C GLY A 163 35.83 -2.25 -5.67
N ASN A 164 35.86 -2.95 -6.81
CA ASN A 164 36.77 -2.53 -7.87
C ASN A 164 36.33 -1.26 -8.57
N SER A 165 35.08 -0.83 -8.39
CA SER A 165 34.60 0.43 -8.93
C SER A 165 34.35 1.47 -7.84
N GLY A 166 34.84 1.22 -6.63
CA GLY A 166 34.82 2.25 -5.61
C GLY A 166 33.46 2.56 -5.04
N THR A 167 32.85 1.59 -4.35
CA THR A 167 31.61 1.81 -3.64
C THR A 167 31.83 1.53 -2.16
N ARG A 168 31.90 2.59 -1.36
CA ARG A 168 32.40 2.42 0.00
C ARG A 168 31.37 1.82 0.94
N GLU A 169 30.09 2.09 0.75
CA GLU A 169 29.09 1.51 1.65
C GLU A 169 27.83 1.14 0.88
N VAL A 170 27.59 -0.17 0.82
CA VAL A 170 26.50 -0.77 0.05
C VAL A 170 25.60 -1.50 1.03
N VAL A 171 24.36 -1.09 1.10
CA VAL A 171 23.47 -1.66 2.09
C VAL A 171 22.34 -2.39 1.36
N LEU A 172 21.98 -3.55 1.89
CA LEU A 172 20.97 -4.38 1.28
C LEU A 172 19.86 -4.64 2.29
N GLY A 173 18.62 -4.45 1.85
CA GLY A 173 17.47 -4.88 2.61
C GLY A 173 16.89 -6.10 1.88
N MET A 174 16.37 -7.03 2.66
CA MET A 174 15.85 -8.23 2.02
C MET A 174 14.74 -8.84 2.85
N ALA A 175 14.04 -9.76 2.21
CA ALA A 175 12.88 -10.41 2.79
C ALA A 175 13.33 -11.46 3.79
N HIS A 176 12.39 -12.27 4.26
CA HIS A 176 12.69 -13.20 5.33
C HIS A 176 13.50 -14.39 4.85
N ARG A 177 13.28 -14.87 3.64
CA ARG A 177 13.92 -16.11 3.25
C ARG A 177 15.29 -15.83 2.66
N GLY A 178 16.19 -16.78 2.84
CA GLY A 178 17.58 -16.53 2.52
C GLY A 178 18.25 -15.58 3.48
N ARG A 179 17.77 -15.52 4.71
CA ARG A 179 18.31 -14.55 5.64
C ARG A 179 19.62 -15.02 6.25
N LEU A 180 19.58 -16.19 6.89
CA LEU A 180 20.70 -16.65 7.68
C LEU A 180 21.89 -17.02 6.82
N ASN A 181 21.64 -17.45 5.59
CA ASN A 181 22.73 -17.79 4.69
C ASN A 181 23.52 -16.54 4.30
N VAL A 182 22.84 -15.42 4.08
CA VAL A 182 23.57 -14.21 3.75
C VAL A 182 24.18 -13.59 5.01
N LEU A 183 23.55 -13.79 6.17
CA LEU A 183 24.16 -13.32 7.41
C LEU A 183 25.45 -14.06 7.72
N VAL A 184 25.53 -15.34 7.41
CA VAL A 184 26.74 -16.07 7.72
C VAL A 184 27.75 -15.90 6.60
N ASN A 185 27.42 -16.37 5.41
CA ASN A 185 28.43 -16.54 4.37
C ASN A 185 28.68 -15.30 3.53
N VAL A 186 28.00 -14.20 3.77
CA VAL A 186 28.29 -13.02 2.98
C VAL A 186 28.79 -11.90 3.87
N LEU A 187 28.00 -11.51 4.87
CA LEU A 187 28.43 -10.43 5.73
C LEU A 187 29.45 -10.94 6.74
N GLY A 188 29.21 -12.12 7.28
CA GLY A 188 30.09 -12.66 8.30
C GLY A 188 29.65 -12.40 9.71
N LYS A 189 28.39 -12.69 10.03
CA LYS A 189 27.99 -12.67 11.42
C LYS A 189 28.66 -13.83 12.13
N LYS A 190 28.88 -13.66 13.43
CA LYS A 190 29.52 -14.67 14.27
C LYS A 190 28.63 -15.89 14.32
N PRO A 191 29.07 -17.04 13.80
CA PRO A 191 28.19 -18.20 13.71
C PRO A 191 27.84 -18.77 15.06
N GLN A 192 28.76 -18.69 16.02
CA GLN A 192 28.51 -19.26 17.35
C GLN A 192 27.41 -18.51 18.06
N ASP A 193 27.33 -17.19 17.90
CA ASP A 193 26.22 -16.44 18.47
C ASP A 193 24.91 -16.77 17.78
N LEU A 194 24.97 -17.08 16.48
CA LEU A 194 23.77 -17.51 15.76
C LEU A 194 23.28 -18.86 16.25
N PHE A 195 24.20 -19.80 16.49
CA PHE A 195 23.78 -21.07 17.05
C PHE A 195 23.36 -20.94 18.50
N ASP A 196 23.88 -19.94 19.22
CA ASP A 196 23.44 -19.71 20.58
C ASP A 196 22.01 -19.21 20.60
N GLU A 197 21.65 -18.32 19.68
CA GLU A 197 20.28 -17.82 19.68
C GLU A 197 19.31 -18.79 19.00
N PHE A 198 19.79 -19.68 18.15
CA PHE A 198 19.02 -20.89 17.84
C PHE A 198 18.77 -21.70 19.09
N ALA A 199 19.81 -21.93 19.89
CA ALA A 199 19.65 -22.60 21.17
C ALA A 199 19.00 -21.70 22.21
N GLY A 200 18.88 -20.41 21.95
CA GLY A 200 18.18 -19.54 22.85
C GLY A 200 19.01 -19.20 24.07
N LYS A 201 18.30 -18.61 25.03
CA LYS A 201 18.86 -18.04 26.27
C LYS A 201 19.95 -17.02 25.92
N HIS A 202 19.52 -15.96 25.26
CA HIS A 202 20.43 -14.94 24.77
C HIS A 202 20.10 -13.62 25.44
N LYS A 203 21.14 -12.80 25.63
CA LYS A 203 21.09 -11.56 26.39
C LYS A 203 21.65 -10.41 25.54
N GLU A 204 21.10 -10.27 24.34
CA GLU A 204 21.66 -9.35 23.37
C GLU A 204 21.42 -7.89 23.76
N HIS A 205 20.18 -7.56 24.14
CA HIS A 205 19.86 -6.20 24.56
C HIS A 205 18.87 -6.23 25.70
N LEU A 206 18.67 -5.05 26.29
CA LEU A 206 17.68 -4.86 27.34
C LEU A 206 16.27 -4.70 26.77
N GLY A 207 16.14 -4.49 25.47
CA GLY A 207 14.84 -4.42 24.84
C GLY A 207 14.16 -5.77 24.73
N THR A 208 13.01 -5.77 24.09
CA THR A 208 12.17 -6.96 24.03
C THR A 208 12.62 -7.95 22.97
N GLY A 209 13.56 -7.61 22.12
CA GLY A 209 14.07 -8.57 21.17
C GLY A 209 13.14 -8.79 19.99
N ASP A 210 13.54 -9.74 19.16
CA ASP A 210 12.87 -10.09 17.91
C ASP A 210 13.42 -11.45 17.52
N VAL A 211 12.73 -12.13 16.59
CA VAL A 211 13.19 -13.44 16.15
C VAL A 211 14.48 -13.33 15.37
N LYS A 212 15.21 -14.43 15.34
CA LYS A 212 16.60 -14.47 14.91
C LYS A 212 16.78 -14.16 13.43
N TYR A 213 15.72 -14.23 12.63
CA TYR A 213 15.80 -13.98 11.21
C TYR A 213 15.28 -12.60 10.85
N HIS A 214 15.16 -11.71 11.82
CA HIS A 214 14.85 -10.32 11.55
C HIS A 214 15.99 -9.36 11.82
N MET A 215 16.90 -9.69 12.73
CA MET A 215 17.97 -8.77 13.09
C MET A 215 19.00 -8.70 11.97
N GLY A 216 19.01 -7.57 11.28
CA GLY A 216 20.04 -7.26 10.32
C GLY A 216 21.34 -6.91 11.01
N PHE A 217 22.34 -6.58 10.20
CA PHE A 217 23.70 -6.67 10.74
C PHE A 217 24.64 -5.85 9.90
N SER A 218 25.51 -5.09 10.54
CA SER A 218 26.52 -4.31 9.85
C SER A 218 27.84 -5.06 9.86
N SER A 219 28.64 -4.83 8.83
CA SER A 219 29.94 -5.49 8.77
C SER A 219 30.85 -4.71 7.84
N ASP A 220 32.14 -4.98 8.00
CA ASP A 220 33.19 -4.37 7.19
C ASP A 220 33.78 -5.46 6.32
N PHE A 221 33.96 -5.15 5.04
CA PHE A 221 34.27 -6.19 4.07
C PHE A 221 35.49 -5.74 3.29
N GLN A 222 36.36 -6.68 2.98
CA GLN A 222 37.60 -6.35 2.30
C GLN A 222 37.53 -6.84 0.86
N THR A 223 37.71 -5.94 -0.08
CA THR A 223 37.82 -6.32 -1.48
C THR A 223 39.17 -5.86 -2.00
N ASP A 224 39.35 -5.99 -3.31
CA ASP A 224 40.58 -5.58 -3.95
C ASP A 224 40.60 -4.11 -4.30
N GLY A 225 39.55 -3.36 -3.94
CA GLY A 225 39.50 -1.94 -4.17
C GLY A 225 39.54 -1.15 -2.88
N GLY A 226 39.36 -1.83 -1.76
CA GLY A 226 39.49 -1.21 -0.47
C GLY A 226 38.44 -1.75 0.49
N LEU A 227 38.28 -1.04 1.59
CA LEU A 227 37.28 -1.40 2.58
C LEU A 227 35.89 -1.04 2.07
N VAL A 228 34.90 -1.86 2.42
CA VAL A 228 33.51 -1.66 2.05
C VAL A 228 32.66 -1.81 3.31
N HIS A 229 31.92 -0.78 3.66
CA HIS A 229 31.14 -0.77 4.90
C HIS A 229 29.71 -1.19 4.58
N LEU A 230 29.45 -2.50 4.60
CA LEU A 230 28.17 -3.01 4.12
C LEU A 230 27.26 -3.43 5.27
N ALA A 231 26.00 -3.05 5.18
CA ALA A 231 25.04 -3.28 6.24
C ALA A 231 23.83 -4.01 5.70
N LEU A 232 23.07 -4.62 6.61
CA LEU A 232 21.84 -5.30 6.27
C LEU A 232 20.76 -4.70 7.13
N ALA A 233 19.78 -4.09 6.48
CA ALA A 233 18.75 -3.33 7.17
C ALA A 233 17.81 -4.25 7.92
N PHE A 234 17.08 -3.66 8.86
CA PHE A 234 16.16 -4.43 9.67
C PHE A 234 14.89 -4.65 8.88
N ASN A 235 13.98 -5.42 9.43
CA ASN A 235 12.82 -5.91 8.70
C ASN A 235 11.82 -6.44 9.71
N PRO A 236 10.58 -6.04 9.64
CA PRO A 236 9.56 -6.69 10.46
C PRO A 236 9.03 -7.96 9.80
N SER A 237 8.00 -8.56 10.38
CA SER A 237 7.40 -9.74 9.76
C SER A 237 6.69 -9.41 8.46
N HIS A 238 6.29 -8.15 8.26
CA HIS A 238 5.82 -7.71 6.96
C HIS A 238 6.91 -7.81 5.92
N LEU A 239 6.50 -8.04 4.70
CA LEU A 239 7.46 -8.13 3.63
C LEU A 239 7.31 -6.90 2.77
N GLU A 240 8.37 -6.59 2.04
CA GLU A 240 8.43 -5.71 0.88
C GLU A 240 8.36 -4.24 1.28
N ILE A 241 8.29 -3.96 2.57
CA ILE A 241 8.27 -2.58 3.04
C ILE A 241 9.71 -2.12 3.21
N VAL A 242 10.67 -3.04 3.06
CA VAL A 242 12.05 -2.69 3.36
C VAL A 242 12.79 -1.99 2.23
N SER A 243 12.29 -2.05 1.00
CA SER A 243 13.04 -1.34 -0.03
C SER A 243 12.93 0.19 0.04
N PRO A 244 11.81 0.81 0.44
CA PRO A 244 11.92 2.25 0.74
C PRO A 244 12.73 2.55 1.97
N VAL A 245 12.81 1.61 2.92
CA VAL A 245 13.70 1.79 4.06
C VAL A 245 15.15 1.83 3.58
N VAL A 246 15.52 0.95 2.65
CA VAL A 246 16.92 0.92 2.27
C VAL A 246 17.25 2.04 1.30
N ILE A 247 16.27 2.54 0.54
CA ILE A 247 16.60 3.71 -0.28
C ILE A 247 16.68 4.96 0.59
N GLY A 248 15.90 5.01 1.67
CA GLY A 248 16.13 6.05 2.67
C GLY A 248 17.49 5.95 3.31
N SER A 249 17.96 4.73 3.54
CA SER A 249 19.27 4.56 4.15
C SER A 249 20.37 5.00 3.21
N VAL A 250 20.24 4.70 1.92
CA VAL A 250 21.32 5.18 1.05
C VAL A 250 21.23 6.66 0.76
N ARG A 251 20.05 7.28 0.84
CA ARG A 251 20.07 8.73 0.68
C ARG A 251 20.64 9.41 1.93
N ALA A 252 20.47 8.78 3.10
CA ALA A 252 21.15 9.29 4.28
C ALA A 252 22.65 9.10 4.17
N ARG A 253 23.10 8.00 3.58
CA ARG A 253 24.54 7.81 3.45
C ARG A 253 25.12 8.63 2.32
N LEU A 254 24.30 9.11 1.40
CA LEU A 254 24.80 10.06 0.41
C LEU A 254 24.82 11.48 0.91
N ASP A 255 23.91 11.89 1.79
CA ASP A 255 24.01 13.23 2.31
C ASP A 255 25.09 13.39 3.37
N ARG A 256 25.52 12.32 4.03
CA ARG A 256 26.67 12.47 4.91
C ARG A 256 27.97 12.54 4.14
N LEU A 257 27.99 12.17 2.87
CA LEU A 257 29.14 12.48 2.04
C LEU A 257 29.11 13.96 1.65
N ASP A 258 30.24 14.44 1.16
CA ASP A 258 30.29 15.83 0.71
C ASP A 258 29.50 16.01 -0.58
N GLU A 259 29.54 15.00 -1.45
CA GLU A 259 28.93 15.11 -2.75
C GLU A 259 28.20 13.81 -3.07
N PRO A 260 26.98 13.89 -3.61
CA PRO A 260 26.25 12.66 -3.99
C PRO A 260 26.74 12.04 -5.28
N SER A 261 27.99 11.58 -5.27
CA SER A 261 28.47 10.68 -6.32
C SER A 261 27.80 9.34 -6.08
N SER A 262 26.75 9.06 -6.85
CA SER A 262 25.85 7.98 -6.52
C SER A 262 26.42 6.59 -6.77
N ASN A 263 27.57 6.48 -7.43
CA ASN A 263 28.21 5.18 -7.54
C ASN A 263 28.84 4.71 -6.25
N LYS A 264 29.22 5.64 -5.37
CA LYS A 264 29.97 5.27 -4.18
C LYS A 264 29.09 4.68 -3.09
N VAL A 265 27.78 4.79 -3.19
CA VAL A 265 26.86 4.16 -2.24
C VAL A 265 25.83 3.38 -3.04
N LEU A 266 25.66 2.11 -2.70
CA LEU A 266 24.86 1.18 -3.49
C LEU A 266 23.75 0.57 -2.64
N PRO A 267 22.51 0.72 -3.00
CA PRO A 267 21.48 -0.12 -2.39
C PRO A 267 21.26 -1.39 -3.18
N ILE A 268 21.24 -2.52 -2.52
CA ILE A 268 20.73 -3.76 -3.09
C ILE A 268 19.42 -4.03 -2.36
N THR A 269 18.52 -4.75 -2.99
CA THR A 269 17.33 -5.21 -2.28
C THR A 269 16.99 -6.58 -2.84
N ILE A 270 16.83 -7.55 -1.97
CA ILE A 270 16.39 -8.85 -2.42
C ILE A 270 14.90 -8.95 -2.14
N HIS A 271 14.12 -9.23 -3.16
CA HIS A 271 12.67 -9.29 -3.00
C HIS A 271 12.20 -10.73 -2.92
N GLY A 272 10.97 -10.86 -2.45
CA GLY A 272 10.37 -12.16 -2.34
C GLY A 272 9.89 -12.71 -3.67
N ASP A 273 9.28 -13.88 -3.59
CA ASP A 273 8.82 -14.59 -4.78
C ASP A 273 7.59 -13.94 -5.39
N ALA A 274 6.49 -13.92 -4.66
CA ALA A 274 5.25 -13.32 -5.12
C ALA A 274 4.97 -12.00 -4.45
N ALA A 275 6.01 -11.23 -4.13
CA ALA A 275 5.83 -9.96 -3.46
C ALA A 275 6.47 -8.79 -4.19
N VAL A 276 7.36 -9.03 -5.16
CA VAL A 276 7.77 -7.93 -6.02
C VAL A 276 6.66 -7.58 -6.98
N THR A 277 5.77 -8.51 -7.27
CA THR A 277 4.58 -8.23 -8.07
C THR A 277 3.35 -8.21 -7.19
N GLY A 278 3.40 -8.86 -6.04
CA GLY A 278 2.30 -8.77 -5.09
C GLY A 278 2.17 -7.43 -4.42
N GLN A 279 3.08 -7.09 -3.51
CA GLN A 279 2.93 -5.90 -2.68
C GLN A 279 3.06 -4.61 -3.48
N GLY A 280 2.30 -3.61 -3.05
CA GLY A 280 2.25 -2.34 -3.74
C GLY A 280 3.24 -1.33 -3.27
N VAL A 281 4.16 -1.71 -2.38
CA VAL A 281 5.15 -0.75 -1.95
C VAL A 281 6.22 -0.58 -3.02
N VAL A 282 6.49 -1.62 -3.80
CA VAL A 282 7.52 -1.52 -4.83
C VAL A 282 7.10 -0.63 -5.98
N GLN A 283 5.79 -0.51 -6.23
CA GLN A 283 5.31 0.44 -7.21
C GLN A 283 5.71 1.84 -6.82
N GLU A 284 5.46 2.19 -5.57
CA GLU A 284 5.79 3.52 -5.09
C GLU A 284 7.29 3.71 -5.03
N THR A 285 8.04 2.68 -4.67
CA THR A 285 9.46 2.95 -4.48
C THR A 285 10.24 2.93 -5.78
N LEU A 286 9.86 2.14 -6.79
CA LEU A 286 10.60 2.30 -8.02
C LEU A 286 10.00 3.39 -8.89
N ASN A 287 8.79 3.85 -8.58
CA ASN A 287 8.34 5.14 -9.06
C ASN A 287 9.23 6.23 -8.52
N MET A 288 9.47 6.17 -7.22
CA MET A 288 10.25 7.14 -6.47
C MET A 288 11.72 7.09 -6.83
N SER A 289 12.17 5.99 -7.40
CA SER A 289 13.54 5.77 -7.85
C SER A 289 14.01 6.71 -8.93
N LYS A 290 13.28 7.65 -9.50
CA LYS A 290 13.92 8.68 -10.31
C LYS A 290 13.46 10.09 -9.98
N ALA A 291 12.64 10.28 -8.95
CA ALA A 291 12.25 11.61 -8.53
C ALA A 291 13.42 12.33 -7.89
N ARG A 292 13.50 13.64 -8.13
CA ARG A 292 14.54 14.44 -7.49
C ARG A 292 14.31 14.52 -6.00
N GLY A 293 15.40 14.51 -5.25
CA GLY A 293 15.34 14.42 -3.81
C GLY A 293 15.13 13.03 -3.26
N TYR A 294 14.80 12.07 -4.11
CA TYR A 294 14.58 10.70 -3.70
C TYR A 294 15.45 9.70 -4.43
N GLU A 295 15.95 10.05 -5.61
CA GLU A 295 16.67 9.07 -6.40
C GLU A 295 18.10 8.94 -5.92
N VAL A 296 18.65 7.75 -6.09
CA VAL A 296 20.05 7.48 -5.82
C VAL A 296 20.64 6.84 -7.07
N GLY A 297 20.12 7.25 -8.23
CA GLY A 297 20.51 6.62 -9.47
C GLY A 297 19.93 5.25 -9.66
N GLY A 298 18.86 4.93 -8.96
CA GLY A 298 18.28 3.61 -9.03
C GLY A 298 18.88 2.69 -7.99
N THR A 299 18.60 1.40 -8.16
CA THR A 299 19.14 0.38 -7.29
C THR A 299 19.22 -0.94 -8.05
N VAL A 300 20.12 -1.81 -7.62
CA VAL A 300 20.19 -3.15 -8.15
C VAL A 300 19.33 -4.00 -7.23
N ARG A 301 18.04 -4.04 -7.50
CA ARG A 301 17.12 -4.84 -6.70
C ARG A 301 16.93 -6.18 -7.38
N ILE A 302 16.89 -7.25 -6.59
CA ILE A 302 17.00 -8.61 -7.09
C ILE A 302 15.77 -9.38 -6.66
N VAL A 303 15.17 -10.12 -7.58
CA VAL A 303 13.99 -10.91 -7.28
C VAL A 303 14.38 -12.37 -7.21
N ILE A 304 14.19 -12.99 -6.04
CA ILE A 304 14.29 -14.44 -5.98
C ILE A 304 12.96 -14.96 -6.49
N ASN A 305 12.92 -15.32 -7.77
CA ASN A 305 11.69 -15.89 -8.31
C ASN A 305 11.71 -17.36 -7.94
N ASN A 306 11.12 -17.67 -6.78
CA ASN A 306 11.10 -19.04 -6.29
C ASN A 306 10.24 -19.95 -7.12
N GLN A 307 9.39 -19.39 -7.97
CA GLN A 307 8.29 -20.05 -8.66
C GLN A 307 7.30 -20.67 -7.68
N VAL A 308 7.23 -20.15 -6.45
CA VAL A 308 6.19 -20.51 -5.50
C VAL A 308 5.59 -19.23 -4.96
N GLY A 309 4.45 -19.38 -4.30
CA GLY A 309 3.78 -18.25 -3.68
C GLY A 309 3.23 -18.58 -2.32
N PHE A 310 3.97 -19.46 -1.60
CA PHE A 310 3.73 -20.08 -0.30
C PHE A 310 2.61 -21.12 -0.33
N THR A 311 1.82 -21.14 -1.40
CA THR A 311 0.90 -22.23 -1.74
C THR A 311 0.86 -22.54 -3.23
N THR A 312 1.28 -21.63 -4.09
CA THR A 312 0.92 -21.68 -5.50
C THR A 312 1.86 -22.57 -6.29
N SER A 313 1.29 -23.30 -7.24
CA SER A 313 2.01 -24.00 -8.29
C SER A 313 2.14 -23.07 -9.49
N ASN A 314 2.49 -23.63 -10.64
CA ASN A 314 2.62 -22.88 -11.89
C ASN A 314 1.66 -23.45 -12.94
N PRO A 315 0.37 -23.02 -12.96
CA PRO A 315 -0.43 -23.22 -14.16
C PRO A 315 -0.19 -22.13 -15.20
N LEU A 316 -0.97 -22.12 -16.27
CA LEU A 316 -0.78 -21.14 -17.33
C LEU A 316 -1.25 -19.74 -16.91
N ASP A 317 -2.54 -19.60 -16.59
CA ASP A 317 -3.13 -18.30 -16.33
C ASP A 317 -3.46 -18.06 -14.87
N ALA A 318 -3.12 -18.98 -13.96
CA ALA A 318 -3.11 -18.67 -12.55
C ALA A 318 -2.00 -17.73 -12.16
N ARG A 319 -1.01 -17.59 -13.03
CA ARG A 319 0.05 -16.61 -12.89
C ARG A 319 -0.49 -15.25 -13.33
N SER A 320 -0.38 -14.26 -12.43
CA SER A 320 -1.08 -13.00 -12.62
C SER A 320 -0.46 -12.15 -13.72
N THR A 321 0.84 -12.23 -13.87
CA THR A 321 1.60 -11.61 -14.95
C THR A 321 2.34 -12.74 -15.64
N PRO A 322 2.85 -12.53 -16.88
CA PRO A 322 3.63 -13.62 -17.51
C PRO A 322 4.93 -13.93 -16.78
N TYR A 323 5.74 -12.92 -16.50
CA TYR A 323 6.87 -13.11 -15.61
C TYR A 323 6.52 -12.57 -14.23
N MET A 324 7.14 -13.15 -13.21
CA MET A 324 6.87 -12.71 -11.84
C MET A 324 7.58 -11.43 -11.48
N THR A 325 8.42 -10.90 -12.35
CA THR A 325 8.91 -9.54 -12.23
C THR A 325 8.78 -8.84 -13.58
N ASP A 326 7.58 -8.35 -13.85
CA ASP A 326 7.35 -7.45 -14.95
C ASP A 326 7.21 -6.02 -14.50
N ILE A 327 7.37 -5.76 -13.20
CA ILE A 327 7.18 -4.42 -12.65
C ILE A 327 8.20 -3.46 -13.18
N GLY A 328 9.42 -3.91 -13.40
CA GLY A 328 10.49 -3.11 -13.92
C GLY A 328 10.37 -2.72 -15.37
N LYS A 329 9.21 -2.92 -15.98
CA LYS A 329 8.84 -2.20 -17.18
C LYS A 329 7.95 -1.01 -16.89
N MET A 330 7.76 -0.67 -15.61
CA MET A 330 7.09 0.58 -15.29
C MET A 330 8.00 1.72 -15.69
N VAL A 331 9.12 1.84 -15.00
CA VAL A 331 10.21 2.59 -15.56
C VAL A 331 10.88 1.70 -16.60
N GLN A 332 11.48 2.31 -17.60
CA GLN A 332 12.10 1.53 -18.66
C GLN A 332 13.46 1.05 -18.19
N ALA A 333 13.42 0.09 -17.30
CA ALA A 333 14.55 -0.50 -16.63
C ALA A 333 14.80 -1.90 -17.14
N PRO A 334 16.06 -2.29 -17.33
CA PRO A 334 16.32 -3.62 -17.90
C PRO A 334 16.08 -4.70 -16.86
N ILE A 335 15.63 -5.84 -17.34
CA ILE A 335 15.39 -7.00 -16.50
C ILE A 335 16.32 -8.09 -17.02
N PHE A 336 16.79 -8.92 -16.11
CA PHE A 336 17.67 -10.01 -16.53
C PHE A 336 17.27 -11.29 -15.83
N HIS A 337 16.79 -12.25 -16.62
CA HIS A 337 16.37 -13.53 -16.10
C HIS A 337 17.60 -14.43 -16.01
N VAL A 338 17.89 -14.93 -14.83
CA VAL A 338 19.05 -15.79 -14.65
C VAL A 338 18.67 -17.02 -13.83
N ASN A 339 19.04 -18.19 -14.32
CA ASN A 339 18.79 -19.45 -13.64
C ASN A 339 19.73 -19.63 -12.46
N ALA A 340 19.71 -20.82 -11.88
CA ALA A 340 20.64 -21.17 -10.83
C ALA A 340 21.56 -22.32 -11.22
N ASP A 341 21.39 -22.90 -12.41
CA ASP A 341 22.12 -24.10 -12.79
C ASP A 341 23.57 -23.84 -13.13
N ASP A 342 23.97 -22.59 -13.31
CA ASP A 342 25.36 -22.28 -13.66
C ASP A 342 25.64 -20.88 -13.19
N PRO A 343 26.28 -20.72 -12.03
CA PRO A 343 26.56 -19.37 -11.51
C PRO A 343 27.62 -18.61 -12.27
N GLU A 344 28.25 -19.19 -13.29
CA GLU A 344 28.97 -18.38 -14.27
C GLU A 344 28.03 -17.37 -14.91
N ALA A 345 26.81 -17.81 -15.24
CA ALA A 345 25.82 -16.93 -15.81
C ALA A 345 25.38 -15.85 -14.81
N VAL A 346 25.22 -16.21 -13.53
CA VAL A 346 24.77 -15.19 -12.60
C VAL A 346 25.89 -14.22 -12.27
N ALA A 347 27.15 -14.66 -12.38
CA ALA A 347 28.25 -13.72 -12.22
C ALA A 347 28.27 -12.74 -13.37
N PHE A 348 28.09 -13.24 -14.59
CA PHE A 348 28.04 -12.38 -15.77
C PHE A 348 26.90 -11.38 -15.69
N VAL A 349 25.75 -11.83 -15.18
CA VAL A 349 24.57 -10.97 -15.13
C VAL A 349 24.69 -9.92 -14.03
N THR A 350 25.21 -10.28 -12.86
CA THR A 350 25.33 -9.24 -11.87
C THR A 350 26.48 -8.28 -12.14
N ARG A 351 27.52 -8.72 -12.87
CA ARG A 351 28.49 -7.75 -13.38
C ARG A 351 27.85 -6.79 -14.35
N LEU A 352 27.00 -7.31 -15.23
CA LEU A 352 26.31 -6.46 -16.20
C LEU A 352 25.39 -5.46 -15.51
N ALA A 353 24.65 -5.91 -14.49
CA ALA A 353 23.72 -5.04 -13.79
C ALA A 353 24.44 -3.97 -12.99
N LEU A 354 25.56 -4.33 -12.37
CA LEU A 354 26.30 -3.34 -11.61
C LEU A 354 26.99 -2.34 -12.52
N ASP A 355 27.49 -2.81 -13.67
CA ASP A 355 28.06 -1.89 -14.67
C ASP A 355 26.99 -0.94 -15.20
N PHE A 356 25.76 -1.45 -15.37
CA PHE A 356 24.64 -0.63 -15.83
C PHE A 356 24.31 0.47 -14.81
N ARG A 357 24.17 0.08 -13.54
CA ARG A 357 23.78 1.05 -12.52
C ARG A 357 24.89 2.07 -12.29
N ASN A 358 26.15 1.65 -12.38
CA ASN A 358 27.20 2.63 -12.19
C ASN A 358 27.44 3.47 -13.42
N THR A 359 27.02 3.02 -14.61
CA THR A 359 27.27 3.86 -15.78
C THR A 359 26.11 4.79 -16.06
N PHE A 360 24.90 4.27 -16.19
CA PHE A 360 23.80 5.08 -16.70
C PHE A 360 22.79 5.49 -15.65
N LYS A 361 23.00 5.13 -14.38
CA LYS A 361 22.31 5.68 -13.22
C LYS A 361 20.80 5.46 -13.27
N ARG A 362 20.41 4.19 -13.34
CA ARG A 362 19.01 3.84 -13.32
C ARG A 362 18.92 2.42 -12.78
N ASP A 363 17.79 2.09 -12.16
CA ASP A 363 17.65 0.81 -11.47
C ASP A 363 17.63 -0.37 -12.43
N VAL A 364 18.18 -1.49 -11.97
CA VAL A 364 18.29 -2.72 -12.74
C VAL A 364 17.59 -3.79 -11.94
N PHE A 365 16.98 -4.76 -12.61
CA PHE A 365 16.49 -5.88 -11.84
C PHE A 365 17.32 -7.11 -12.14
N ILE A 366 17.26 -8.08 -11.23
CA ILE A 366 17.80 -9.41 -11.46
C ILE A 366 16.68 -10.39 -11.20
N ASP A 367 16.17 -11.02 -12.25
CA ASP A 367 15.23 -12.11 -12.11
C ASP A 367 16.05 -13.37 -11.84
N LEU A 368 16.12 -13.77 -10.58
CA LEU A 368 16.88 -14.94 -10.17
C LEU A 368 15.91 -16.09 -10.01
N VAL A 369 15.63 -16.79 -11.11
CA VAL A 369 14.72 -17.93 -11.04
C VAL A 369 15.45 -19.12 -10.45
N CYS A 370 14.86 -19.71 -9.42
CA CYS A 370 15.43 -20.86 -8.75
C CYS A 370 14.29 -21.57 -8.02
N TYR A 371 14.59 -22.76 -7.53
CA TYR A 371 13.58 -23.59 -6.93
C TYR A 371 13.59 -23.46 -5.41
N ARG A 372 12.74 -24.24 -4.75
CA ARG A 372 12.61 -24.21 -3.30
C ARG A 372 12.62 -25.65 -2.81
N ARG A 373 13.75 -26.07 -2.23
CA ARG A 373 13.94 -27.47 -1.88
C ARG A 373 13.05 -27.88 -0.73
N HIS A 374 13.27 -27.30 0.43
CA HIS A 374 12.43 -27.62 1.57
C HIS A 374 11.35 -26.56 1.70
N GLY A 375 10.54 -26.69 2.74
CA GLY A 375 9.48 -25.73 2.99
C GLY A 375 9.95 -24.55 3.81
N HIS A 376 9.02 -23.65 4.08
CA HIS A 376 9.16 -22.66 5.12
C HIS A 376 9.41 -23.33 6.45
N ASN A 377 8.40 -24.05 6.94
CA ASN A 377 8.47 -24.70 8.24
C ASN A 377 8.00 -26.14 8.21
N GLU A 378 7.19 -26.52 7.22
CA GLU A 378 6.53 -27.81 7.15
C GLU A 378 6.58 -28.29 5.70
N ALA A 379 5.73 -29.27 5.39
CA ALA A 379 5.87 -30.10 4.21
C ALA A 379 5.59 -29.32 2.92
N ASP A 380 6.18 -29.80 1.83
CA ASP A 380 6.09 -29.15 0.52
C ASP A 380 4.89 -29.72 -0.22
N GLU A 381 3.71 -29.55 0.39
CA GLU A 381 2.48 -30.10 -0.17
C GLU A 381 1.75 -29.28 -1.24
N PRO A 382 1.33 -28.01 -1.03
CA PRO A 382 0.34 -27.42 -1.93
C PRO A 382 0.88 -27.11 -3.31
N SER A 383 2.20 -27.07 -3.47
CA SER A 383 2.81 -27.29 -4.77
C SER A 383 2.91 -28.80 -4.96
N ALA A 384 2.10 -29.34 -5.85
CA ALA A 384 1.91 -30.79 -5.93
C ALA A 384 3.13 -31.48 -6.51
N THR A 385 3.50 -31.14 -7.74
CA THR A 385 4.54 -31.88 -8.44
C THR A 385 5.91 -31.55 -7.87
N GLN A 386 6.56 -32.57 -7.33
CA GLN A 386 7.87 -32.46 -6.72
C GLN A 386 8.84 -33.27 -7.57
N LYS A 387 9.45 -32.60 -8.54
CA LYS A 387 10.61 -33.10 -9.26
C LYS A 387 11.89 -32.83 -8.49
N ILE A 388 11.76 -32.17 -7.33
CA ILE A 388 12.88 -31.63 -6.59
C ILE A 388 13.73 -32.75 -6.00
N LYS A 389 13.10 -33.89 -5.70
CA LYS A 389 13.82 -35.01 -5.08
C LYS A 389 14.83 -35.60 -6.05
N LYS A 390 14.41 -35.87 -7.28
CA LYS A 390 15.34 -36.36 -8.29
C LYS A 390 16.15 -35.25 -8.94
N HIS A 391 15.94 -34.03 -8.53
CA HIS A 391 16.78 -32.95 -9.03
C HIS A 391 18.02 -32.80 -8.14
N PRO A 392 19.20 -32.70 -8.73
CA PRO A 392 20.42 -32.68 -7.92
C PRO A 392 20.66 -31.32 -7.27
N THR A 393 21.59 -31.30 -6.34
CA THR A 393 21.98 -30.08 -5.68
C THR A 393 22.84 -29.23 -6.61
N PRO A 394 22.87 -27.90 -6.43
CA PRO A 394 23.67 -27.06 -7.34
C PRO A 394 25.16 -27.28 -7.21
N ARG A 395 25.66 -27.59 -6.02
CA ARG A 395 27.09 -27.83 -5.88
C ARG A 395 27.49 -29.11 -6.59
N LYS A 396 26.57 -30.08 -6.72
CA LYS A 396 26.88 -31.34 -7.37
C LYS A 396 27.08 -31.13 -8.86
N ILE A 397 26.12 -30.47 -9.50
CA ILE A 397 26.22 -30.24 -10.93
C ILE A 397 27.32 -29.25 -11.26
N TYR A 398 27.56 -28.27 -10.40
CA TYR A 398 28.57 -27.28 -10.75
C TYR A 398 29.97 -27.84 -10.53
N ALA A 399 30.15 -28.65 -9.48
CA ALA A 399 31.41 -29.33 -9.29
C ALA A 399 31.65 -30.37 -10.37
N ASP A 400 30.59 -31.01 -10.85
CA ASP A 400 30.78 -31.98 -11.92
C ASP A 400 31.10 -31.29 -13.24
N LYS A 401 30.53 -30.10 -13.46
CA LYS A 401 30.91 -29.31 -14.62
C LYS A 401 32.38 -28.92 -14.58
N LEU A 402 32.84 -28.42 -13.44
CA LEU A 402 34.24 -28.01 -13.37
C LEU A 402 35.21 -29.17 -13.25
N GLU A 403 34.73 -30.35 -12.84
CA GLU A 403 35.51 -31.56 -13.01
C GLU A 403 35.64 -31.92 -14.47
N GLN A 404 34.57 -31.77 -15.24
CA GLN A 404 34.66 -31.93 -16.68
C GLN A 404 35.46 -30.81 -17.33
N GLU A 405 35.61 -29.67 -16.66
CA GLU A 405 36.46 -28.59 -17.14
C GLU A 405 37.87 -28.67 -16.59
N LYS A 406 38.25 -29.80 -15.98
CA LYS A 406 39.62 -30.08 -15.52
C LYS A 406 40.11 -29.05 -14.50
N VAL A 407 39.26 -28.73 -13.53
CA VAL A 407 39.62 -27.74 -12.52
C VAL A 407 39.63 -28.38 -11.14
N ALA A 408 38.46 -28.85 -10.70
CA ALA A 408 38.30 -29.32 -9.33
C ALA A 408 37.74 -30.72 -9.31
N THR A 409 38.40 -31.61 -8.57
CA THR A 409 38.01 -33.00 -8.49
C THR A 409 37.08 -33.23 -7.30
N LEU A 410 36.77 -34.50 -7.04
CA LEU A 410 35.95 -34.84 -5.89
C LEU A 410 36.67 -34.59 -4.59
N GLU A 411 37.99 -34.80 -4.58
CA GLU A 411 38.81 -34.57 -3.40
C GLU A 411 38.79 -33.10 -3.00
N ASP A 412 38.80 -32.22 -4.01
CA ASP A 412 38.84 -30.78 -3.76
C ASP A 412 37.55 -30.29 -3.12
N ALA A 413 36.41 -30.64 -3.73
CA ALA A 413 35.12 -30.23 -3.20
C ALA A 413 34.83 -30.87 -1.87
N THR A 414 35.26 -32.12 -1.68
CA THR A 414 35.07 -32.80 -0.41
C THR A 414 35.89 -32.13 0.69
N GLU A 415 37.11 -31.72 0.36
CA GLU A 415 37.95 -30.97 1.28
C GLU A 415 37.32 -29.61 1.60
N MET A 416 36.62 -29.02 0.63
CA MET A 416 35.91 -27.76 0.89
C MET A 416 34.76 -27.93 1.86
N VAL A 417 33.95 -29.00 1.67
CA VAL A 417 32.87 -29.30 2.59
C VAL A 417 33.39 -29.54 4.00
N ASN A 418 34.49 -30.29 4.11
CA ASN A 418 35.01 -30.65 5.42
C ASN A 418 35.66 -29.46 6.12
N LEU A 419 36.40 -28.63 5.37
CA LEU A 419 36.87 -27.36 5.89
C LEU A 419 35.74 -26.50 6.39
N TYR A 420 34.63 -26.46 5.64
CA TYR A 420 33.57 -25.54 6.00
C TYR A 420 32.82 -26.03 7.23
N ARG A 421 32.61 -27.34 7.34
CA ARG A 421 31.98 -27.87 8.54
C ARG A 421 32.87 -27.69 9.75
N ASP A 422 34.19 -27.81 9.58
CA ASP A 422 35.09 -27.56 10.69
C ASP A 422 35.08 -26.08 11.09
N ALA A 423 34.94 -25.20 10.10
CA ALA A 423 34.90 -23.77 10.40
C ALA A 423 33.62 -23.42 11.13
N LEU A 424 32.52 -24.08 10.81
CA LEU A 424 31.29 -23.84 11.55
C LEU A 424 31.36 -24.43 12.94
N ASP A 425 32.02 -25.58 13.08
CA ASP A 425 32.14 -26.20 14.40
C ASP A 425 33.05 -25.40 15.31
N ALA A 426 33.99 -24.64 14.73
CA ALA A 426 34.89 -23.84 15.55
C ALA A 426 34.17 -22.66 16.19
N GLY A 427 33.16 -22.12 15.52
CA GLY A 427 32.60 -20.84 15.94
C GLY A 427 33.40 -19.65 15.45
N ASP A 428 34.40 -19.87 14.61
CA ASP A 428 35.15 -18.80 14.00
C ASP A 428 34.29 -18.07 12.98
N CYS A 429 34.63 -16.82 12.71
CA CYS A 429 33.96 -16.05 11.66
C CYS A 429 34.22 -16.67 10.30
N VAL A 430 33.16 -16.88 9.54
CA VAL A 430 33.23 -17.65 8.31
C VAL A 430 33.91 -16.86 7.20
N VAL A 431 33.47 -15.63 6.96
CA VAL A 431 34.02 -14.81 5.89
C VAL A 431 35.43 -14.39 6.28
N ALA A 432 36.36 -14.49 5.33
CA ALA A 432 37.76 -14.18 5.56
C ALA A 432 38.08 -12.69 5.45
N GLU A 433 37.08 -11.83 5.33
CA GLU A 433 37.30 -10.41 5.09
C GLU A 433 36.65 -9.52 6.12
N TRP A 434 35.98 -10.09 7.11
CA TRP A 434 35.34 -9.32 8.16
C TRP A 434 36.37 -8.64 9.04
N ARG A 435 36.04 -7.43 9.48
CA ARG A 435 36.94 -6.59 10.26
C ARG A 435 36.21 -6.10 11.49
N PRO A 436 36.94 -5.64 12.50
CA PRO A 436 36.30 -4.91 13.60
C PRO A 436 35.90 -3.50 13.15
N MET A 437 35.07 -2.87 13.99
CA MET A 437 34.44 -1.60 13.66
C MET A 437 35.01 -0.47 14.50
N ASN A 438 35.38 0.63 13.84
CA ASN A 438 35.87 1.80 14.53
C ASN A 438 34.69 2.62 15.09
N MET A 439 35.01 3.63 15.88
CA MET A 439 33.98 4.40 16.57
C MET A 439 33.34 5.48 15.69
N HIS A 440 34.04 5.96 14.67
CA HIS A 440 33.51 7.08 13.87
C HIS A 440 32.33 6.64 13.01
N SER A 441 32.35 5.40 12.51
CA SER A 441 31.20 4.85 11.80
C SER A 441 30.06 4.55 12.76
N PHE A 442 30.35 4.40 14.05
CA PHE A 442 29.34 4.31 15.09
C PHE A 442 28.95 5.75 15.43
N THR A 443 28.12 6.32 14.56
CA THR A 443 27.73 7.73 14.67
C THR A 443 26.71 7.96 15.76
N TRP A 444 26.05 6.91 16.22
CA TRP A 444 25.01 7.02 17.23
C TRP A 444 25.56 6.96 18.64
N SER A 445 26.87 7.14 18.81
CA SER A 445 27.48 7.08 20.14
C SER A 445 27.04 8.15 21.13
N PRO A 446 26.74 9.40 20.77
CA PRO A 446 26.13 10.29 21.79
C PRO A 446 24.61 10.26 21.84
N TYR A 447 23.96 9.36 21.11
CA TYR A 447 22.51 9.34 21.01
C TYR A 447 21.92 8.06 21.58
N LEU A 448 22.48 7.57 22.68
CA LEU A 448 22.01 6.35 23.31
C LEU A 448 21.61 6.60 24.75
N ASN A 449 20.49 6.00 25.15
CA ASN A 449 20.05 5.83 26.54
C ASN A 449 19.86 7.18 27.23
N HIS A 450 18.81 7.86 26.80
CA HIS A 450 18.44 9.16 27.34
C HIS A 450 17.00 9.13 27.83
N GLU A 451 16.59 10.18 28.52
CA GLU A 451 15.20 10.37 28.90
C GLU A 451 14.74 11.74 28.42
N TRP A 452 13.42 11.90 28.34
CA TRP A 452 12.83 13.02 27.61
C TRP A 452 13.01 14.36 28.31
N ASP A 453 13.45 14.40 29.57
CA ASP A 453 13.57 15.64 30.31
C ASP A 453 15.01 16.16 30.36
N GLU A 454 15.82 15.86 29.35
CA GLU A 454 17.17 16.42 29.31
C GLU A 454 17.11 17.90 28.98
N GLU A 455 18.25 18.56 29.14
CA GLU A 455 18.36 19.96 28.76
C GLU A 455 19.10 20.08 27.44
N TYR A 456 18.49 20.82 26.53
CA TYR A 456 19.00 21.16 25.22
C TYR A 456 19.08 22.67 25.13
N PRO A 457 20.06 23.22 24.40
CA PRO A 457 20.25 24.67 24.41
C PRO A 457 19.12 25.46 23.74
N ASN A 458 18.01 25.58 24.47
CA ASN A 458 16.80 26.14 23.91
C ASN A 458 16.86 27.65 23.75
N LYS A 459 17.57 28.35 24.63
CA LYS A 459 17.56 29.81 24.61
C LYS A 459 18.33 30.31 23.39
N VAL A 460 17.72 31.23 22.65
CA VAL A 460 18.31 31.78 21.44
C VAL A 460 18.58 33.26 21.66
N GLU A 461 19.75 33.70 21.22
CA GLU A 461 20.09 35.12 21.22
C GLU A 461 19.12 35.88 20.33
N MET A 462 18.43 36.85 20.94
CA MET A 462 17.30 37.53 20.30
C MET A 462 17.73 38.32 19.08
N LYS A 463 18.96 38.84 19.07
CA LYS A 463 19.45 39.59 17.93
C LYS A 463 19.65 38.66 16.73
N ARG A 464 20.27 37.49 16.97
CA ARG A 464 20.46 36.52 15.91
C ARG A 464 19.14 35.95 15.44
N LEU A 465 18.17 35.81 16.35
CA LEU A 465 16.84 35.33 15.99
C LEU A 465 16.13 36.32 15.07
N GLN A 466 16.22 37.61 15.39
CA GLN A 466 15.62 38.61 14.52
C GLN A 466 16.35 38.71 13.20
N GLU A 467 17.65 38.44 13.19
CA GLU A 467 18.38 38.39 11.94
C GLU A 467 17.94 37.19 11.09
N LEU A 468 17.64 36.06 11.73
CA LEU A 468 17.13 34.90 11.01
C LEU A 468 15.76 35.19 10.41
N ALA A 469 14.91 35.89 11.15
CA ALA A 469 13.61 36.28 10.61
C ALA A 469 13.78 37.22 9.42
N LYS A 470 14.67 38.20 9.53
CA LYS A 470 14.84 39.15 8.45
C LYS A 470 15.62 38.57 7.28
N ARG A 471 16.29 37.43 7.44
CA ARG A 471 16.86 36.75 6.28
C ARG A 471 15.87 35.79 5.63
N ILE A 472 15.03 35.11 6.40
CA ILE A 472 14.05 34.23 5.78
C ILE A 472 12.87 34.99 5.22
N SER A 473 12.73 36.27 5.55
CA SER A 473 11.62 37.04 5.03
C SER A 473 12.00 37.96 3.88
N THR A 474 13.18 38.55 3.90
CA THR A 474 13.60 39.45 2.82
C THR A 474 13.97 38.60 1.62
N VAL A 475 13.33 38.86 0.49
CA VAL A 475 13.45 38.04 -0.70
C VAL A 475 13.96 38.93 -1.83
N PRO A 476 14.95 38.49 -2.62
CA PRO A 476 15.47 39.32 -3.71
C PRO A 476 14.43 39.59 -4.79
N GLU A 477 14.61 40.71 -5.46
CA GLU A 477 13.60 41.28 -6.34
C GLU A 477 13.58 40.63 -7.71
N ALA A 478 14.47 39.68 -7.99
CA ALA A 478 14.34 38.91 -9.21
C ALA A 478 13.16 37.96 -9.12
N VAL A 479 13.09 37.17 -8.06
CA VAL A 479 12.04 36.18 -7.90
C VAL A 479 10.76 36.89 -7.47
N GLU A 480 9.90 37.14 -8.46
CA GLU A 480 8.68 37.88 -8.22
C GLU A 480 7.66 36.97 -7.56
N MET A 481 7.00 37.49 -6.53
CA MET A 481 6.16 36.67 -5.67
C MET A 481 4.76 36.51 -6.26
N GLN A 482 3.87 35.97 -5.45
CA GLN A 482 2.44 36.03 -5.67
C GLN A 482 1.85 36.95 -4.60
N SER A 483 0.67 37.52 -4.91
CA SER A 483 0.07 38.55 -4.06
C SER A 483 -0.23 38.04 -2.66
N ARG A 484 -0.83 36.86 -2.53
CA ARG A 484 -1.08 36.31 -1.20
C ARG A 484 0.22 35.86 -0.55
N VAL A 485 1.18 35.37 -1.34
CA VAL A 485 2.51 35.08 -0.83
C VAL A 485 3.18 36.36 -0.34
N ALA A 486 3.02 37.45 -1.10
CA ALA A 486 3.62 38.72 -0.72
C ALA A 486 2.99 39.27 0.55
N LYS A 487 1.70 39.05 0.73
CA LYS A 487 1.05 39.47 1.96
C LYS A 487 1.52 38.64 3.14
N ILE A 488 1.74 37.33 2.94
CA ILE A 488 2.24 36.50 4.04
C ILE A 488 3.66 36.91 4.42
N TYR A 489 4.51 37.16 3.43
CA TYR A 489 5.87 37.56 3.75
C TYR A 489 5.98 38.96 4.31
N GLY A 490 5.13 39.89 3.86
CA GLY A 490 5.11 41.20 4.49
C GLY A 490 4.61 41.14 5.91
N ASP A 491 3.64 40.26 6.17
CA ASP A 491 3.16 40.09 7.53
C ASP A 491 4.23 39.48 8.43
N ARG A 492 5.01 38.53 7.93
CA ARG A 492 6.05 38.01 8.81
C ARG A 492 7.26 38.92 8.89
N GLN A 493 7.44 39.84 7.92
CA GLN A 493 8.40 40.92 8.14
C GLN A 493 7.94 41.83 9.27
N ALA A 494 6.63 42.09 9.34
CA ALA A 494 6.08 42.82 10.48
C ALA A 494 6.26 42.03 11.76
N MET A 495 6.17 40.71 11.68
CA MET A 495 6.45 39.87 12.83
C MET A 495 7.91 39.95 13.23
N ALA A 496 8.81 40.16 12.27
CA ALA A 496 10.23 40.29 12.58
C ALA A 496 10.50 41.58 13.34
N ALA A 497 9.75 42.63 13.04
CA ALA A 497 9.93 43.91 13.71
C ALA A 497 9.20 43.99 15.04
N GLY A 498 8.64 42.89 15.52
CA GLY A 498 7.88 42.93 16.75
C GLY A 498 6.52 43.57 16.64
N GLU A 499 6.05 43.85 15.43
CA GLU A 499 4.75 44.48 15.26
C GLU A 499 3.63 43.48 15.48
N LYS A 500 3.61 42.42 14.67
CA LYS A 500 2.58 41.40 14.70
C LYS A 500 3.12 40.18 15.44
N LEU A 501 2.25 39.53 16.22
CA LEU A 501 2.63 38.28 16.84
C LEU A 501 2.86 37.20 15.79
N PHE A 502 3.60 36.17 16.19
CA PHE A 502 3.82 35.03 15.32
C PHE A 502 2.56 34.21 15.14
N ASP A 503 2.18 34.00 13.90
CA ASP A 503 1.24 32.94 13.57
C ASP A 503 2.04 31.64 13.42
N TRP A 504 1.45 30.64 12.81
CA TRP A 504 2.08 29.33 12.82
C TRP A 504 3.25 29.27 11.85
N GLY A 505 3.04 29.67 10.61
CA GLY A 505 3.98 29.36 9.55
C GLY A 505 5.28 30.12 9.67
N GLY A 506 5.20 31.38 10.06
CA GLY A 506 6.40 32.17 10.30
C GLY A 506 7.22 31.63 11.46
N ALA A 507 6.56 31.23 12.53
CA ALA A 507 7.26 30.64 13.65
C ALA A 507 7.85 29.29 13.30
N GLU A 508 7.20 28.56 12.40
CA GLU A 508 7.66 27.21 12.11
C GLU A 508 8.88 27.23 11.20
N ASN A 509 8.87 28.06 10.16
CA ASN A 509 10.13 28.13 9.44
C ASN A 509 11.16 29.03 10.12
N LEU A 510 10.76 29.83 11.12
CA LEU A 510 11.75 30.43 11.98
C LEU A 510 12.45 29.37 12.82
N ALA A 511 11.71 28.34 13.24
CA ALA A 511 12.34 27.20 13.90
C ALA A 511 13.30 26.49 12.96
N TYR A 512 12.92 26.38 11.69
CA TYR A 512 13.86 25.85 10.69
C TYR A 512 15.12 26.67 10.60
N ALA A 513 14.98 27.99 10.57
CA ALA A 513 16.15 28.85 10.47
C ALA A 513 17.00 28.79 11.74
N THR A 514 16.36 28.59 12.90
CA THR A 514 17.11 28.42 14.13
C THR A 514 17.91 27.13 14.10
N LEU A 515 17.39 26.11 13.42
CA LEU A 515 18.15 24.87 13.33
C LEU A 515 19.28 24.97 12.32
N VAL A 516 19.00 25.50 11.13
CA VAL A 516 19.95 25.30 10.02
C VAL A 516 21.19 26.18 10.08
N ASP A 517 21.22 27.20 10.92
CA ASP A 517 22.44 27.98 11.02
C ASP A 517 23.42 27.42 12.05
N GLU A 518 22.90 26.79 13.10
CA GLU A 518 23.75 26.23 14.13
C GLU A 518 24.56 25.05 13.63
N GLY A 519 24.07 24.34 12.62
CA GLY A 519 24.75 23.20 12.05
C GLY A 519 23.97 21.92 12.07
N ILE A 520 22.70 21.97 12.48
CA ILE A 520 21.84 20.80 12.50
C ILE A 520 20.85 20.92 11.34
N PRO A 521 20.99 20.13 10.28
CA PRO A 521 20.14 20.31 9.10
C PRO A 521 18.75 19.76 9.32
N VAL A 522 17.85 20.13 8.41
CA VAL A 522 16.45 19.67 8.44
C VAL A 522 16.06 19.24 7.04
N ARG A 523 15.61 18.00 6.92
CA ARG A 523 14.97 17.51 5.71
C ARG A 523 13.50 17.37 6.01
N LEU A 524 12.69 18.33 5.55
CA LEU A 524 11.26 18.08 5.50
C LEU A 524 11.00 17.51 4.12
N SER A 525 10.44 16.33 4.07
CA SER A 525 10.04 15.76 2.79
C SER A 525 8.68 15.16 3.04
N GLY A 526 7.64 15.97 2.90
CA GLY A 526 6.29 15.48 2.98
C GLY A 526 5.77 15.35 1.57
N GLU A 527 4.57 14.79 1.48
CA GLU A 527 3.80 15.02 0.29
C GLU A 527 3.44 16.48 0.31
N ASP A 528 3.56 17.14 -0.85
CA ASP A 528 3.06 18.48 -1.22
C ASP A 528 3.20 19.52 -0.11
N SER A 529 4.40 19.55 0.48
CA SER A 529 4.73 20.46 1.56
C SER A 529 5.84 21.41 1.19
N GLY A 530 6.04 21.67 -0.11
CA GLY A 530 6.94 22.73 -0.51
C GLY A 530 6.34 24.10 -0.27
N ARG A 531 5.02 24.20 -0.33
CA ARG A 531 4.32 25.40 0.07
C ARG A 531 3.46 25.15 1.31
N GLY A 532 3.49 23.95 1.85
CA GLY A 532 2.52 23.60 2.87
C GLY A 532 1.24 23.07 2.26
N THR A 533 0.49 22.31 3.05
CA THR A 533 -0.73 21.73 2.52
C THR A 533 -1.89 22.69 2.67
N PHE A 534 -1.88 23.51 3.72
CA PHE A 534 -2.92 24.50 3.93
C PHE A 534 -2.42 25.90 3.68
N PHE A 535 -1.51 26.02 2.70
CA PHE A 535 -1.06 27.29 2.14
C PHE A 535 -0.34 28.13 3.19
N HIS A 536 0.29 27.47 4.16
CA HIS A 536 0.76 28.15 5.35
C HIS A 536 2.25 27.97 5.61
N ARG A 537 3.01 27.43 4.67
CA ARG A 537 4.45 27.37 4.83
C ARG A 537 5.19 28.25 3.83
N HIS A 538 5.00 28.00 2.53
CA HIS A 538 5.57 28.78 1.44
C HIS A 538 7.09 28.86 1.50
N ALA A 539 7.72 27.76 1.92
CA ALA A 539 9.17 27.75 2.00
C ALA A 539 9.84 27.66 0.65
N VAL A 540 9.09 27.41 -0.42
CA VAL A 540 9.58 27.57 -1.77
C VAL A 540 8.72 28.62 -2.44
N ILE A 541 9.32 29.77 -2.72
CA ILE A 541 8.63 30.83 -3.43
C ILE A 541 8.82 30.58 -4.92
N HIS A 542 7.74 30.22 -5.60
CA HIS A 542 7.82 30.11 -7.05
C HIS A 542 7.81 31.49 -7.68
N ASN A 543 8.80 31.77 -8.50
CA ASN A 543 8.80 32.99 -9.30
C ASN A 543 7.74 32.81 -10.38
N GLN A 544 6.55 33.33 -10.15
CA GLN A 544 5.46 33.20 -11.11
C GLN A 544 5.60 34.13 -12.29
N SER A 545 6.68 34.91 -12.36
CA SER A 545 7.02 35.68 -13.54
C SER A 545 7.96 34.94 -14.47
N ASN A 546 8.85 34.11 -13.93
CA ASN A 546 9.79 33.37 -14.75
C ASN A 546 9.55 31.86 -14.74
N GLY A 547 9.36 31.27 -13.58
CA GLY A 547 9.10 29.85 -13.46
C GLY A 547 10.05 29.12 -12.54
N SER A 548 11.26 29.62 -12.37
CA SER A 548 12.20 29.00 -11.46
C SER A 548 11.81 29.29 -10.01
N THR A 549 12.50 28.62 -9.10
CA THR A 549 12.14 28.65 -7.69
C THR A 549 13.22 29.34 -6.88
N TYR A 550 12.82 29.81 -5.69
CA TYR A 550 13.75 30.33 -4.72
C TYR A 550 13.34 29.87 -3.34
N THR A 551 14.28 29.29 -2.61
CA THR A 551 14.04 28.82 -1.25
C THR A 551 14.73 29.76 -0.28
N PRO A 552 14.01 30.56 0.48
CA PRO A 552 14.67 31.49 1.41
C PRO A 552 15.24 30.85 2.66
N LEU A 553 15.33 29.53 2.71
CA LEU A 553 16.07 28.86 3.76
C LEU A 553 17.37 28.24 3.26
N GLN A 554 17.58 28.15 1.97
CA GLN A 554 18.84 27.65 1.43
C GLN A 554 19.82 28.78 1.12
N HIS A 555 19.56 29.98 1.63
CA HIS A 555 20.42 31.11 1.34
C HIS A 555 20.61 31.96 2.58
N ILE A 556 20.89 31.31 3.71
CA ILE A 556 21.12 32.04 4.94
C ILE A 556 22.59 32.45 5.02
N HIS A 557 23.48 31.47 5.12
CA HIS A 557 24.90 31.75 5.05
C HIS A 557 25.61 30.47 4.63
N ASN A 558 26.86 30.61 4.21
CA ASN A 558 27.65 29.44 3.91
C ASN A 558 28.14 28.80 5.20
N GLY A 559 28.24 27.47 5.17
CA GLY A 559 28.50 26.72 6.37
C GLY A 559 27.28 26.43 7.21
N GLN A 560 26.09 26.47 6.60
CA GLN A 560 24.83 26.29 7.32
C GLN A 560 24.54 24.81 7.52
N GLY A 561 23.31 24.49 7.89
CA GLY A 561 22.81 23.14 7.77
C GLY A 561 22.11 22.94 6.44
N ALA A 562 22.28 21.75 5.88
CA ALA A 562 21.74 21.44 4.55
C ALA A 562 20.24 21.21 4.65
N PHE A 563 19.46 22.22 4.26
CA PHE A 563 18.00 22.19 4.33
C PHE A 563 17.43 21.95 2.95
N ARG A 564 16.73 20.84 2.77
CA ARG A 564 16.17 20.53 1.45
C ARG A 564 14.74 20.00 1.58
N VAL A 565 13.79 20.78 1.09
CA VAL A 565 12.38 20.40 1.03
C VAL A 565 12.18 19.60 -0.24
N TRP A 566 11.48 18.47 -0.12
CA TRP A 566 11.13 17.71 -1.31
C TRP A 566 9.65 17.39 -1.28
N ASP A 567 8.92 17.94 -2.23
CA ASP A 567 7.54 17.54 -2.44
C ASP A 567 7.51 16.11 -2.93
N SER A 568 6.89 15.23 -2.15
CA SER A 568 6.86 13.83 -2.50
C SER A 568 5.92 13.56 -3.65
N VAL A 569 6.19 12.47 -4.36
CA VAL A 569 5.14 11.84 -5.12
C VAL A 569 4.13 11.23 -4.16
N LEU A 570 2.92 11.03 -4.65
CA LEU A 570 1.76 10.72 -3.80
C LEU A 570 1.93 9.28 -3.32
N SER A 571 2.76 9.11 -2.32
CA SER A 571 3.11 7.77 -1.86
C SER A 571 2.35 7.38 -0.59
N GLU A 572 2.53 8.15 0.47
CA GLU A 572 1.89 8.10 1.79
C GLU A 572 2.10 6.80 2.55
N GLU A 573 2.73 5.79 1.94
CA GLU A 573 3.05 4.54 2.61
C GLU A 573 4.44 4.02 2.25
N ALA A 574 5.11 4.61 1.28
CA ALA A 574 6.50 4.33 1.00
C ALA A 574 7.34 5.60 0.89
N VAL A 575 6.74 6.77 1.02
CA VAL A 575 7.55 7.94 1.36
C VAL A 575 7.86 7.90 2.84
N LEU A 576 7.00 7.27 3.65
CA LEU A 576 7.25 7.33 5.07
C LEU A 576 8.33 6.35 5.47
N ALA A 577 8.40 5.21 4.80
CA ALA A 577 9.51 4.32 5.06
C ALA A 577 10.81 4.88 4.50
N PHE A 578 10.71 5.72 3.46
CA PHE A 578 11.90 6.43 2.98
C PHE A 578 12.40 7.40 4.02
N GLU A 579 11.50 8.15 4.65
CA GLU A 579 11.96 9.06 5.69
C GLU A 579 12.34 8.33 6.95
N TYR A 580 11.87 7.10 7.13
CA TYR A 580 12.39 6.27 8.21
C TYR A 580 13.84 5.93 7.96
N GLY A 581 14.13 5.36 6.78
CA GLY A 581 15.49 4.97 6.46
C GLY A 581 16.44 6.15 6.37
N TYR A 582 15.93 7.33 6.03
CA TYR A 582 16.76 8.52 6.10
C TYR A 582 16.91 8.98 7.54
N ALA A 583 15.94 8.70 8.39
CA ALA A 583 16.03 9.14 9.77
C ALA A 583 16.84 8.23 10.65
N THR A 584 16.83 6.94 10.38
CA THR A 584 17.56 6.00 11.21
C THR A 584 19.00 5.81 10.78
N ALA A 585 19.41 6.46 9.70
CA ALA A 585 20.80 6.40 9.27
C ALA A 585 21.48 7.76 9.30
N GLU A 586 20.85 8.77 9.90
CA GLU A 586 21.51 10.03 10.21
C GLU A 586 20.82 10.71 11.39
N PRO A 587 21.46 10.77 12.53
CA PRO A 587 20.81 11.36 13.70
C PRO A 587 20.83 12.87 13.70
N ARG A 588 21.72 13.46 12.92
CA ARG A 588 21.86 14.91 12.91
C ARG A 588 20.66 15.57 12.28
N THR A 589 20.30 15.16 11.08
CA THR A 589 19.26 15.83 10.31
C THR A 589 17.89 15.62 10.96
N LEU A 590 17.23 16.71 11.30
CA LEU A 590 15.86 16.64 11.79
C LEU A 590 14.97 16.34 10.61
N THR A 591 14.55 15.10 10.47
CA THR A 591 13.77 14.66 9.32
C THR A 591 12.31 14.62 9.73
N ILE A 592 11.52 15.54 9.22
CA ILE A 592 10.12 15.58 9.57
C ILE A 592 9.33 15.20 8.33
N TRP A 593 8.11 14.73 8.55
CA TRP A 593 7.27 14.23 7.48
C TRP A 593 5.89 14.82 7.64
N GLU A 594 5.43 15.53 6.63
CA GLU A 594 4.14 16.21 6.68
C GLU A 594 3.19 15.58 5.68
N ALA A 595 2.11 15.00 6.19
CA ALA A 595 1.08 14.45 5.34
C ALA A 595 0.23 15.57 4.77
N GLN A 596 -0.61 15.23 3.80
CA GLN A 596 -1.55 16.21 3.29
C GLN A 596 -2.66 16.47 4.29
N PHE A 597 -3.18 15.41 4.90
CA PHE A 597 -4.25 15.52 5.89
C PHE A 597 -3.98 14.51 6.99
N GLY A 598 -4.91 14.44 7.94
CA GLY A 598 -4.76 13.56 9.07
C GLY A 598 -4.89 12.11 8.72
N ASP A 599 -6.09 11.67 8.36
CA ASP A 599 -6.27 10.26 8.06
C ASP A 599 -5.99 9.96 6.60
N PHE A 600 -5.47 10.92 5.85
CA PHE A 600 -4.85 10.62 4.58
C PHE A 600 -3.45 10.05 4.79
N ALA A 601 -2.93 10.16 6.02
CA ALA A 601 -1.74 9.49 6.47
C ALA A 601 -2.03 8.14 7.07
N ASN A 602 -3.06 7.46 6.60
CA ASN A 602 -3.38 6.16 7.15
C ASN A 602 -2.83 5.05 6.27
N GLY A 603 -2.30 5.41 5.11
CA GLY A 603 -1.74 4.41 4.22
C GLY A 603 -0.52 3.74 4.81
N ALA A 604 0.46 4.53 5.24
CA ALA A 604 1.54 4.00 6.05
C ALA A 604 0.97 3.68 7.42
N GLN A 605 0.47 2.48 7.57
CA GLN A 605 0.24 1.99 8.91
C GLN A 605 1.29 0.99 9.31
N VAL A 606 1.77 0.19 8.36
CA VAL A 606 2.81 -0.79 8.65
C VAL A 606 4.10 -0.10 9.07
N VAL A 607 4.41 1.03 8.43
CA VAL A 607 5.61 1.78 8.77
C VAL A 607 5.47 2.42 10.13
N ILE A 608 4.26 2.81 10.52
CA ILE A 608 4.11 3.37 11.86
C ILE A 608 4.04 2.27 12.90
N ASP A 609 3.28 1.22 12.63
CA ASP A 609 3.05 0.21 13.66
C ASP A 609 4.25 -0.69 13.90
N GLN A 610 5.08 -0.95 12.89
CA GLN A 610 6.14 -1.93 13.07
C GLN A 610 7.54 -1.40 12.91
N PHE A 611 7.74 -0.22 12.30
CA PHE A 611 9.05 0.40 12.36
C PHE A 611 9.16 1.43 13.48
N ILE A 612 8.36 2.49 13.41
CA ILE A 612 8.71 3.66 14.21
C ILE A 612 8.23 3.48 15.63
N SER A 613 7.22 2.65 15.85
CA SER A 613 6.70 2.54 17.20
C SER A 613 7.11 1.25 17.84
N SER A 614 7.85 0.42 17.10
CA SER A 614 8.33 -0.88 17.63
C SER A 614 9.85 -1.04 17.41
N GLY A 615 10.48 -0.05 16.78
CA GLY A 615 11.92 -0.11 16.46
C GLY A 615 12.85 -0.21 17.66
N GLU A 616 12.56 0.56 18.72
CA GLU A 616 13.42 0.60 19.89
C GLU A 616 13.23 -0.64 20.75
N GLN A 617 12.01 -1.12 20.87
CA GLN A 617 11.81 -2.27 21.73
C GLN A 617 12.11 -3.59 21.02
N LYS A 618 11.97 -3.66 19.71
CA LYS A 618 12.31 -4.92 19.05
C LYS A 618 13.81 -5.03 18.82
N TRP A 619 14.36 -4.15 18.01
CA TRP A 619 15.75 -4.30 17.63
C TRP A 619 16.71 -3.54 18.51
N GLY A 620 16.23 -2.55 19.25
CA GLY A 620 17.15 -1.62 19.86
C GLY A 620 17.66 -0.61 18.86
N ARG A 621 16.87 -0.32 17.83
CA ARG A 621 17.19 0.66 16.82
C ARG A 621 16.45 1.96 17.14
N MET A 622 17.16 3.08 17.11
CA MET A 622 16.57 4.36 17.45
C MET A 622 16.16 5.11 16.19
N CYS A 623 15.09 5.88 16.29
CA CYS A 623 14.64 6.73 15.18
C CYS A 623 13.93 7.97 15.70
N GLY A 624 14.28 9.12 15.15
CA GLY A 624 13.70 10.36 15.59
C GLY A 624 12.94 11.14 14.53
N LEU A 625 12.12 10.46 13.73
CA LEU A 625 11.25 11.15 12.79
C LEU A 625 10.23 12.01 13.52
N VAL A 626 9.71 12.98 12.78
CA VAL A 626 8.57 13.76 13.22
C VAL A 626 7.49 13.61 12.18
N MET A 627 6.28 13.32 12.63
CA MET A 627 5.14 13.21 11.75
C MET A 627 4.30 14.48 11.91
N LEU A 628 4.50 15.44 11.02
CA LEU A 628 3.57 16.57 10.96
C LEU A 628 2.23 16.05 10.45
N LEU A 629 1.27 15.92 11.34
CA LEU A 629 -0.02 15.48 10.92
C LEU A 629 -1.04 16.58 11.15
N PRO A 630 -1.82 16.93 10.13
CA PRO A 630 -2.98 17.78 10.36
C PRO A 630 -3.99 17.08 11.24
N HIS A 631 -4.74 17.86 11.98
CA HIS A 631 -5.71 17.30 12.93
C HIS A 631 -6.69 18.39 13.29
N GLY A 632 -7.94 18.23 12.89
CA GLY A 632 -8.91 19.27 13.15
C GLY A 632 -10.33 18.82 12.97
N TYR A 633 -11.20 19.41 13.78
CA TYR A 633 -12.64 19.20 13.71
C TYR A 633 -13.36 20.47 13.31
N GLU A 634 -12.89 21.14 12.27
CA GLU A 634 -13.64 22.26 11.72
C GLU A 634 -14.93 21.79 11.08
N GLY A 635 -14.96 20.55 10.62
CA GLY A 635 -16.09 20.04 9.88
C GLY A 635 -15.88 20.01 8.39
N GLN A 636 -14.63 20.03 7.93
CA GLN A 636 -14.38 20.01 6.50
C GLN A 636 -14.63 18.65 5.89
N GLY A 637 -14.67 17.60 6.69
CA GLY A 637 -14.88 16.28 6.15
C GLY A 637 -14.88 15.24 7.24
N PRO A 638 -15.26 14.04 6.92
CA PRO A 638 -15.19 12.97 7.92
C PRO A 638 -13.80 12.38 7.99
N GLU A 639 -13.05 12.38 6.89
CA GLU A 639 -11.69 11.84 6.87
C GLU A 639 -10.71 12.78 6.19
N HIS A 640 -11.14 13.99 5.86
CA HIS A 640 -10.23 15.12 5.79
C HIS A 640 -9.94 15.70 7.16
N SER A 641 -10.56 15.16 8.21
CA SER A 641 -10.63 15.83 9.50
C SER A 641 -9.44 15.50 10.39
N SER A 642 -9.29 14.22 10.75
CA SER A 642 -8.38 13.93 11.85
C SER A 642 -7.66 12.64 11.56
N ALA A 643 -6.36 12.61 11.91
CA ALA A 643 -5.70 11.34 12.08
C ALA A 643 -6.20 10.68 13.35
N ARG A 644 -6.22 9.36 13.36
CA ARG A 644 -6.66 8.64 14.54
C ARG A 644 -5.62 8.81 15.62
N LEU A 645 -5.99 9.44 16.74
CA LEU A 645 -4.98 9.73 17.75
C LEU A 645 -4.68 8.50 18.59
N GLU A 646 -5.68 7.66 18.83
CA GLU A 646 -5.42 6.39 19.53
C GLU A 646 -4.59 5.43 18.70
N ARG A 647 -4.55 5.62 17.39
CA ARG A 647 -3.61 4.88 16.59
C ARG A 647 -2.19 5.40 16.78
N TYR A 648 -2.02 6.49 17.52
CA TYR A 648 -0.72 6.83 18.09
C TYR A 648 -0.75 6.83 19.61
N LEU A 649 -1.79 6.26 20.22
CA LEU A 649 -1.82 6.11 21.66
C LEU A 649 -2.23 4.73 22.13
N GLN A 650 -2.59 3.82 21.23
CA GLN A 650 -2.57 2.42 21.59
C GLN A 650 -1.21 1.80 21.39
N LEU A 651 -0.24 2.61 21.02
CA LEU A 651 1.15 2.23 21.09
C LEU A 651 1.77 2.66 22.41
N CYS A 652 0.94 2.77 23.45
CA CYS A 652 1.28 3.30 24.78
C CYS A 652 2.21 2.38 25.55
N ALA A 653 3.52 2.57 25.41
CA ALA A 653 4.44 1.58 25.93
C ALA A 653 5.82 2.18 26.17
N GLU A 654 6.15 2.45 27.43
CA GLU A 654 7.53 2.53 27.91
C GLU A 654 8.34 3.61 27.21
N GLN A 655 7.73 4.79 27.07
CA GLN A 655 8.38 6.01 26.58
C GLN A 655 8.93 5.83 25.17
N ASN A 656 8.21 5.09 24.35
CA ASN A 656 8.71 4.76 23.02
C ASN A 656 8.54 5.91 22.05
N MET A 657 7.31 6.23 21.69
CA MET A 657 7.09 7.43 20.90
C MET A 657 6.97 8.62 21.82
N GLN A 658 6.52 9.72 21.26
CA GLN A 658 6.07 10.87 22.03
C GLN A 658 5.12 11.67 21.15
N VAL A 659 3.84 11.59 21.45
CA VAL A 659 2.84 12.41 20.77
C VAL A 659 2.72 13.71 21.53
N CYS A 660 2.67 14.82 20.80
CA CYS A 660 2.51 16.12 21.42
C CYS A 660 1.71 17.01 20.47
N VAL A 661 0.83 17.80 21.07
CA VAL A 661 -0.10 18.62 20.31
C VAL A 661 0.25 20.08 20.56
N PRO A 662 0.96 20.74 19.65
CA PRO A 662 1.29 22.15 19.86
C PRO A 662 0.07 23.02 19.62
N SER A 663 -0.28 23.82 20.62
CA SER A 663 -1.34 24.78 20.45
C SER A 663 -0.78 26.11 19.95
N THR A 664 0.05 26.75 20.75
CA THR A 664 0.68 27.98 20.30
C THR A 664 1.78 27.65 19.31
N PRO A 665 2.10 28.58 18.42
CA PRO A 665 3.32 28.42 17.62
C PRO A 665 4.62 28.45 18.43
N ALA A 666 4.61 29.03 19.63
CA ALA A 666 5.73 28.86 20.54
C ALA A 666 5.94 27.41 20.89
N GLN A 667 4.85 26.65 20.99
CA GLN A 667 4.97 25.22 21.20
C GLN A 667 5.56 24.50 20.01
N VAL A 668 5.26 24.94 18.78
CA VAL A 668 5.85 24.18 17.68
C VAL A 668 7.32 24.53 17.54
N TYR A 669 7.71 25.74 17.96
CA TYR A 669 9.11 26.12 18.03
C TYR A 669 9.86 25.22 19.01
N HIS A 670 9.37 25.15 20.24
CA HIS A 670 10.02 24.33 21.24
C HIS A 670 9.94 22.84 20.94
N MET A 671 8.90 22.38 20.25
CA MET A 671 8.84 20.95 19.95
C MET A 671 9.80 20.56 18.84
N LEU A 672 9.93 21.36 17.78
CA LEU A 672 10.90 20.98 16.76
C LEU A 672 12.32 21.13 17.25
N ARG A 673 12.62 22.12 18.08
CA ARG A 673 13.97 22.10 18.61
C ARG A 673 14.14 21.12 19.76
N ARG A 674 13.03 20.66 20.36
CA ARG A 674 13.11 19.62 21.38
C ARG A 674 13.45 18.30 20.71
N GLN A 675 12.96 18.09 19.51
CA GLN A 675 13.32 16.88 18.80
C GLN A 675 14.69 16.99 18.16
N ALA A 676 15.07 18.18 17.72
CA ALA A 676 16.26 18.30 16.90
C ALA A 676 17.54 18.10 17.69
N LEU A 677 17.80 18.98 18.67
CA LEU A 677 19.10 19.02 19.32
C LEU A 677 19.04 18.61 20.79
N ARG A 678 18.24 17.60 21.10
CA ARG A 678 18.15 17.13 22.48
C ARG A 678 19.25 16.14 22.81
N GLY A 679 19.39 15.10 22.00
CA GLY A 679 20.27 13.98 22.30
C GLY A 679 19.59 12.65 22.29
N MET A 680 18.26 12.61 22.33
CA MET A 680 17.47 11.40 22.20
C MET A 680 16.72 11.45 20.87
N ARG A 681 16.61 10.31 20.21
CA ARG A 681 15.95 10.23 18.92
C ARG A 681 14.78 9.25 19.02
N ARG A 682 13.62 9.77 19.41
CA ARG A 682 12.41 8.98 19.52
C ARG A 682 11.29 9.72 18.81
N PRO A 683 10.35 8.99 18.16
CA PRO A 683 9.53 9.60 17.12
C PRO A 683 8.49 10.56 17.67
N LEU A 684 8.31 11.69 17.01
CA LEU A 684 7.19 12.56 17.29
C LEU A 684 6.06 12.28 16.31
N VAL A 685 4.84 12.43 16.79
CA VAL A 685 3.67 12.52 15.94
C VAL A 685 2.93 13.80 16.31
N VAL A 686 3.30 14.90 15.69
CA VAL A 686 2.77 16.20 16.12
C VAL A 686 1.47 16.47 15.38
N MET A 687 0.53 17.04 16.11
CA MET A 687 -0.79 17.33 15.58
C MET A 687 -0.84 18.79 15.11
N SER A 688 -0.17 19.03 14.00
CA SER A 688 -0.06 20.37 13.44
C SER A 688 -1.39 20.84 12.89
N PRO A 689 -2.11 21.73 13.55
CA PRO A 689 -3.53 21.90 13.28
C PRO A 689 -3.85 22.66 12.01
N LYS A 690 -5.13 22.94 11.81
CA LYS A 690 -5.63 23.60 10.62
C LYS A 690 -6.22 24.97 10.90
N SER A 691 -7.11 25.08 11.89
CA SER A 691 -7.71 26.36 12.19
C SER A 691 -6.75 27.31 12.87
N LEU A 692 -5.72 26.80 13.53
CA LEU A 692 -4.77 27.67 14.19
C LEU A 692 -3.78 28.29 13.22
N LEU A 693 -3.80 27.91 11.94
CA LEU A 693 -2.89 28.51 10.98
C LEU A 693 -3.30 29.94 10.64
N ARG A 694 -4.59 30.24 10.71
CA ARG A 694 -5.14 31.53 10.33
C ARG A 694 -5.92 32.11 11.48
N HIS A 695 -5.41 31.95 12.68
CA HIS A 695 -6.21 32.25 13.85
C HIS A 695 -5.70 33.51 14.53
N PRO A 696 -6.57 34.43 14.94
CA PRO A 696 -6.10 35.69 15.53
C PRO A 696 -5.64 35.58 16.98
N LEU A 697 -5.61 34.38 17.56
CA LEU A 697 -5.05 34.18 18.89
C LEU A 697 -3.85 33.26 18.89
N ALA A 698 -3.04 33.27 17.83
CA ALA A 698 -1.78 32.54 17.85
C ALA A 698 -0.80 33.28 18.74
N VAL A 699 -0.90 33.05 20.05
CA VAL A 699 -0.15 33.82 21.03
C VAL A 699 1.29 33.32 21.01
N SER A 700 2.14 34.03 20.27
CA SER A 700 3.56 33.72 20.24
C SER A 700 4.32 35.02 20.03
N SER A 701 4.77 35.61 21.13
CA SER A 701 5.65 36.76 21.06
C SER A 701 7.09 36.29 20.88
N LEU A 702 7.95 37.21 20.46
CA LEU A 702 9.37 36.88 20.39
C LEU A 702 9.99 36.83 21.77
N GLU A 703 9.33 37.42 22.76
CA GLU A 703 9.67 37.14 24.16
C GLU A 703 9.48 35.67 24.49
N GLU A 704 8.44 35.06 23.94
CA GLU A 704 8.17 33.66 24.22
C GLU A 704 9.07 32.70 23.46
N LEU A 705 9.97 33.19 22.62
CA LEU A 705 10.88 32.27 21.94
C LEU A 705 12.32 32.38 22.42
N ALA A 706 12.77 33.56 22.82
CA ALA A 706 14.14 33.68 23.32
C ALA A 706 14.22 33.18 24.76
N ASN A 707 13.51 33.84 25.65
CA ASN A 707 13.45 33.40 27.05
C ASN A 707 12.37 32.37 27.29
N GLY A 708 11.62 32.00 26.26
CA GLY A 708 10.67 30.92 26.39
C GLY A 708 11.35 29.59 26.57
N THR A 709 10.63 28.65 27.16
CA THR A 709 11.21 27.40 27.56
C THR A 709 10.37 26.24 27.01
N PHE A 710 10.85 25.03 27.27
CA PHE A 710 10.11 23.82 26.96
C PHE A 710 8.94 23.65 27.92
N LEU A 711 7.73 23.57 27.37
CA LEU A 711 6.55 23.46 28.18
C LEU A 711 5.71 22.28 27.75
N PRO A 712 5.52 21.28 28.60
CA PRO A 712 4.66 20.17 28.24
C PRO A 712 3.21 20.41 28.56
N ALA A 713 2.93 21.21 29.56
CA ALA A 713 1.58 21.37 30.09
C ALA A 713 1.38 22.82 30.52
N ILE A 714 0.94 23.64 29.58
CA ILE A 714 0.76 25.06 29.88
C ILE A 714 -0.53 25.25 30.65
N GLY A 715 -0.41 25.80 31.85
CA GLY A 715 -1.56 26.09 32.68
C GLY A 715 -2.28 27.34 32.24
N GLU A 716 -2.87 28.03 33.21
CA GLU A 716 -3.73 29.17 32.90
C GLU A 716 -2.89 30.38 32.51
N ILE A 717 -3.18 30.96 31.35
CA ILE A 717 -2.46 32.14 30.92
C ILE A 717 -3.15 33.43 31.34
N ASP A 718 -4.46 33.39 31.61
CA ASP A 718 -5.16 34.58 32.02
C ASP A 718 -5.02 34.74 33.53
N GLU A 719 -5.65 35.77 34.09
CA GLU A 719 -5.66 35.97 35.54
C GLU A 719 -6.98 35.47 36.10
N LEU A 720 -6.91 34.52 37.03
CA LEU A 720 -8.08 33.97 37.69
C LEU A 720 -7.78 33.80 39.17
N ASP A 721 -8.78 34.06 40.01
CA ASP A 721 -8.64 33.85 41.44
C ASP A 721 -9.00 32.40 41.78
N PRO A 722 -8.03 31.59 42.21
CA PRO A 722 -8.30 30.16 42.39
C PRO A 722 -9.15 29.81 43.61
N LYS A 723 -9.46 30.77 44.47
CA LYS A 723 -10.31 30.48 45.62
C LYS A 723 -11.76 30.25 45.20
N GLY A 724 -12.24 31.02 44.23
CA GLY A 724 -13.58 30.84 43.75
C GLY A 724 -13.73 29.84 42.63
N VAL A 725 -12.64 29.27 42.14
CA VAL A 725 -12.69 28.39 40.98
C VAL A 725 -13.24 27.03 41.39
N LYS A 726 -14.28 26.59 40.68
CA LYS A 726 -14.94 25.33 40.97
C LYS A 726 -14.75 24.29 39.88
N ARG A 727 -14.07 24.63 38.79
CA ARG A 727 -13.83 23.73 37.67
C ARG A 727 -12.50 24.07 37.01
N VAL A 728 -11.74 23.04 36.66
CA VAL A 728 -10.63 23.22 35.74
C VAL A 728 -10.86 22.26 34.59
N VAL A 729 -10.39 22.65 33.41
CA VAL A 729 -10.66 21.92 32.19
C VAL A 729 -9.33 21.58 31.56
N MET A 730 -8.95 20.32 31.62
CA MET A 730 -7.75 19.83 30.94
C MET A 730 -8.14 19.50 29.51
N CYS A 731 -7.57 20.22 28.55
CA CYS A 731 -7.94 19.93 27.16
C CYS A 731 -6.80 20.26 26.23
N SER A 732 -6.64 19.44 25.20
CA SER A 732 -5.57 19.62 24.24
C SER A 732 -6.14 19.84 22.85
N GLY A 733 -5.38 20.54 22.03
CA GLY A 733 -5.78 20.84 20.68
C GLY A 733 -6.31 22.25 20.54
N LYS A 734 -7.05 22.47 19.46
CA LYS A 734 -7.64 23.78 19.23
C LYS A 734 -8.77 24.09 20.19
N VAL A 735 -9.35 23.08 20.83
CA VAL A 735 -10.59 23.21 21.58
C VAL A 735 -10.41 24.15 22.78
N TYR A 736 -9.18 24.21 23.31
CA TYR A 736 -8.78 25.23 24.29
C TYR A 736 -9.20 26.61 23.86
N TYR A 737 -8.73 27.03 22.67
CA TYR A 737 -9.08 28.34 22.16
C TYR A 737 -10.58 28.46 21.97
N ASP A 738 -11.24 27.37 21.55
CA ASP A 738 -12.68 27.36 21.49
C ASP A 738 -13.28 27.60 22.86
N LEU A 739 -12.81 26.85 23.86
CA LEU A 739 -13.19 27.10 25.24
C LEU A 739 -12.77 28.49 25.68
N LEU A 740 -11.60 28.93 25.22
CA LEU A 740 -11.16 30.27 25.59
C LEU A 740 -12.05 31.30 24.93
N GLU A 741 -12.45 31.04 23.68
CA GLU A 741 -13.36 31.97 23.02
C GLU A 741 -14.79 31.81 23.50
N GLN A 742 -15.05 30.90 24.44
CA GLN A 742 -16.30 30.94 25.18
C GLN A 742 -16.11 31.40 26.60
N ARG A 743 -14.90 31.30 27.14
CA ARG A 743 -14.74 31.68 28.53
C ARG A 743 -14.68 33.19 28.65
N ARG A 744 -13.78 33.83 27.91
CA ARG A 744 -13.73 35.28 27.92
C ARG A 744 -14.88 35.92 27.17
N LYS A 745 -15.64 35.15 26.38
CA LYS A 745 -16.86 35.70 25.81
C LYS A 745 -17.94 35.85 26.86
N ASN A 746 -18.08 34.86 27.75
CA ASN A 746 -19.07 34.91 28.82
C ASN A 746 -18.44 35.06 30.18
N ASN A 747 -17.28 35.74 30.24
CA ASN A 747 -16.56 36.27 31.42
C ASN A 747 -16.67 35.41 32.69
N GLN A 748 -16.50 34.11 32.50
CA GLN A 748 -16.72 33.13 33.56
C GLN A 748 -15.43 32.95 34.34
N HIS A 749 -15.49 33.22 35.64
CA HIS A 749 -14.29 33.29 36.47
C HIS A 749 -14.00 32.04 37.27
N ASP A 750 -15.00 31.21 37.54
CA ASP A 750 -14.84 30.10 38.45
C ASP A 750 -14.38 28.81 37.77
N VAL A 751 -13.78 28.92 36.59
CA VAL A 751 -13.25 27.75 35.89
C VAL A 751 -12.00 28.16 35.11
N ALA A 752 -10.92 27.43 35.35
CA ALA A 752 -9.68 27.63 34.62
C ALA A 752 -9.51 26.55 33.57
N ILE A 753 -8.67 26.83 32.59
CA ILE A 753 -8.40 25.88 31.51
C ILE A 753 -6.91 25.58 31.54
N VAL A 754 -6.55 24.32 31.36
CA VAL A 754 -5.16 23.89 31.32
C VAL A 754 -4.96 23.05 30.08
N ARG A 755 -3.99 23.45 29.25
CA ARG A 755 -3.66 22.64 28.10
C ARG A 755 -2.66 21.57 28.48
N ILE A 756 -2.64 20.51 27.69
CA ILE A 756 -1.67 19.45 27.81
C ILE A 756 -1.01 19.34 26.44
N GLU A 757 0.14 20.00 26.28
CA GLU A 757 0.74 20.12 24.96
C GLU A 757 1.38 18.81 24.51
N GLN A 758 1.72 17.93 25.45
CA GLN A 758 2.39 16.68 25.17
C GLN A 758 1.69 15.55 25.89
N LEU A 759 1.45 14.45 25.20
CA LEU A 759 0.61 13.40 25.76
C LEU A 759 1.35 12.13 26.15
N TYR A 760 2.17 11.58 25.25
CA TYR A 760 2.59 10.19 25.40
C TYR A 760 3.58 9.98 26.55
N PRO A 761 4.72 10.72 26.67
CA PRO A 761 5.50 10.52 27.88
C PRO A 761 4.73 11.18 28.98
N PHE A 762 4.21 10.38 29.92
CA PHE A 762 3.19 10.74 30.90
C PHE A 762 3.67 11.95 31.69
N PRO A 763 3.16 13.14 31.41
CA PRO A 763 3.78 14.32 32.00
C PRO A 763 3.42 14.44 33.47
N HIS A 764 4.33 13.98 34.32
CA HIS A 764 4.06 13.97 35.75
C HIS A 764 4.41 15.29 36.38
N LYS A 765 5.68 15.69 36.27
CA LYS A 765 6.17 16.95 36.80
C LYS A 765 5.40 18.13 36.24
N ALA A 766 5.14 18.11 34.94
CA ALA A 766 4.53 19.26 34.27
C ALA A 766 3.09 19.44 34.68
N MET A 767 2.37 18.35 34.93
CA MET A 767 0.98 18.51 35.33
C MET A 767 0.85 18.83 36.81
N GLN A 768 1.65 18.20 37.67
CA GLN A 768 1.52 18.49 39.09
C GLN A 768 2.10 19.85 39.44
N GLU A 769 2.98 20.40 38.61
CA GLU A 769 3.46 21.74 38.90
C GLU A 769 2.46 22.81 38.52
N VAL A 770 1.52 22.50 37.62
CA VAL A 770 0.53 23.47 37.17
C VAL A 770 -0.82 23.21 37.82
N LEU A 771 -0.90 22.27 38.76
CA LEU A 771 -2.13 22.03 39.48
C LEU A 771 -2.01 22.29 40.97
N GLN A 772 -0.83 22.68 41.47
CA GLN A 772 -0.72 23.08 42.87
C GLN A 772 -1.41 24.41 43.13
N GLN A 773 -1.65 25.20 42.10
CA GLN A 773 -2.42 26.42 42.21
C GLN A 773 -3.93 26.16 42.11
N PHE A 774 -4.34 24.97 41.66
CA PHE A 774 -5.75 24.59 41.56
C PHE A 774 -5.96 23.20 42.12
N ALA A 775 -5.47 22.97 43.33
CA ALA A 775 -5.53 21.61 43.89
C ALA A 775 -6.79 21.36 44.71
N HIS A 776 -7.34 22.40 45.35
CA HIS A 776 -8.44 22.19 46.28
C HIS A 776 -9.75 21.91 45.58
N VAL A 777 -9.89 22.31 44.32
CA VAL A 777 -11.08 22.00 43.53
C VAL A 777 -11.11 20.50 43.24
N LYS A 778 -12.28 19.89 43.41
CA LYS A 778 -12.42 18.45 43.34
C LYS A 778 -12.71 17.95 41.92
N ASP A 779 -13.79 18.40 41.32
CA ASP A 779 -14.26 17.86 40.05
C ASP A 779 -13.47 18.45 38.89
N PHE A 780 -12.65 17.63 38.25
CA PHE A 780 -11.96 18.06 37.05
C PHE A 780 -12.68 17.47 35.85
N VAL A 781 -12.43 18.04 34.68
CA VAL A 781 -12.93 17.46 33.44
C VAL A 781 -11.77 17.32 32.47
N TRP A 782 -11.98 16.51 31.46
CA TRP A 782 -11.02 16.39 30.37
C TRP A 782 -11.78 16.64 29.09
N CYS A 783 -11.87 17.90 28.70
CA CYS A 783 -12.51 18.19 27.44
C CYS A 783 -11.60 17.77 26.29
N GLN A 784 -12.22 17.63 25.12
CA GLN A 784 -11.53 17.41 23.86
C GLN A 784 -12.53 17.72 22.77
N GLU A 785 -12.03 17.92 21.57
CA GLU A 785 -12.95 18.00 20.46
C GLU A 785 -13.06 16.69 19.70
N GLU A 786 -12.57 15.63 20.25
CA GLU A 786 -12.64 14.39 19.51
C GLU A 786 -13.77 13.54 20.06
N PRO A 787 -14.23 12.52 19.33
CA PRO A 787 -15.24 11.63 19.89
C PRO A 787 -14.74 10.81 21.07
N LEU A 788 -15.68 10.13 21.71
CA LEU A 788 -15.42 9.52 23.00
C LEU A 788 -14.49 8.32 22.89
N ASN A 789 -14.52 7.60 21.79
CA ASN A 789 -13.48 6.61 21.56
C ASN A 789 -12.16 7.29 21.21
N GLN A 790 -12.22 8.38 20.46
CA GLN A 790 -11.02 9.01 19.94
C GLN A 790 -10.38 9.89 21.02
N GLY A 791 -9.23 10.48 20.68
CA GLY A 791 -8.61 11.47 21.53
C GLY A 791 -7.46 11.00 22.39
N ALA A 792 -7.43 11.48 23.62
CA ALA A 792 -6.65 10.83 24.65
C ALA A 792 -7.63 10.68 25.81
N TRP A 793 -8.53 9.73 25.67
CA TRP A 793 -9.41 9.35 26.74
C TRP A 793 -9.10 7.95 27.19
N TYR A 794 -8.48 7.16 26.35
CA TYR A 794 -7.91 5.89 26.75
C TYR A 794 -6.41 6.03 26.95
N CYS A 795 -6.03 7.19 27.47
CA CYS A 795 -4.82 7.39 28.25
C CYS A 795 -5.17 7.90 29.63
N SER A 796 -6.46 7.96 29.96
CA SER A 796 -6.90 8.61 31.20
C SER A 796 -6.49 7.78 32.41
N GLN A 797 -6.76 6.48 32.37
CA GLN A 797 -6.48 5.61 33.51
C GLN A 797 -4.98 5.46 33.75
N HIS A 798 -4.17 5.73 32.73
CA HIS A 798 -2.73 5.69 32.93
C HIS A 798 -2.25 6.85 33.78
N HIS A 799 -2.57 8.09 33.40
CA HIS A 799 -2.03 9.15 34.26
C HIS A 799 -2.97 10.30 34.58
N PHE A 800 -4.11 10.45 33.92
CA PHE A 800 -5.06 11.47 34.35
C PHE A 800 -5.66 11.15 35.70
N ARG A 801 -5.74 9.87 36.04
CA ARG A 801 -6.23 9.51 37.36
C ARG A 801 -5.11 9.38 38.38
N GLU A 802 -3.93 9.91 38.09
CA GLU A 802 -2.96 10.19 39.14
C GLU A 802 -2.56 11.66 39.19
N VAL A 803 -2.79 12.40 38.11
CA VAL A 803 -2.65 13.86 38.17
C VAL A 803 -3.71 14.46 39.07
N ILE A 804 -4.89 13.85 39.08
CA ILE A 804 -6.04 14.26 39.90
C ILE A 804 -5.66 14.27 41.36
N PRO A 805 -6.15 15.20 42.17
CA PRO A 805 -5.90 15.14 43.62
C PRO A 805 -6.66 14.00 44.28
N PHE A 806 -6.37 13.84 45.57
CA PHE A 806 -6.96 12.74 46.35
C PHE A 806 -8.46 12.93 46.52
N GLY A 807 -8.85 13.93 47.29
CA GLY A 807 -10.25 14.26 47.46
C GLY A 807 -10.76 15.04 46.27
N ALA A 808 -10.95 14.33 45.16
CA ALA A 808 -11.20 14.97 43.86
C ALA A 808 -11.85 13.95 42.95
N SER A 809 -12.37 14.45 41.82
CA SER A 809 -13.04 13.58 40.86
C SER A 809 -12.77 14.06 39.44
N LEU A 810 -12.98 13.15 38.50
CA LEU A 810 -12.84 13.42 37.09
C LEU A 810 -14.14 13.05 36.40
N ARG A 811 -14.50 13.80 35.36
CA ARG A 811 -15.57 13.37 34.48
C ARG A 811 -15.20 13.78 33.07
N TYR A 812 -16.03 13.37 32.12
CA TYR A 812 -15.71 13.55 30.72
C TYR A 812 -16.59 14.62 30.08
N ALA A 813 -15.98 15.39 29.19
CA ALA A 813 -16.71 16.17 28.21
C ALA A 813 -16.06 15.93 26.86
N GLY A 814 -16.86 15.84 25.82
CA GLY A 814 -16.36 15.62 24.49
C GLY A 814 -17.49 15.17 23.60
N ARG A 815 -17.17 14.98 22.33
CA ARG A 815 -18.16 14.45 21.42
C ARG A 815 -18.46 13.00 21.77
N PRO A 816 -19.72 12.58 21.71
CA PRO A 816 -20.03 11.17 21.89
C PRO A 816 -19.53 10.39 20.70
N ALA A 817 -19.15 9.13 20.97
CA ALA A 817 -18.35 8.37 20.03
C ALA A 817 -19.12 7.98 18.79
N SER A 818 -18.51 8.20 17.63
CA SER A 818 -19.07 7.83 16.36
C SER A 818 -17.98 7.22 15.52
N ALA A 819 -18.38 6.47 14.51
CA ALA A 819 -17.41 5.76 13.68
C ALA A 819 -16.61 6.72 12.84
N SER A 820 -17.29 7.51 12.03
CA SER A 820 -16.70 8.71 11.49
C SER A 820 -16.37 9.65 12.65
N PRO A 821 -15.11 10.06 12.82
CA PRO A 821 -14.80 10.98 13.91
C PRO A 821 -15.42 12.34 13.72
N ALA A 822 -15.62 12.77 12.50
CA ALA A 822 -16.34 13.99 12.23
C ALA A 822 -17.54 13.68 11.37
N VAL A 823 -18.70 14.23 11.76
CA VAL A 823 -19.87 14.10 10.91
C VAL A 823 -19.66 14.95 9.66
N GLY A 824 -20.24 14.50 8.55
CA GLY A 824 -19.97 15.14 7.28
C GLY A 824 -20.63 16.47 7.08
N HIS A 825 -21.71 16.74 7.81
CA HIS A 825 -22.51 17.93 7.55
C HIS A 825 -22.15 19.04 8.53
N MET A 826 -21.99 20.24 7.98
CA MET A 826 -21.41 21.36 8.71
C MET A 826 -22.34 21.88 9.80
N SER A 827 -23.64 21.83 9.54
CA SER A 827 -24.63 22.42 10.44
C SER A 827 -24.69 21.65 11.76
N VAL A 828 -24.84 20.33 11.69
CA VAL A 828 -24.86 19.51 12.89
C VAL A 828 -23.48 19.50 13.54
N HIS A 829 -22.43 19.73 12.75
CA HIS A 829 -21.09 19.81 13.30
C HIS A 829 -20.93 21.01 14.23
N GLN A 830 -21.30 22.20 13.75
CA GLN A 830 -21.25 23.38 14.60
C GLN A 830 -22.24 23.30 15.73
N LYS A 831 -23.37 22.61 15.51
CA LYS A 831 -24.37 22.44 16.57
C LYS A 831 -23.81 21.67 17.75
N GLN A 832 -23.27 20.48 17.50
CA GLN A 832 -22.70 19.71 18.59
C GLN A 832 -21.39 20.31 19.09
N GLN A 833 -20.71 21.11 18.26
CA GLN A 833 -19.53 21.83 18.70
C GLN A 833 -19.87 22.85 19.77
N GLN A 834 -20.81 23.75 19.46
CA GLN A 834 -21.26 24.77 20.41
C GLN A 834 -21.91 24.17 21.64
N ASP A 835 -22.70 23.10 21.47
CA ASP A 835 -23.28 22.43 22.62
C ASP A 835 -22.22 21.78 23.49
N LEU A 836 -21.15 21.28 22.87
CA LEU A 836 -20.09 20.66 23.67
C LEU A 836 -19.29 21.70 24.42
N VAL A 837 -19.02 22.84 23.79
CA VAL A 837 -18.27 23.88 24.47
C VAL A 837 -19.08 24.47 25.62
N ASN A 838 -20.38 24.71 25.39
CA ASN A 838 -21.24 25.19 26.47
C ASN A 838 -21.66 24.10 27.44
N ASP A 839 -21.33 22.84 27.14
CA ASP A 839 -21.43 21.79 28.14
C ASP A 839 -20.17 21.66 28.97
N ALA A 840 -19.01 21.97 28.38
CA ALA A 840 -17.76 21.89 29.14
C ALA A 840 -17.70 22.99 30.19
N LEU A 841 -18.34 24.12 29.94
CA LEU A 841 -18.44 25.18 30.92
C LEU A 841 -19.86 25.12 31.47
N ASN A 842 -20.03 24.40 32.57
CA ASN A 842 -21.36 24.04 33.01
C ASN A 842 -21.77 24.72 34.31
N VAL A 843 -20.85 24.86 35.26
CA VAL A 843 -21.24 25.18 36.64
C VAL A 843 -21.60 26.64 36.86
N GLU A 844 -21.60 27.48 35.83
CA GLU A 844 -21.96 28.88 36.00
C GLU A 844 -23.45 29.06 36.24
N ASP B 1 18.87 -2.30 -54.94
CA ASP B 1 19.48 -1.00 -54.76
C ASP B 1 18.39 0.01 -54.44
N THR B 2 17.18 -0.26 -54.91
CA THR B 2 16.02 0.58 -54.63
C THR B 2 15.08 -0.02 -53.60
N ASN B 3 15.15 -1.33 -53.36
CA ASN B 3 14.33 -1.97 -52.33
C ASN B 3 14.97 -1.93 -50.96
N VAL B 4 16.25 -1.54 -50.88
CA VAL B 4 16.87 -1.39 -49.58
C VAL B 4 16.30 -0.19 -48.85
N LYS B 5 15.89 0.85 -49.58
CA LYS B 5 15.19 1.96 -48.95
C LYS B 5 13.76 1.57 -48.61
N GLN B 6 13.18 0.64 -49.38
CA GLN B 6 11.85 0.11 -49.05
C GLN B 6 11.87 -0.60 -47.71
N VAL B 7 12.81 -1.54 -47.53
CA VAL B 7 12.88 -2.23 -46.25
C VAL B 7 13.42 -1.32 -45.15
N LYS B 8 14.18 -0.28 -45.51
CA LYS B 8 14.66 0.66 -44.50
C LYS B 8 13.54 1.52 -43.97
N VAL B 9 12.62 1.96 -44.83
CA VAL B 9 11.48 2.72 -44.33
C VAL B 9 10.47 1.79 -43.68
N LEU B 10 10.47 0.49 -44.00
CA LEU B 10 9.69 -0.44 -43.19
C LEU B 10 10.26 -0.57 -41.79
N GLN B 11 11.60 -0.59 -41.68
CA GLN B 11 12.25 -0.60 -40.37
C GLN B 11 11.95 0.67 -39.58
N LEU B 12 12.12 1.82 -40.22
CA LEU B 12 11.84 3.08 -39.55
C LEU B 12 10.36 3.28 -39.27
N ILE B 13 9.46 2.68 -40.05
CA ILE B 13 8.06 2.86 -39.70
C ILE B 13 7.67 1.90 -38.60
N ASN B 14 8.36 0.76 -38.46
CA ASN B 14 8.09 -0.09 -37.31
C ASN B 14 8.62 0.58 -36.03
N ALA B 15 9.83 1.12 -36.08
CA ALA B 15 10.38 1.86 -34.95
C ALA B 15 9.63 3.16 -34.70
N TYR B 16 8.89 3.66 -35.69
CA TYR B 16 8.03 4.81 -35.49
C TYR B 16 6.65 4.40 -34.99
N ARG B 17 6.29 3.13 -35.14
CA ARG B 17 5.13 2.59 -34.46
C ARG B 17 5.42 2.33 -32.99
N PHE B 18 6.67 2.01 -32.65
CA PHE B 18 7.04 1.87 -31.24
C PHE B 18 6.99 3.21 -30.52
N ARG B 19 7.74 4.19 -31.00
CA ARG B 19 7.94 5.44 -30.27
C ARG B 19 7.53 6.63 -31.12
N GLY B 20 6.35 6.56 -31.72
CA GLY B 20 5.86 7.73 -32.42
C GLY B 20 5.06 8.63 -31.50
N HIS B 21 4.65 8.09 -30.36
CA HIS B 21 3.74 8.80 -29.47
C HIS B 21 4.39 9.95 -28.72
N GLN B 22 5.71 9.94 -28.55
CA GLN B 22 6.33 11.08 -27.87
C GLN B 22 6.57 12.24 -28.81
N HIS B 23 6.50 12.01 -30.11
CA HIS B 23 6.52 13.11 -31.06
C HIS B 23 5.14 13.76 -31.20
N ALA B 24 4.10 13.12 -30.65
CA ALA B 24 2.73 13.56 -30.83
C ALA B 24 2.45 14.79 -29.98
N ASN B 25 1.38 15.48 -30.35
CA ASN B 25 0.93 16.68 -29.65
C ASN B 25 -0.23 16.28 -28.74
N LEU B 26 -0.02 16.40 -27.44
CA LEU B 26 -0.98 15.93 -26.46
C LEU B 26 -1.49 17.00 -25.52
N ASP B 27 -0.70 18.00 -25.21
CA ASP B 27 -1.09 18.95 -24.19
C ASP B 27 -2.12 19.91 -24.77
N PRO B 28 -3.28 20.07 -24.12
CA PRO B 28 -4.24 21.07 -24.61
C PRO B 28 -3.75 22.50 -24.48
N LEU B 29 -2.74 22.78 -23.66
CA LEU B 29 -2.15 24.10 -23.59
C LEU B 29 -0.73 24.19 -24.15
N GLY B 30 -0.02 23.07 -24.29
CA GLY B 30 1.29 23.10 -24.91
C GLY B 30 2.44 23.35 -23.97
N LEU B 31 2.50 22.64 -22.85
CA LEU B 31 3.65 22.67 -21.95
C LEU B 31 4.11 21.26 -21.57
N TYR B 32 3.67 20.25 -22.31
CA TYR B 32 4.12 18.87 -22.14
C TYR B 32 5.17 18.52 -23.18
N GLN B 33 5.57 19.50 -23.98
CA GLN B 33 6.44 19.26 -25.13
C GLN B 33 7.89 19.13 -24.68
N GLN B 34 8.51 18.04 -25.10
CA GLN B 34 9.93 17.83 -24.86
C GLN B 34 10.74 18.15 -26.11
N ASP B 35 12.06 18.33 -25.92
CA ASP B 35 12.94 18.64 -27.04
C ASP B 35 13.45 17.39 -27.73
N LYS B 36 13.38 16.23 -27.06
CA LYS B 36 13.83 14.97 -27.63
C LYS B 36 12.67 14.37 -28.43
N VAL B 37 12.31 15.02 -29.52
CA VAL B 37 11.23 14.60 -30.39
C VAL B 37 11.74 14.24 -31.77
N ALA B 38 12.92 14.73 -32.14
CA ALA B 38 13.55 14.38 -33.41
C ALA B 38 14.90 13.73 -33.08
N ASP B 39 14.85 12.46 -32.71
CA ASP B 39 16.03 11.63 -32.45
C ASP B 39 15.67 10.20 -32.84
N LEU B 40 16.03 9.82 -34.06
CA LEU B 40 15.75 8.55 -34.74
C LEU B 40 14.26 8.31 -34.96
N ASP B 41 13.42 9.29 -34.67
CA ASP B 41 11.98 9.19 -34.88
C ASP B 41 11.62 9.39 -36.36
N PRO B 42 11.87 10.54 -37.02
CA PRO B 42 11.27 10.74 -38.34
C PRO B 42 12.09 10.04 -39.42
N SER B 43 11.73 10.33 -40.67
CA SER B 43 12.51 9.83 -41.79
C SER B 43 13.80 10.60 -42.00
N PHE B 44 13.76 11.91 -41.79
CA PHE B 44 14.83 12.82 -42.18
C PHE B 44 16.11 12.64 -41.38
N HIS B 45 16.04 12.05 -40.18
CA HIS B 45 17.22 11.96 -39.33
C HIS B 45 18.22 10.93 -39.85
N ASP B 46 17.82 9.66 -39.87
CA ASP B 46 18.74 8.56 -40.20
C ASP B 46 18.42 8.01 -41.59
N LEU B 47 19.28 8.37 -42.55
CA LEU B 47 19.54 7.73 -43.85
C LEU B 47 18.45 7.96 -44.89
N THR B 48 17.30 8.53 -44.53
CA THR B 48 16.28 8.85 -45.51
C THR B 48 16.00 10.34 -45.49
N GLU B 49 15.39 10.81 -46.58
CA GLU B 49 15.10 12.23 -46.76
C GLU B 49 13.89 12.36 -47.66
N ALA B 50 13.56 13.61 -47.98
CA ALA B 50 12.45 13.88 -48.88
C ALA B 50 12.97 14.12 -50.30
N ASP B 51 12.08 14.65 -51.13
CA ASP B 51 12.29 14.94 -52.55
C ASP B 51 12.70 13.67 -53.32
N PHE B 52 11.77 12.72 -53.29
CA PHE B 52 11.90 11.47 -54.04
C PHE B 52 10.83 11.34 -55.12
N GLN B 53 9.60 11.74 -54.80
CA GLN B 53 8.38 11.57 -55.58
C GLN B 53 8.08 10.11 -55.91
N GLU B 54 8.65 9.15 -55.18
CA GLU B 54 8.37 7.74 -55.37
C GLU B 54 8.66 6.99 -54.07
N THR B 55 7.68 6.21 -53.64
CA THR B 55 7.83 5.19 -52.61
C THR B 55 6.67 4.23 -52.81
N PHE B 56 6.99 2.96 -53.00
CA PHE B 56 5.93 2.03 -53.33
C PHE B 56 5.27 1.55 -52.03
N ASN B 57 4.27 0.67 -52.16
CA ASN B 57 3.47 0.29 -51.02
C ASN B 57 4.08 -0.99 -50.43
N VAL B 58 3.23 -1.77 -49.75
CA VAL B 58 3.66 -3.01 -49.13
C VAL B 58 4.14 -4.04 -50.17
N GLY B 59 3.84 -3.83 -51.45
CA GLY B 59 4.36 -4.65 -52.53
C GLY B 59 3.22 -5.64 -52.74
N SER B 60 3.59 -6.90 -53.00
CA SER B 60 2.71 -7.92 -53.59
C SER B 60 1.38 -8.03 -52.88
N PHE B 61 1.33 -7.62 -51.60
CA PHE B 61 0.08 -7.63 -50.85
C PHE B 61 -0.86 -6.56 -51.37
N ALA B 62 -2.04 -7.00 -51.81
CA ALA B 62 -3.01 -6.13 -52.47
C ALA B 62 -3.77 -5.25 -51.49
N SER B 63 -3.17 -4.15 -51.02
CA SER B 63 -3.85 -3.27 -50.08
C SER B 63 -4.95 -2.44 -50.73
N GLY B 64 -4.93 -2.32 -52.06
CA GLY B 64 -5.90 -1.49 -52.74
C GLY B 64 -5.65 -0.01 -52.56
N LYS B 65 -4.43 0.37 -52.19
CA LYS B 65 -4.11 1.74 -51.84
C LYS B 65 -3.30 2.41 -52.94
N GLU B 66 -3.09 3.71 -52.78
CA GLU B 66 -2.36 4.49 -53.76
C GLU B 66 -1.14 5.17 -53.13
N THR B 67 -0.45 4.44 -52.24
CA THR B 67 0.66 5.00 -51.47
C THR B 67 1.84 5.34 -52.37
N MET B 68 2.11 6.65 -52.50
CA MET B 68 3.00 7.16 -53.52
C MET B 68 4.32 7.70 -53.00
N LYS B 69 4.39 8.08 -51.72
CA LYS B 69 5.54 8.82 -51.23
C LYS B 69 5.71 8.55 -49.75
N LEU B 70 6.98 8.41 -49.33
CA LEU B 70 7.27 8.26 -47.91
C LEU B 70 6.97 9.54 -47.15
N GLY B 71 7.09 10.69 -47.80
CA GLY B 71 6.56 11.90 -47.23
C GLY B 71 5.04 11.86 -47.11
N GLU B 72 4.38 11.32 -48.14
CA GLU B 72 2.93 11.10 -48.02
C GLU B 72 2.63 10.02 -47.01
N LEU B 73 3.50 9.01 -46.90
CA LEU B 73 3.29 7.95 -45.92
C LEU B 73 3.35 8.50 -44.50
N LEU B 74 4.39 9.27 -44.19
CA LEU B 74 4.50 9.85 -42.86
C LEU B 74 3.48 10.97 -42.64
N GLU B 75 3.04 11.67 -43.68
CA GLU B 75 2.04 12.70 -43.44
C GLU B 75 0.67 12.08 -43.20
N ALA B 76 0.38 10.95 -43.85
CA ALA B 76 -0.85 10.23 -43.57
C ALA B 76 -0.77 9.52 -42.23
N LEU B 77 0.44 9.14 -41.81
CA LEU B 77 0.56 8.31 -40.64
C LEU B 77 0.70 9.13 -39.37
N LYS B 78 1.35 10.30 -39.46
CA LYS B 78 1.36 11.27 -38.38
C LYS B 78 -0.03 11.82 -38.10
N GLN B 79 -0.92 11.80 -39.08
CA GLN B 79 -2.32 12.12 -38.88
C GLN B 79 -3.08 10.97 -38.23
N THR B 80 -2.44 9.82 -38.06
CA THR B 80 -3.02 8.70 -37.33
C THR B 80 -2.32 8.46 -35.99
N TYR B 81 -1.01 8.21 -36.00
CA TYR B 81 -0.35 7.77 -34.77
C TYR B 81 0.15 8.96 -33.97
N CYS B 82 0.50 10.05 -34.65
CA CYS B 82 1.23 11.13 -34.04
C CYS B 82 0.37 12.40 -33.93
N GLY B 83 -0.92 12.27 -34.23
CA GLY B 83 -1.79 13.45 -34.26
C GLY B 83 -2.42 13.74 -32.91
N PRO B 84 -3.74 13.95 -32.82
CA PRO B 84 -4.38 14.28 -31.56
C PRO B 84 -4.19 13.14 -30.54
N ILE B 85 -3.97 11.90 -31.02
CA ILE B 85 -3.88 10.79 -30.08
C ILE B 85 -2.60 10.03 -30.31
N GLY B 86 -2.05 9.50 -29.23
CA GLY B 86 -0.91 8.61 -29.27
C GLY B 86 -1.36 7.23 -28.86
N ALA B 87 -0.75 6.20 -29.42
CA ALA B 87 -1.15 4.82 -29.20
C ALA B 87 0.06 4.03 -28.72
N GLU B 88 0.11 3.74 -27.43
CA GLU B 88 1.22 3.01 -26.83
C GLU B 88 0.78 1.55 -26.77
N TYR B 89 1.00 0.83 -27.87
CA TYR B 89 0.46 -0.51 -28.01
C TYR B 89 1.46 -1.52 -28.54
N MET B 90 2.53 -1.09 -29.21
CA MET B 90 3.37 -2.00 -29.97
C MET B 90 4.20 -2.89 -29.06
N HIS B 91 4.34 -2.54 -27.79
CA HIS B 91 5.15 -3.33 -26.87
C HIS B 91 4.46 -4.61 -26.41
N ILE B 92 3.15 -4.76 -26.63
CA ILE B 92 2.46 -6.00 -26.28
C ILE B 92 2.97 -7.10 -27.20
N THR B 93 3.28 -8.27 -26.64
CA THR B 93 3.87 -9.30 -27.47
C THR B 93 2.84 -10.14 -28.21
N SER B 94 1.56 -10.05 -27.85
CA SER B 94 0.54 -10.88 -28.47
C SER B 94 0.19 -10.31 -29.84
N THR B 95 0.54 -11.04 -30.90
CA THR B 95 0.55 -10.49 -32.25
C THR B 95 -0.86 -10.30 -32.80
N GLU B 96 -1.85 -11.05 -32.29
CA GLU B 96 -3.23 -10.82 -32.67
C GLU B 96 -3.70 -9.44 -32.21
N GLU B 97 -3.27 -9.03 -31.01
CA GLU B 97 -3.63 -7.71 -30.50
C GLU B 97 -3.00 -6.61 -31.34
N LYS B 98 -1.74 -6.83 -31.74
CA LYS B 98 -1.01 -5.87 -32.55
C LYS B 98 -1.66 -5.68 -33.91
N ARG B 99 -2.02 -6.78 -34.56
CA ARG B 99 -2.61 -6.67 -35.89
C ARG B 99 -4.05 -6.19 -35.80
N TRP B 100 -4.72 -6.41 -34.66
CA TRP B 100 -6.06 -5.87 -34.49
C TRP B 100 -6.03 -4.35 -34.35
N ILE B 101 -5.10 -3.83 -33.55
CA ILE B 101 -4.98 -2.38 -33.42
C ILE B 101 -4.47 -1.76 -34.72
N GLN B 102 -3.58 -2.46 -35.44
CA GLN B 102 -3.15 -2.00 -36.76
C GLN B 102 -4.30 -1.93 -37.74
N GLN B 103 -5.24 -2.88 -37.65
CA GLN B 103 -6.40 -2.84 -38.52
C GLN B 103 -7.34 -1.71 -38.12
N ARG B 104 -7.38 -1.38 -36.83
CA ARG B 104 -8.26 -0.28 -36.44
C ARG B 104 -7.69 1.09 -36.78
N ILE B 105 -6.55 1.47 -36.18
CA ILE B 105 -6.19 2.89 -36.16
C ILE B 105 -5.34 3.36 -37.32
N GLU B 106 -5.00 2.47 -38.25
CA GLU B 106 -4.14 2.92 -39.39
C GLU B 106 -4.92 2.90 -40.71
N SER B 107 -5.54 1.76 -41.02
CA SER B 107 -6.29 1.56 -42.28
C SER B 107 -7.52 2.47 -42.38
N GLY B 108 -8.20 2.72 -41.27
CA GLY B 108 -9.44 3.48 -41.31
C GLY B 108 -9.69 4.35 -40.10
N ARG B 109 -9.96 5.64 -40.33
CA ARG B 109 -10.35 6.57 -39.28
C ARG B 109 -11.87 6.63 -39.22
N ALA B 110 -12.42 6.38 -38.03
CA ALA B 110 -13.86 6.42 -37.85
C ALA B 110 -14.37 7.85 -37.84
N THR B 111 -14.81 8.32 -39.00
CA THR B 111 -15.35 9.67 -39.14
C THR B 111 -16.79 9.69 -38.65
N PHE B 112 -17.11 10.69 -37.84
CA PHE B 112 -18.40 10.78 -37.19
C PHE B 112 -19.38 11.57 -38.04
N ASN B 113 -20.66 11.28 -37.87
CA ASN B 113 -21.70 12.03 -38.56
C ASN B 113 -22.00 13.34 -37.82
N SER B 114 -22.95 14.10 -38.34
CA SER B 114 -23.20 15.45 -37.82
C SER B 114 -23.88 15.42 -36.45
N GLU B 115 -24.81 14.49 -36.25
CA GLU B 115 -25.60 14.49 -35.02
C GLU B 115 -24.77 14.09 -33.81
N GLU B 116 -23.85 13.14 -33.96
CA GLU B 116 -22.96 12.80 -32.86
C GLU B 116 -22.03 13.96 -32.51
N LYS B 117 -21.56 14.69 -33.51
CA LYS B 117 -20.79 15.91 -33.26
C LYS B 117 -21.60 16.92 -32.47
N LYS B 118 -22.87 17.08 -32.83
CA LYS B 118 -23.74 18.00 -32.13
C LYS B 118 -23.97 17.56 -30.68
N ARG B 119 -24.13 16.26 -30.45
CA ARG B 119 -24.38 15.84 -29.08
C ARG B 119 -23.11 15.89 -28.24
N PHE B 120 -21.93 15.74 -28.85
CA PHE B 120 -20.70 15.91 -28.07
C PHE B 120 -20.53 17.36 -27.65
N LEU B 121 -20.73 18.29 -28.60
CA LEU B 121 -20.54 19.70 -28.26
C LEU B 121 -21.60 20.14 -27.26
N SER B 122 -22.83 19.60 -27.40
CA SER B 122 -23.89 19.90 -26.46
C SER B 122 -23.57 19.39 -25.07
N GLU B 123 -23.01 18.19 -24.98
CA GLU B 123 -22.83 17.61 -23.66
C GLU B 123 -21.65 18.23 -22.93
N LEU B 124 -20.55 18.50 -23.62
CA LEU B 124 -19.46 19.15 -22.92
C LEU B 124 -19.73 20.62 -22.66
N THR B 125 -20.54 21.25 -23.54
CA THR B 125 -21.04 22.58 -23.27
C THR B 125 -21.89 22.58 -22.01
N ALA B 126 -22.70 21.55 -21.83
CA ALA B 126 -23.46 21.37 -20.62
C ALA B 126 -22.57 21.14 -19.41
N ALA B 127 -21.45 20.44 -19.59
CA ALA B 127 -20.53 20.19 -18.47
C ALA B 127 -19.89 21.48 -17.97
N GLU B 128 -19.36 22.27 -18.90
CA GLU B 128 -18.73 23.52 -18.50
C GLU B 128 -19.77 24.54 -18.04
N GLY B 129 -20.98 24.49 -18.61
CA GLY B 129 -22.05 25.32 -18.11
C GLY B 129 -22.47 24.94 -16.70
N LEU B 130 -22.43 23.65 -16.39
CA LEU B 130 -22.71 23.19 -15.03
C LEU B 130 -21.70 23.74 -14.04
N GLU B 131 -20.41 23.60 -14.35
CA GLU B 131 -19.44 24.03 -13.35
C GLU B 131 -19.38 25.55 -13.25
N ARG B 132 -19.66 26.28 -14.33
CA ARG B 132 -19.74 27.73 -14.17
C ARG B 132 -21.00 28.15 -13.45
N TYR B 133 -22.08 27.38 -13.57
CA TYR B 133 -23.29 27.69 -12.81
C TYR B 133 -23.08 27.43 -11.33
N LEU B 134 -22.34 26.36 -11.01
CA LEU B 134 -21.99 26.08 -9.62
C LEU B 134 -21.12 27.18 -9.05
N GLY B 135 -20.20 27.70 -9.85
CA GLY B 135 -19.44 28.87 -9.41
C GLY B 135 -20.30 30.11 -9.28
N ALA B 136 -21.36 30.20 -10.10
CA ALA B 136 -22.22 31.39 -10.07
C ALA B 136 -23.04 31.43 -8.80
N LYS B 137 -23.72 30.33 -8.45
CA LYS B 137 -24.51 30.35 -7.23
C LYS B 137 -23.63 30.31 -5.99
N PHE B 138 -22.85 29.25 -5.85
CA PHE B 138 -22.07 29.02 -4.64
C PHE B 138 -20.62 29.39 -4.88
N PRO B 139 -20.14 30.47 -4.31
CA PRO B 139 -18.79 30.95 -4.68
C PRO B 139 -17.65 30.16 -4.07
N GLY B 140 -17.71 29.85 -2.78
CA GLY B 140 -16.59 29.18 -2.16
C GLY B 140 -16.98 27.84 -1.55
N ALA B 141 -16.48 26.77 -2.14
CA ALA B 141 -16.81 25.43 -1.67
C ALA B 141 -15.75 24.47 -2.16
N LYS B 142 -15.73 23.29 -1.55
CA LYS B 142 -14.93 22.16 -2.01
C LYS B 142 -15.55 21.68 -3.32
N ARG B 143 -15.19 22.34 -4.40
CA ARG B 143 -15.92 22.11 -5.64
C ARG B 143 -15.29 21.00 -6.48
N PHE B 144 -13.96 21.02 -6.60
CA PHE B 144 -13.17 20.11 -7.45
C PHE B 144 -13.67 20.16 -8.89
N SER B 145 -13.42 21.31 -9.49
CA SER B 145 -13.86 21.60 -10.85
C SER B 145 -13.22 20.64 -11.82
N LEU B 146 -14.01 20.17 -12.79
CA LEU B 146 -13.44 19.27 -13.79
C LEU B 146 -12.58 20.06 -14.78
N GLU B 147 -13.22 20.89 -15.60
CA GLU B 147 -12.59 21.89 -16.47
C GLU B 147 -11.66 21.30 -17.53
N GLY B 148 -11.56 19.98 -17.64
CA GLY B 148 -10.82 19.36 -18.72
C GLY B 148 -11.80 18.97 -19.79
N ASP B 149 -13.03 18.70 -19.37
CA ASP B 149 -14.25 18.65 -20.18
C ASP B 149 -14.31 17.49 -21.16
N ALA B 150 -13.24 16.72 -21.32
CA ALA B 150 -13.30 15.60 -22.24
C ALA B 150 -13.90 14.37 -21.59
N LEU B 151 -14.01 14.36 -20.26
CA LEU B 151 -14.40 13.17 -19.53
C LEU B 151 -15.88 12.86 -19.75
N ILE B 152 -16.72 13.89 -19.73
CA ILE B 152 -18.17 13.69 -19.89
C ILE B 152 -18.55 13.10 -21.24
N PRO B 153 -18.08 13.63 -22.40
CA PRO B 153 -18.51 13.00 -23.66
C PRO B 153 -17.95 11.60 -23.86
N MET B 154 -16.74 11.32 -23.42
CA MET B 154 -16.22 9.97 -23.63
C MET B 154 -16.85 8.97 -22.68
N LEU B 155 -17.21 9.39 -21.46
CA LEU B 155 -18.01 8.53 -20.59
C LEU B 155 -19.35 8.20 -21.21
N LYS B 156 -20.07 9.21 -21.71
CA LYS B 156 -21.38 8.93 -22.27
C LYS B 156 -21.27 8.17 -23.59
N GLU B 157 -20.18 8.38 -24.33
CA GLU B 157 -20.00 7.64 -25.58
C GLU B 157 -19.69 6.18 -25.30
N MET B 158 -18.87 5.91 -24.29
CA MET B 158 -18.55 4.54 -23.94
C MET B 158 -19.74 3.83 -23.31
N ILE B 159 -20.60 4.56 -22.61
CA ILE B 159 -21.84 3.97 -22.12
C ILE B 159 -22.76 3.62 -23.29
N ARG B 160 -22.84 4.49 -24.30
CA ARG B 160 -23.65 4.18 -25.49
C ARG B 160 -23.10 2.98 -26.25
N HIS B 161 -21.77 2.92 -26.42
CA HIS B 161 -21.19 1.83 -27.17
C HIS B 161 -21.21 0.53 -26.38
N ALA B 162 -21.24 0.60 -25.05
CA ALA B 162 -21.42 -0.61 -24.26
C ALA B 162 -22.86 -1.06 -24.31
N GLY B 163 -23.80 -0.12 -24.45
CA GLY B 163 -25.18 -0.49 -24.66
C GLY B 163 -25.38 -1.19 -25.98
N ASN B 164 -24.70 -0.74 -27.03
CA ASN B 164 -24.84 -1.41 -28.32
C ASN B 164 -24.15 -2.77 -28.36
N SER B 165 -23.28 -3.07 -27.39
CA SER B 165 -22.66 -4.38 -27.30
C SER B 165 -23.16 -5.17 -26.10
N GLY B 166 -24.25 -4.72 -25.47
CA GLY B 166 -24.91 -5.52 -24.46
C GLY B 166 -24.17 -5.63 -23.15
N THR B 167 -24.02 -4.52 -22.45
CA THR B 167 -23.45 -4.51 -21.11
C THR B 167 -24.47 -3.96 -20.14
N ARG B 168 -25.07 -4.83 -19.34
CA ARG B 168 -26.26 -4.45 -18.61
C ARG B 168 -25.96 -3.61 -17.37
N GLU B 169 -24.82 -3.83 -16.72
CA GLU B 169 -24.51 -3.03 -15.54
C GLU B 169 -23.03 -2.73 -15.47
N VAL B 170 -22.70 -1.45 -15.64
CA VAL B 170 -21.34 -0.94 -15.72
C VAL B 170 -21.14 0.03 -14.56
N VAL B 171 -20.21 -0.29 -13.69
CA VAL B 171 -20.03 0.53 -12.50
C VAL B 171 -18.65 1.17 -12.55
N LEU B 172 -18.59 2.43 -12.15
CA LEU B 172 -17.37 3.20 -12.19
C LEU B 172 -17.05 3.71 -10.80
N GLY B 173 -15.81 3.52 -10.37
CA GLY B 173 -15.30 4.17 -9.19
C GLY B 173 -14.33 5.24 -9.66
N MET B 174 -14.30 6.35 -8.93
CA MET B 174 -13.43 7.43 -9.35
C MET B 174 -12.99 8.26 -8.17
N ALA B 175 -11.99 9.08 -8.43
CA ALA B 175 -11.36 9.90 -7.42
C ALA B 175 -12.24 11.10 -7.10
N HIS B 176 -11.69 12.05 -6.35
CA HIS B 176 -12.52 13.15 -5.86
C HIS B 176 -12.81 14.16 -6.95
N ARG B 177 -11.89 14.42 -7.86
CA ARG B 177 -12.10 15.51 -8.78
C ARG B 177 -12.86 15.03 -10.00
N GLY B 178 -13.64 15.94 -10.57
CA GLY B 178 -14.59 15.55 -11.59
C GLY B 178 -15.75 14.75 -11.04
N ARG B 179 -16.10 14.97 -9.78
CA ARG B 179 -17.15 14.15 -9.18
C ARG B 179 -18.52 14.65 -9.56
N LEU B 180 -18.78 15.93 -9.28
CA LEU B 180 -20.13 16.47 -9.40
C LEU B 180 -20.55 16.59 -10.85
N ASN B 181 -19.60 16.78 -11.75
CA ASN B 181 -19.93 16.87 -13.16
C ASN B 181 -20.42 15.52 -13.69
N VAL B 182 -19.81 14.42 -13.25
CA VAL B 182 -20.30 13.12 -13.70
C VAL B 182 -21.56 12.73 -12.95
N LEU B 183 -21.72 13.19 -11.71
CA LEU B 183 -22.97 12.93 -11.00
C LEU B 183 -24.15 13.62 -11.66
N VAL B 184 -23.95 14.82 -12.20
CA VAL B 184 -25.06 15.52 -12.82
C VAL B 184 -25.23 15.06 -14.26
N ASN B 185 -24.22 15.32 -15.08
CA ASN B 185 -24.41 15.22 -16.52
C ASN B 185 -24.20 13.82 -17.10
N VAL B 186 -23.87 12.84 -16.28
CA VAL B 186 -23.71 11.51 -16.85
C VAL B 186 -24.72 10.56 -16.22
N LEU B 187 -24.68 10.41 -14.90
CA LEU B 187 -25.61 9.50 -14.27
C LEU B 187 -26.99 10.13 -14.17
N GLY B 188 -27.05 11.41 -13.84
CA GLY B 188 -28.32 12.08 -13.67
C GLY B 188 -28.81 12.12 -12.25
N LYS B 189 -27.97 12.55 -11.32
CA LYS B 189 -28.46 12.83 -9.99
C LYS B 189 -29.34 14.06 -10.04
N LYS B 190 -30.31 14.13 -9.13
CA LYS B 190 -31.24 15.24 -9.04
C LYS B 190 -30.47 16.51 -8.71
N PRO B 191 -30.45 17.50 -9.61
CA PRO B 191 -29.61 18.68 -9.37
C PRO B 191 -30.08 19.52 -8.22
N GLN B 192 -31.39 19.57 -8.00
CA GLN B 192 -31.95 20.39 -6.92
C GLN B 192 -31.53 19.87 -5.56
N ASP B 193 -31.45 18.56 -5.40
CA ASP B 193 -30.94 18.01 -4.14
C ASP B 193 -29.46 18.29 -3.99
N LEU B 194 -28.72 18.32 -5.09
CA LEU B 194 -27.30 18.68 -5.03
C LEU B 194 -27.11 20.13 -4.62
N PHE B 195 -27.93 21.04 -5.16
CA PHE B 195 -27.85 22.42 -4.73
C PHE B 195 -28.37 22.60 -3.32
N ASP B 196 -29.28 21.72 -2.86
CA ASP B 196 -29.73 21.80 -1.49
C ASP B 196 -28.63 21.40 -0.53
N GLU B 197 -27.86 20.38 -0.87
CA GLU B 197 -26.78 19.98 0.04
C GLU B 197 -25.54 20.85 -0.12
N PHE B 198 -25.36 21.53 -1.24
CA PHE B 198 -24.48 22.70 -1.26
C PHE B 198 -24.96 23.76 -0.29
N ALA B 199 -26.26 24.07 -0.32
CA ALA B 199 -26.85 24.98 0.64
C ALA B 199 -26.99 24.35 2.02
N GLY B 200 -26.81 23.04 2.13
CA GLY B 200 -26.84 22.41 3.41
C GLY B 200 -28.25 22.25 3.95
N LYS B 201 -28.29 21.91 5.25
CA LYS B 201 -29.50 21.57 6.00
C LYS B 201 -30.24 20.42 5.28
N HIS B 202 -29.57 19.29 5.22
CA HIS B 202 -30.08 18.14 4.50
C HIS B 202 -30.30 16.99 5.48
N LYS B 203 -31.30 16.16 5.18
CA LYS B 203 -31.79 15.09 6.04
C LYS B 203 -31.80 13.78 5.27
N GLU B 204 -30.66 13.45 4.67
CA GLU B 204 -30.61 12.31 3.76
C GLU B 204 -30.73 10.98 4.50
N HIS B 205 -29.98 10.81 5.59
CA HIS B 205 -30.07 9.58 6.37
C HIS B 205 -29.93 9.89 7.85
N LEU B 206 -30.19 8.87 8.65
CA LEU B 206 -30.03 8.96 10.10
C LEU B 206 -28.57 8.78 10.51
N GLY B 207 -27.70 8.32 9.61
CA GLY B 207 -26.29 8.20 9.90
C GLY B 207 -25.60 9.56 9.95
N THR B 208 -24.28 9.50 10.12
CA THR B 208 -23.51 10.71 10.33
C THR B 208 -23.17 11.45 9.05
N GLY B 209 -23.46 10.88 7.89
CA GLY B 209 -23.24 11.60 6.66
C GLY B 209 -21.79 11.65 6.24
N ASP B 210 -21.56 12.40 5.17
CA ASP B 210 -20.26 12.54 4.51
C ASP B 210 -20.39 13.76 3.62
N VAL B 211 -19.24 14.28 3.16
CA VAL B 211 -19.26 15.46 2.30
C VAL B 211 -19.86 15.11 0.95
N LYS B 212 -20.37 16.14 0.27
CA LYS B 212 -21.22 16.00 -0.89
C LYS B 212 -20.52 15.40 -2.10
N TYR B 213 -19.19 15.38 -2.11
CA TYR B 213 -18.43 14.85 -3.23
C TYR B 213 -17.88 13.46 -2.95
N HIS B 214 -18.42 12.79 -1.93
CA HIS B 214 -18.10 11.40 -1.69
C HIS B 214 -19.24 10.44 -1.96
N MET B 215 -20.48 10.88 -1.85
CA MET B 215 -21.63 9.99 -2.02
C MET B 215 -21.78 9.63 -3.49
N GLY B 216 -21.47 8.39 -3.82
CA GLY B 216 -21.76 7.83 -5.11
C GLY B 216 -23.24 7.54 -5.26
N PHE B 217 -23.59 7.00 -6.43
CA PHE B 217 -24.99 7.10 -6.82
C PHE B 217 -25.31 6.08 -7.88
N SER B 218 -26.44 5.40 -7.73
CA SER B 218 -26.89 4.44 -8.72
C SER B 218 -27.91 5.09 -9.63
N SER B 219 -27.97 4.62 -10.88
CA SER B 219 -28.93 5.16 -11.82
C SER B 219 -29.17 4.16 -12.93
N ASP B 220 -30.28 4.37 -13.61
CA ASP B 220 -30.69 3.55 -14.74
C ASP B 220 -30.58 4.41 -15.99
N PHE B 221 -30.00 3.85 -17.03
CA PHE B 221 -29.61 4.66 -18.18
C PHE B 221 -30.16 3.98 -19.43
N GLN B 222 -30.62 4.78 -20.37
CA GLN B 222 -31.24 4.25 -21.57
C GLN B 222 -30.30 4.46 -22.75
N THR B 223 -29.95 3.38 -23.41
CA THR B 223 -29.20 3.46 -24.66
C THR B 223 -30.01 2.83 -25.77
N ASP B 224 -29.37 2.70 -26.93
CA ASP B 224 -30.01 2.10 -28.08
C ASP B 224 -29.92 0.58 -28.07
N GLY B 225 -29.33 -0.01 -27.03
CA GLY B 225 -29.26 -1.45 -26.90
C GLY B 225 -30.09 -1.97 -25.76
N GLY B 226 -30.56 -1.07 -24.92
CA GLY B 226 -31.47 -1.43 -23.85
C GLY B 226 -31.15 -0.65 -22.60
N LEU B 227 -31.71 -1.13 -21.49
CA LEU B 227 -31.48 -0.52 -20.20
C LEU B 227 -30.07 -0.88 -19.72
N VAL B 228 -29.43 0.05 -19.01
CA VAL B 228 -28.11 -0.13 -18.44
C VAL B 228 -28.16 0.32 -16.99
N HIS B 229 -27.82 -0.57 -16.07
CA HIS B 229 -27.92 -0.29 -14.64
C HIS B 229 -26.56 0.16 -14.12
N LEU B 230 -26.27 1.45 -14.21
CA LEU B 230 -24.93 1.93 -13.94
C LEU B 230 -24.85 2.63 -12.59
N ALA B 231 -23.80 2.32 -11.84
CA ALA B 231 -23.65 2.81 -10.48
C ALA B 231 -22.30 3.51 -10.34
N LEU B 232 -22.18 4.32 -9.30
CA LEU B 232 -20.94 5.01 -8.97
C LEU B 232 -20.62 4.66 -7.55
N ALA B 233 -19.49 4.00 -7.36
CA ALA B 233 -19.12 3.45 -6.06
C ALA B 233 -18.74 4.56 -5.10
N PHE B 234 -18.75 4.22 -3.81
CA PHE B 234 -18.43 5.18 -2.79
C PHE B 234 -16.92 5.33 -2.71
N ASN B 235 -16.47 6.24 -1.88
CA ASN B 235 -15.08 6.66 -1.87
C ASN B 235 -14.83 7.43 -0.59
N PRO B 236 -13.80 7.11 0.16
CA PRO B 236 -13.43 7.98 1.28
C PRO B 236 -12.54 9.11 0.82
N SER B 237 -12.00 9.88 1.77
CA SER B 237 -11.08 10.96 1.40
C SER B 237 -9.76 10.43 0.86
N HIS B 238 -9.40 9.18 1.19
CA HIS B 238 -8.28 8.53 0.53
C HIS B 238 -8.55 8.35 -0.94
N LEU B 239 -7.49 8.37 -1.70
CA LEU B 239 -7.63 8.19 -3.13
C LEU B 239 -7.08 6.82 -3.47
N GLU B 240 -7.52 6.31 -4.61
CA GLU B 240 -6.95 5.22 -5.39
C GLU B 240 -7.22 3.86 -4.74
N ILE B 241 -7.95 3.84 -3.64
CA ILE B 241 -8.29 2.59 -2.99
C ILE B 241 -9.58 2.08 -3.61
N VAL B 242 -10.21 2.88 -4.47
CA VAL B 242 -11.51 2.51 -4.98
C VAL B 242 -11.49 1.56 -6.17
N SER B 243 -10.36 1.42 -6.85
CA SER B 243 -10.40 0.46 -7.96
C SER B 243 -10.45 -1.01 -7.55
N PRO B 244 -9.83 -1.47 -6.45
CA PRO B 244 -10.18 -2.82 -6.00
C PRO B 244 -11.58 -2.92 -5.45
N VAL B 245 -12.14 -1.83 -4.93
CA VAL B 245 -13.54 -1.84 -4.54
C VAL B 245 -14.43 -2.07 -5.75
N VAL B 246 -14.13 -1.41 -6.86
CA VAL B 246 -15.03 -1.54 -8.00
C VAL B 246 -14.79 -2.85 -8.74
N ILE B 247 -13.60 -3.43 -8.67
CA ILE B 247 -13.45 -4.75 -9.27
C ILE B 247 -14.10 -5.81 -8.40
N GLY B 248 -14.12 -5.60 -7.08
CA GLY B 248 -14.96 -6.43 -6.23
C GLY B 248 -16.43 -6.31 -6.55
N SER B 249 -16.87 -5.09 -6.87
CA SER B 249 -18.26 -4.89 -7.20
C SER B 249 -18.63 -5.58 -8.50
N VAL B 250 -17.75 -5.54 -9.50
CA VAL B 250 -18.12 -6.23 -10.72
C VAL B 250 -17.98 -7.74 -10.61
N ARG B 251 -17.12 -8.25 -9.73
CA ARG B 251 -17.14 -9.70 -9.59
C ARG B 251 -18.37 -10.15 -8.81
N ALA B 252 -18.88 -9.30 -7.92
CA ALA B 252 -20.16 -9.61 -7.29
C ALA B 252 -21.30 -9.55 -8.29
N ARG B 253 -21.24 -8.62 -9.24
CA ARG B 253 -22.31 -8.55 -10.21
C ARG B 253 -22.17 -9.61 -11.30
N LEU B 254 -20.99 -10.21 -11.44
CA LEU B 254 -20.87 -11.36 -12.32
C LEU B 254 -21.28 -12.66 -11.66
N ASP B 255 -21.08 -12.81 -10.36
CA ASP B 255 -21.56 -14.05 -9.75
C ASP B 255 -23.06 -14.06 -9.51
N ARG B 256 -23.72 -12.91 -9.46
CA ARG B 256 -25.18 -12.96 -9.42
C ARG B 256 -25.79 -13.27 -10.78
N LEU B 257 -25.02 -13.14 -11.87
CA LEU B 257 -25.49 -13.70 -13.12
C LEU B 257 -25.33 -15.20 -13.12
N ASP B 258 -25.98 -15.86 -14.08
CA ASP B 258 -25.85 -17.30 -14.21
C ASP B 258 -24.47 -17.67 -14.70
N GLU B 259 -23.92 -16.86 -15.61
CA GLU B 259 -22.66 -17.17 -16.25
C GLU B 259 -21.81 -15.92 -16.32
N PRO B 260 -20.51 -16.02 -16.02
CA PRO B 260 -19.63 -14.85 -16.12
C PRO B 260 -19.22 -14.53 -17.55
N SER B 261 -20.19 -14.16 -18.37
CA SER B 261 -19.90 -13.51 -19.64
C SER B 261 -19.43 -12.11 -19.32
N SER B 262 -18.11 -11.91 -19.36
CA SER B 262 -17.49 -10.73 -18.78
C SER B 262 -17.72 -9.46 -19.59
N ASN B 263 -18.26 -9.56 -20.80
CA ASN B 263 -18.62 -8.34 -21.52
C ASN B 263 -19.87 -7.68 -20.97
N LYS B 264 -20.74 -8.44 -20.31
CA LYS B 264 -22.02 -7.89 -19.89
C LYS B 264 -21.93 -7.04 -18.65
N VAL B 265 -20.82 -7.10 -17.92
CA VAL B 265 -20.60 -6.24 -16.76
C VAL B 265 -19.24 -5.56 -16.94
N LEU B 266 -19.23 -4.24 -16.82
CA LEU B 266 -18.06 -3.44 -17.14
C LEU B 266 -17.62 -2.60 -15.94
N PRO B 267 -16.42 -2.73 -15.47
CA PRO B 267 -15.89 -1.72 -14.55
C PRO B 267 -15.16 -0.62 -15.28
N ILE B 268 -15.47 0.61 -14.97
CA ILE B 268 -14.64 1.74 -15.36
C ILE B 268 -14.00 2.24 -14.07
N THR B 269 -12.85 2.88 -14.17
CA THR B 269 -12.29 3.55 -13.01
C THR B 269 -11.60 4.80 -13.51
N ILE B 270 -11.92 5.93 -12.92
CA ILE B 270 -11.21 7.15 -13.27
C ILE B 270 -10.17 7.39 -12.19
N HIS B 271 -8.92 7.52 -12.59
CA HIS B 271 -7.85 7.69 -11.62
C HIS B 271 -7.42 9.14 -11.57
N GLY B 272 -6.71 9.45 -10.50
CA GLY B 272 -6.19 10.78 -10.30
C GLY B 272 -4.98 11.08 -11.18
N ASP B 273 -4.47 12.29 -10.98
CA ASP B 273 -3.36 12.78 -11.78
C ASP B 273 -2.05 12.10 -11.41
N ALA B 274 -1.59 12.31 -10.18
CA ALA B 274 -0.35 11.70 -9.70
C ALA B 274 -0.62 10.56 -8.75
N ALA B 275 -1.68 9.80 -8.96
CA ALA B 275 -2.02 8.70 -8.10
C ALA B 275 -2.18 7.37 -8.81
N VAL B 276 -2.32 7.36 -10.13
CA VAL B 276 -2.21 6.08 -10.85
C VAL B 276 -0.76 5.63 -10.87
N THR B 277 0.19 6.54 -10.75
CA THR B 277 1.58 6.18 -10.63
C THR B 277 2.06 6.42 -9.21
N GLY B 278 1.39 7.28 -8.46
CA GLY B 278 1.71 7.45 -7.06
C GLY B 278 1.34 6.26 -6.19
N GLN B 279 0.04 6.05 -5.95
CA GLN B 279 -0.41 5.06 -4.98
C GLN B 279 -0.12 3.64 -5.42
N GLY B 280 0.18 2.79 -4.45
CA GLY B 280 0.55 1.42 -4.71
C GLY B 280 -0.61 0.45 -4.73
N VAL B 281 -1.84 0.94 -4.65
CA VAL B 281 -2.96 0.02 -4.71
C VAL B 281 -3.19 -0.43 -6.14
N VAL B 282 -2.88 0.43 -7.12
CA VAL B 282 -3.12 0.07 -8.51
C VAL B 282 -2.16 -1.00 -8.99
N GLN B 283 -0.97 -1.09 -8.40
CA GLN B 283 -0.06 -2.18 -8.70
C GLN B 283 -0.70 -3.50 -8.36
N GLU B 284 -1.27 -3.58 -7.16
CA GLU B 284 -1.89 -4.81 -6.72
C GLU B 284 -3.15 -5.08 -7.52
N THR B 285 -3.91 -4.04 -7.88
CA THR B 285 -5.17 -4.37 -8.51
C THR B 285 -5.04 -4.65 -10.00
N LEU B 286 -4.10 -4.05 -10.71
CA LEU B 286 -3.96 -4.49 -12.09
C LEU B 286 -3.05 -5.70 -12.20
N ASN B 287 -2.27 -6.00 -11.15
CA ASN B 287 -1.72 -7.33 -11.02
C ASN B 287 -2.83 -8.35 -10.90
N MET B 288 -3.78 -8.06 -10.04
CA MET B 288 -4.90 -8.90 -9.71
C MET B 288 -5.88 -9.02 -10.88
N SER B 289 -5.83 -8.09 -11.80
CA SER B 289 -6.67 -8.05 -13.00
C SER B 289 -6.46 -9.20 -13.94
N LYS B 290 -5.61 -10.19 -13.78
CA LYS B 290 -5.70 -11.40 -14.60
C LYS B 290 -5.63 -12.68 -13.79
N ALA B 291 -5.58 -12.61 -12.46
CA ALA B 291 -5.59 -13.81 -11.65
C ALA B 291 -6.97 -14.47 -11.68
N ARG B 292 -6.97 -15.80 -11.68
CA ARG B 292 -8.23 -16.53 -11.63
C ARG B 292 -8.93 -16.29 -10.30
N GLY B 293 -10.25 -16.20 -10.36
CA GLY B 293 -11.04 -15.84 -9.22
C GLY B 293 -11.11 -14.36 -8.93
N TYR B 294 -10.28 -13.57 -9.59
CA TYR B 294 -10.26 -12.13 -9.40
C TYR B 294 -10.46 -11.36 -10.69
N GLU B 295 -10.20 -11.95 -11.84
CA GLU B 295 -10.25 -11.19 -13.07
C GLU B 295 -11.68 -11.07 -13.56
N VAL B 296 -11.94 -9.96 -14.24
CA VAL B 296 -13.21 -9.73 -14.91
C VAL B 296 -12.90 -9.39 -16.36
N GLY B 297 -11.83 -9.99 -16.89
CA GLY B 297 -11.38 -9.64 -18.22
C GLY B 297 -10.71 -8.30 -18.29
N GLY B 298 -10.24 -7.78 -17.17
CA GLY B 298 -9.65 -6.47 -17.15
C GLY B 298 -10.68 -5.40 -16.86
N THR B 299 -10.28 -4.15 -17.09
CA THR B 299 -11.16 -3.02 -16.92
C THR B 299 -10.69 -1.88 -17.82
N VAL B 300 -11.61 -1.01 -18.18
CA VAL B 300 -11.27 0.20 -18.89
C VAL B 300 -11.07 1.26 -17.83
N ARG B 301 -9.85 1.34 -17.29
CA ARG B 301 -9.54 2.33 -16.28
C ARG B 301 -8.90 3.52 -16.96
N ILE B 302 -9.26 4.73 -16.52
CA ILE B 302 -8.97 5.95 -17.25
C ILE B 302 -8.18 6.88 -16.33
N VAL B 303 -7.11 7.46 -16.85
CA VAL B 303 -6.28 8.36 -16.07
C VAL B 303 -6.55 9.78 -16.53
N ILE B 304 -7.04 10.62 -15.63
CA ILE B 304 -7.07 12.05 -15.91
C ILE B 304 -5.66 12.55 -15.64
N ASN B 305 -4.84 12.65 -16.68
CA ASN B 305 -3.51 13.18 -16.50
C ASN B 305 -3.65 14.70 -16.51
N ASN B 306 -3.83 15.26 -15.32
CA ASN B 306 -4.02 16.69 -15.18
C ASN B 306 -2.77 17.49 -15.50
N GLN B 307 -1.63 16.82 -15.56
CA GLN B 307 -0.29 17.41 -15.58
C GLN B 307 -0.03 18.27 -14.35
N VAL B 308 -0.73 18.01 -13.24
CA VAL B 308 -0.44 18.61 -11.95
C VAL B 308 -0.35 17.49 -10.93
N GLY B 309 0.19 17.84 -9.76
CA GLY B 309 0.29 16.89 -8.67
C GLY B 309 -0.20 17.39 -7.33
N PHE B 310 -1.00 18.47 -7.38
CA PHE B 310 -1.56 19.36 -6.33
C PHE B 310 -0.53 20.42 -5.89
N THR B 311 0.70 20.32 -6.31
CA THR B 311 1.70 21.36 -6.22
C THR B 311 2.65 21.37 -7.43
N THR B 312 2.76 20.28 -8.18
CA THR B 312 3.89 20.09 -9.07
C THR B 312 3.66 20.73 -10.42
N SER B 313 4.72 21.30 -10.97
CA SER B 313 4.80 21.75 -12.35
C SER B 313 5.35 20.59 -13.19
N ASN B 314 5.77 20.89 -14.42
CA ASN B 314 6.37 19.92 -15.33
C ASN B 314 7.79 20.32 -15.69
N PRO B 315 8.80 19.98 -14.86
CA PRO B 315 10.18 19.99 -15.38
C PRO B 315 10.52 18.71 -16.13
N LEU B 316 11.79 18.55 -16.50
CA LEU B 316 12.19 17.36 -17.26
C LEU B 316 12.22 16.11 -16.37
N ASP B 317 13.07 16.12 -15.34
CA ASP B 317 13.32 14.92 -14.53
C ASP B 317 12.70 14.99 -13.13
N ALA B 318 11.96 16.05 -12.82
CA ALA B 318 11.09 16.03 -11.64
C ALA B 318 9.91 15.11 -11.83
N ARG B 319 9.61 14.74 -13.06
CA ARG B 319 8.62 13.74 -13.38
C ARG B 319 9.23 12.37 -13.14
N SER B 320 8.56 11.56 -12.31
CA SER B 320 9.14 10.34 -11.80
C SER B 320 9.23 9.24 -12.86
N THR B 321 8.28 9.21 -13.76
CA THR B 321 8.26 8.34 -14.93
C THR B 321 8.14 9.27 -16.12
N PRO B 322 8.44 8.79 -17.36
CA PRO B 322 8.26 9.69 -18.52
C PRO B 322 6.80 10.05 -18.79
N TYR B 323 5.92 9.07 -18.84
CA TYR B 323 4.49 9.35 -18.84
C TYR B 323 3.93 9.11 -17.45
N MET B 324 2.86 9.84 -17.12
CA MET B 324 2.26 9.69 -15.80
C MET B 324 1.38 8.46 -15.69
N THR B 325 1.18 7.72 -16.78
CA THR B 325 0.63 6.38 -16.70
C THR B 325 1.49 5.44 -17.54
N ASP B 326 2.58 4.99 -16.95
CA ASP B 326 3.36 3.91 -17.51
C ASP B 326 3.11 2.60 -16.79
N ILE B 327 2.20 2.59 -15.82
CA ILE B 327 1.95 1.41 -15.01
C ILE B 327 1.37 0.29 -15.84
N GLY B 328 0.55 0.62 -16.82
CA GLY B 328 -0.05 -0.34 -17.71
C GLY B 328 0.87 -0.99 -18.70
N LYS B 329 2.18 -0.84 -18.53
CA LYS B 329 3.14 -1.76 -19.12
C LYS B 329 3.60 -2.81 -18.13
N MET B 330 2.98 -2.89 -16.95
CA MET B 330 3.24 -4.00 -16.06
C MET B 330 2.68 -5.25 -16.68
N VAL B 331 1.37 -5.32 -16.78
CA VAL B 331 0.76 -6.22 -17.72
C VAL B 331 0.90 -5.60 -19.09
N GLN B 332 0.96 -6.42 -20.12
CA GLN B 332 1.14 -5.91 -21.47
C GLN B 332 -0.21 -5.43 -22.00
N ALA B 333 -0.64 -4.32 -21.46
CA ALA B 333 -1.90 -3.68 -21.71
C ALA B 333 -1.71 -2.43 -22.54
N PRO B 334 -2.59 -2.16 -23.50
CA PRO B 334 -2.38 -0.99 -24.35
C PRO B 334 -2.74 0.28 -23.61
N ILE B 335 -2.01 1.33 -23.94
CA ILE B 335 -2.24 2.65 -23.37
C ILE B 335 -2.61 3.56 -24.53
N PHE B 336 -3.47 4.52 -24.27
CA PHE B 336 -3.87 5.44 -25.32
C PHE B 336 -3.87 6.85 -24.79
N HIS B 337 -2.96 7.67 -25.31
CA HIS B 337 -2.85 9.06 -24.91
C HIS B 337 -3.83 9.87 -25.74
N VAL B 338 -4.73 10.58 -25.08
CA VAL B 338 -5.72 11.38 -25.78
C VAL B 338 -5.81 12.76 -25.15
N ASN B 339 -5.75 13.79 -25.98
CA ASN B 339 -5.86 15.17 -25.55
C ASN B 339 -7.30 15.52 -25.20
N ALA B 340 -7.55 16.80 -24.97
CA ALA B 340 -8.90 17.28 -24.78
C ALA B 340 -9.33 18.28 -25.84
N ASP B 341 -8.46 18.62 -26.78
CA ASP B 341 -8.75 19.68 -27.74
C ASP B 341 -9.74 19.26 -28.82
N ASP B 342 -10.03 17.98 -28.95
CA ASP B 342 -10.95 17.52 -29.98
C ASP B 342 -11.56 16.22 -29.51
N PRO B 343 -12.76 16.25 -28.94
CA PRO B 343 -13.38 15.02 -28.43
C PRO B 343 -13.84 14.05 -29.51
N GLU B 344 -13.70 14.39 -30.80
CA GLU B 344 -13.75 13.36 -31.83
C GLU B 344 -12.69 12.31 -31.58
N ALA B 345 -11.49 12.75 -31.21
CA ALA B 345 -10.41 11.83 -30.90
C ALA B 345 -10.72 11.00 -29.65
N VAL B 346 -11.31 11.61 -28.63
CA VAL B 346 -11.56 10.82 -27.43
C VAL B 346 -12.72 9.88 -27.64
N ALA B 347 -13.65 10.20 -28.55
CA ALA B 347 -14.69 9.24 -28.89
C ALA B 347 -14.09 8.05 -29.61
N PHE B 348 -13.19 8.32 -30.56
CA PHE B 348 -12.51 7.25 -31.29
C PHE B 348 -11.71 6.36 -30.36
N VAL B 349 -11.05 6.97 -29.37
CA VAL B 349 -10.19 6.22 -28.48
C VAL B 349 -11.00 5.39 -27.48
N THR B 350 -12.08 5.94 -26.93
CA THR B 350 -12.83 5.10 -26.02
C THR B 350 -13.66 4.04 -26.73
N ARG B 351 -14.04 4.26 -28.00
CA ARG B 351 -14.59 3.16 -28.78
C ARG B 351 -13.56 2.06 -28.98
N LEU B 352 -12.32 2.45 -29.27
CA LEU B 352 -11.25 1.48 -29.46
C LEU B 352 -10.98 0.69 -28.18
N ALA B 353 -10.95 1.38 -27.04
CA ALA B 353 -10.68 0.72 -25.76
C ALA B 353 -11.79 -0.21 -25.35
N LEU B 354 -13.04 0.19 -25.60
CA LEU B 354 -14.15 -0.68 -25.23
C LEU B 354 -14.23 -1.88 -26.17
N ASP B 355 -13.93 -1.68 -27.46
CA ASP B 355 -13.85 -2.80 -28.38
C ASP B 355 -12.73 -3.76 -27.99
N PHE B 356 -11.62 -3.23 -27.50
CA PHE B 356 -10.51 -4.05 -27.04
C PHE B 356 -10.89 -4.89 -25.84
N ARG B 357 -11.51 -4.27 -24.84
CA ARG B 357 -11.86 -5.00 -23.62
C ARG B 357 -12.95 -6.01 -23.89
N ASN B 358 -13.88 -5.70 -24.79
CA ASN B 358 -14.91 -6.69 -25.06
C ASN B 358 -14.43 -7.78 -26.01
N THR B 359 -13.37 -7.54 -26.79
CA THR B 359 -12.94 -8.59 -27.69
C THR B 359 -11.89 -9.50 -27.04
N PHE B 360 -10.81 -8.93 -26.52
CA PHE B 360 -9.69 -9.75 -26.13
C PHE B 360 -9.50 -9.88 -24.62
N LYS B 361 -10.40 -9.29 -23.83
CA LYS B 361 -10.56 -9.56 -22.39
C LYS B 361 -9.30 -9.27 -21.59
N ARG B 362 -8.86 -8.01 -21.67
CA ARG B 362 -7.72 -7.57 -20.89
C ARG B 362 -7.87 -6.07 -20.69
N ASP B 363 -7.30 -5.55 -19.60
CA ASP B 363 -7.52 -4.16 -19.23
C ASP B 363 -6.87 -3.19 -20.21
N VAL B 364 -7.51 -2.04 -20.38
CA VAL B 364 -7.06 -1.00 -21.29
C VAL B 364 -6.90 0.26 -20.47
N PHE B 365 -5.95 1.11 -20.82
CA PHE B 365 -5.94 2.40 -20.14
C PHE B 365 -6.35 3.48 -21.10
N ILE B 366 -6.78 4.61 -20.55
CA ILE B 366 -6.99 5.83 -21.30
C ILE B 366 -6.18 6.92 -20.63
N ASP B 367 -5.11 7.36 -21.28
CA ASP B 367 -4.36 8.53 -20.82
C ASP B 367 -5.10 9.74 -21.35
N LEU B 368 -5.87 10.37 -20.48
CA LEU B 368 -6.66 11.55 -20.82
C LEU B 368 -5.89 12.77 -20.35
N VAL B 369 -4.98 13.27 -21.19
CA VAL B 369 -4.21 14.45 -20.82
C VAL B 369 -5.07 15.68 -21.01
N CYS B 370 -5.16 16.50 -19.98
CA CYS B 370 -5.93 17.73 -20.01
C CYS B 370 -5.40 18.63 -18.91
N TYR B 371 -5.87 19.87 -18.93
CA TYR B 371 -5.34 20.88 -18.02
C TYR B 371 -6.26 21.04 -16.81
N ARG B 372 -5.90 21.97 -15.95
CA ARG B 372 -6.66 22.24 -14.73
C ARG B 372 -6.87 23.74 -14.62
N ARG B 373 -8.09 24.19 -14.92
CA ARG B 373 -8.37 25.62 -15.03
C ARG B 373 -8.29 26.30 -13.67
N HIS B 374 -9.18 25.95 -12.77
CA HIS B 374 -9.16 26.54 -11.46
C HIS B 374 -8.44 25.60 -10.51
N GLY B 375 -8.39 25.97 -9.24
CA GLY B 375 -7.74 25.16 -8.25
C GLY B 375 -8.68 24.14 -7.66
N HIS B 376 -8.13 23.36 -6.71
CA HIS B 376 -8.93 22.58 -5.78
C HIS B 376 -9.88 23.49 -5.02
N ASN B 377 -9.31 24.35 -4.19
CA ASN B 377 -10.09 25.23 -3.33
C ASN B 377 -9.59 26.67 -3.36
N GLU B 378 -8.33 26.89 -3.73
CA GLU B 378 -7.68 28.20 -3.65
C GLU B 378 -6.83 28.37 -4.90
N ALA B 379 -5.91 29.34 -4.83
CA ALA B 379 -5.27 29.89 -6.02
C ALA B 379 -4.34 28.91 -6.70
N ASP B 380 -4.14 29.13 -8.01
CA ASP B 380 -3.34 28.25 -8.85
C ASP B 380 -1.89 28.73 -8.84
N GLU B 381 -1.32 28.76 -7.64
CA GLU B 381 0.05 29.26 -7.45
C GLU B 381 1.21 28.30 -7.71
N PRO B 382 1.34 27.13 -7.05
CA PRO B 382 2.64 26.44 -7.05
C PRO B 382 2.98 25.82 -8.40
N SER B 383 2.01 25.67 -9.29
CA SER B 383 2.30 25.61 -10.72
C SER B 383 2.43 27.04 -11.20
N ALA B 384 3.65 27.44 -11.54
CA ALA B 384 3.94 28.85 -11.77
C ALA B 384 3.33 29.34 -13.08
N THR B 385 3.74 28.75 -14.19
CA THR B 385 3.37 29.26 -15.51
C THR B 385 1.90 28.96 -15.80
N GLN B 386 1.12 30.02 -15.96
CA GLN B 386 -0.30 29.95 -16.23
C GLN B 386 -0.52 30.52 -17.62
N LYS B 387 -0.49 29.63 -18.61
CA LYS B 387 -0.96 29.92 -19.95
C LYS B 387 -2.48 29.72 -20.04
N ILE B 388 -3.08 29.30 -18.94
CA ILE B 388 -4.47 28.85 -18.91
C ILE B 388 -5.43 30.00 -19.17
N LYS B 389 -5.03 31.21 -18.78
CA LYS B 389 -5.89 32.37 -18.94
C LYS B 389 -6.09 32.71 -20.41
N LYS B 390 -5.01 32.77 -21.18
CA LYS B 390 -5.15 33.00 -22.61
C LYS B 390 -5.48 31.73 -23.37
N HIS B 391 -5.64 30.61 -22.70
CA HIS B 391 -6.09 29.42 -23.38
C HIS B 391 -7.61 29.37 -23.38
N PRO B 392 -8.24 29.08 -24.51
CA PRO B 392 -9.69 29.14 -24.60
C PRO B 392 -10.34 27.91 -23.97
N THR B 393 -11.65 28.02 -23.79
CA THR B 393 -12.44 26.93 -23.25
C THR B 393 -12.62 25.86 -24.33
N PRO B 394 -12.85 24.59 -23.94
CA PRO B 394 -13.01 23.55 -24.95
C PRO B 394 -14.27 23.68 -25.79
N ARG B 395 -15.36 24.19 -25.20
CA ARG B 395 -16.57 24.36 -25.98
C ARG B 395 -16.39 25.45 -27.03
N LYS B 396 -15.53 26.43 -26.77
CA LYS B 396 -15.31 27.51 -27.70
C LYS B 396 -14.60 27.01 -28.95
N ILE B 397 -13.50 26.30 -28.76
CA ILE B 397 -12.74 25.80 -29.91
C ILE B 397 -13.50 24.68 -30.62
N TYR B 398 -14.26 23.87 -29.88
CA TYR B 398 -14.93 22.78 -30.57
C TYR B 398 -16.15 23.28 -31.33
N ALA B 399 -16.87 24.26 -30.76
CA ALA B 399 -17.96 24.88 -31.50
C ALA B 399 -17.45 25.68 -32.68
N ASP B 400 -16.27 26.28 -32.56
CA ASP B 400 -15.73 27.01 -33.70
C ASP B 400 -15.25 26.06 -34.79
N LYS B 401 -14.75 24.88 -34.39
CA LYS B 401 -14.41 23.86 -35.37
C LYS B 401 -15.64 23.39 -36.13
N LEU B 402 -16.72 23.10 -35.41
CA LEU B 402 -17.91 22.62 -36.10
C LEU B 402 -18.70 23.72 -36.80
N GLU B 403 -18.47 24.97 -36.43
CA GLU B 403 -18.93 26.09 -37.25
C GLU B 403 -18.15 26.13 -38.56
N GLN B 404 -16.84 25.91 -38.49
CA GLN B 404 -16.05 25.78 -39.71
C GLN B 404 -16.39 24.50 -40.48
N GLU B 405 -16.98 23.51 -39.81
CA GLU B 405 -17.45 22.32 -40.47
C GLU B 405 -18.91 22.40 -40.89
N LYS B 406 -19.50 23.60 -40.86
CA LYS B 406 -20.86 23.87 -41.35
C LYS B 406 -21.92 23.03 -40.64
N VAL B 407 -21.82 22.98 -39.32
CA VAL B 407 -22.77 22.18 -38.55
C VAL B 407 -23.55 23.06 -37.59
N ALA B 408 -22.84 23.69 -36.65
CA ALA B 408 -23.49 24.42 -35.57
C ALA B 408 -22.95 25.84 -35.50
N THR B 409 -23.87 26.80 -35.48
CA THR B 409 -23.50 28.21 -35.46
C THR B 409 -23.44 28.72 -34.02
N LEU B 410 -23.27 30.03 -33.89
CA LEU B 410 -23.25 30.65 -32.57
C LEU B 410 -24.63 30.60 -31.92
N GLU B 411 -25.68 30.73 -32.73
CA GLU B 411 -27.05 30.68 -32.24
C GLU B 411 -27.36 29.32 -31.64
N ASP B 412 -26.83 28.27 -32.25
CA ASP B 412 -27.11 26.91 -31.80
C ASP B 412 -26.47 26.64 -30.45
N ALA B 413 -25.17 26.93 -30.32
CA ALA B 413 -24.47 26.71 -29.07
C ALA B 413 -24.98 27.62 -27.97
N THR B 414 -25.36 28.85 -28.33
CA THR B 414 -25.91 29.77 -27.35
C THR B 414 -27.26 29.29 -26.84
N GLU B 415 -28.08 28.73 -27.74
CA GLU B 415 -29.34 28.13 -27.36
C GLU B 415 -29.11 26.91 -26.47
N MET B 416 -28.01 26.18 -26.71
CA MET B 416 -27.67 25.04 -25.85
C MET B 416 -27.30 25.47 -24.44
N VAL B 417 -26.48 26.53 -24.32
CA VAL B 417 -26.12 27.08 -23.02
C VAL B 417 -27.36 27.55 -22.27
N ASN B 418 -28.26 28.23 -22.98
CA ASN B 418 -29.43 28.81 -22.32
C ASN B 418 -30.45 27.74 -21.92
N LEU B 419 -30.65 26.74 -22.79
CA LEU B 419 -31.42 25.56 -22.42
C LEU B 419 -30.84 24.89 -21.18
N TYR B 420 -29.52 24.78 -21.11
CA TYR B 420 -28.94 24.02 -20.02
C TYR B 420 -29.03 24.78 -18.72
N ARG B 421 -28.83 26.10 -18.77
CA ARG B 421 -29.00 26.90 -17.55
C ARG B 421 -30.44 26.89 -17.09
N ASP B 422 -31.40 26.89 -18.03
CA ASP B 422 -32.80 26.80 -17.63
C ASP B 422 -33.12 25.43 -17.04
N ALA B 423 -32.48 24.39 -17.55
CA ALA B 423 -32.71 23.06 -17.01
C ALA B 423 -32.13 22.93 -15.61
N LEU B 424 -31.01 23.59 -15.35
CA LEU B 424 -30.48 23.58 -14.00
C LEU B 424 -31.32 24.42 -13.06
N ASP B 425 -31.85 25.54 -13.56
CA ASP B 425 -32.69 26.39 -12.72
C ASP B 425 -34.01 25.72 -12.39
N ALA B 426 -34.47 24.81 -13.24
CA ALA B 426 -35.73 24.13 -12.97
C ALA B 426 -35.61 23.13 -11.83
N GLY B 427 -34.43 22.54 -11.65
CA GLY B 427 -34.31 21.40 -10.75
C GLY B 427 -34.75 20.10 -11.36
N ASP B 428 -35.04 20.09 -12.65
CA ASP B 428 -35.36 18.87 -13.37
C ASP B 428 -34.10 18.02 -13.52
N CYS B 429 -34.30 16.71 -13.69
CA CYS B 429 -33.20 15.80 -13.97
C CYS B 429 -32.57 16.13 -15.31
N VAL B 430 -31.25 16.25 -15.32
CA VAL B 430 -30.53 16.76 -16.48
C VAL B 430 -30.48 15.73 -17.60
N VAL B 431 -30.06 14.51 -17.28
CA VAL B 431 -29.94 13.47 -18.28
C VAL B 431 -31.32 13.03 -18.73
N ALA B 432 -31.50 12.89 -20.05
CA ALA B 432 -32.80 12.55 -20.62
C ALA B 432 -33.08 11.04 -20.61
N GLU B 433 -32.25 10.24 -19.95
CA GLU B 433 -32.38 8.78 -20.00
C GLU B 433 -32.51 8.15 -18.63
N TRP B 434 -32.52 8.96 -17.57
CA TRP B 434 -32.67 8.45 -16.21
C TRP B 434 -34.07 7.88 -16.00
N ARG B 435 -34.15 6.81 -15.23
CA ARG B 435 -35.38 6.08 -14.99
C ARG B 435 -35.55 5.88 -13.49
N PRO B 436 -36.77 5.59 -13.04
CA PRO B 436 -36.94 5.12 -11.66
C PRO B 436 -36.45 3.69 -11.49
N MET B 437 -36.31 3.29 -10.24
CA MET B 437 -35.69 2.01 -9.87
C MET B 437 -36.72 1.04 -9.32
N ASN B 438 -36.70 -0.19 -9.84
CA ASN B 438 -37.57 -1.24 -9.36
C ASN B 438 -37.01 -1.84 -8.08
N MET B 439 -37.79 -2.71 -7.45
CA MET B 439 -37.42 -3.27 -6.15
C MET B 439 -36.46 -4.44 -6.25
N HIS B 440 -36.44 -5.16 -7.38
CA HIS B 440 -35.63 -6.37 -7.46
C HIS B 440 -34.14 -6.04 -7.53
N SER B 441 -33.77 -4.93 -8.18
CA SER B 441 -32.40 -4.44 -8.16
C SER B 441 -32.03 -3.90 -6.79
N PHE B 442 -33.02 -3.52 -6.00
CA PHE B 442 -32.80 -3.16 -4.60
C PHE B 442 -32.78 -4.48 -3.81
N THR B 443 -31.63 -5.16 -3.90
CA THR B 443 -31.48 -6.49 -3.32
C THR B 443 -31.32 -6.44 -1.81
N TRP B 444 -30.98 -5.28 -1.26
CA TRP B 444 -30.75 -5.12 0.16
C TRP B 444 -32.03 -4.82 0.93
N SER B 445 -33.19 -5.04 0.32
CA SER B 445 -34.45 -4.77 1.00
C SER B 445 -34.75 -5.60 2.25
N PRO B 446 -34.38 -6.88 2.39
CA PRO B 446 -34.54 -7.51 3.71
C PRO B 446 -33.35 -7.36 4.64
N TYR B 447 -32.34 -6.59 4.27
CA TYR B 447 -31.11 -6.50 5.05
C TYR B 447 -30.88 -5.10 5.59
N LEU B 448 -31.95 -4.44 6.03
CA LEU B 448 -31.86 -3.09 6.57
C LEU B 448 -32.41 -3.03 7.98
N ASN B 449 -31.69 -2.29 8.83
CA ASN B 449 -32.15 -1.83 10.15
C ASN B 449 -32.50 -3.01 11.07
N HIS B 450 -31.44 -3.69 11.48
CA HIS B 450 -31.54 -4.83 12.38
C HIS B 450 -30.67 -4.60 13.61
N GLU B 451 -30.82 -5.48 14.60
CA GLU B 451 -29.93 -5.49 15.74
C GLU B 451 -29.37 -6.89 15.91
N TRP B 452 -28.27 -7.00 16.66
CA TRP B 452 -27.44 -8.19 16.65
C TRP B 452 -28.08 -9.38 17.34
N ASP B 453 -29.16 -9.19 18.09
CA ASP B 453 -29.79 -10.28 18.84
C ASP B 453 -31.01 -10.87 18.13
N GLU B 454 -31.04 -10.83 16.80
CA GLU B 454 -32.14 -11.47 16.09
C GLU B 454 -32.00 -12.99 16.14
N GLU B 455 -33.05 -13.67 15.73
CA GLU B 455 -33.02 -15.12 15.64
C GLU B 455 -32.83 -15.54 14.20
N TYR B 456 -31.86 -16.39 13.98
CA TYR B 456 -31.51 -17.02 12.71
C TYR B 456 -31.63 -18.52 12.90
N PRO B 457 -32.02 -19.27 11.86
CA PRO B 457 -32.27 -20.70 12.04
C PRO B 457 -31.03 -21.52 12.32
N ASN B 458 -30.56 -21.42 13.57
CA ASN B 458 -29.29 -22.01 13.96
C ASN B 458 -29.34 -23.52 14.08
N LYS B 459 -30.48 -24.08 14.50
CA LYS B 459 -30.56 -25.51 14.76
C LYS B 459 -30.49 -26.29 13.45
N VAL B 460 -29.63 -27.29 13.42
CA VAL B 460 -29.41 -28.11 12.23
C VAL B 460 -29.87 -29.52 12.52
N GLU B 461 -30.57 -30.12 11.57
CA GLU B 461 -30.94 -31.53 11.66
C GLU B 461 -29.68 -32.39 11.68
N MET B 462 -29.54 -33.18 12.75
CA MET B 462 -28.31 -33.89 13.04
C MET B 462 -27.98 -34.92 11.97
N LYS B 463 -29.01 -35.52 11.36
CA LYS B 463 -28.77 -36.50 10.32
C LYS B 463 -28.18 -35.84 9.08
N ARG B 464 -28.74 -34.69 8.68
CA ARG B 464 -28.20 -33.95 7.54
C ARG B 464 -26.82 -33.40 7.84
N LEU B 465 -26.57 -33.04 9.10
CA LEU B 465 -25.25 -32.55 9.50
C LEU B 465 -24.21 -33.64 9.40
N GLN B 466 -24.55 -34.85 9.84
CA GLN B 466 -23.63 -35.97 9.71
C GLN B 466 -23.44 -36.37 8.26
N GLU B 467 -24.47 -36.19 7.44
CA GLU B 467 -24.31 -36.42 6.01
C GLU B 467 -23.38 -35.40 5.38
N LEU B 468 -23.44 -34.15 5.84
CA LEU B 468 -22.53 -33.12 5.34
C LEU B 468 -21.09 -33.42 5.73
N ALA B 469 -20.89 -33.92 6.95
CA ALA B 469 -19.55 -34.31 7.37
C ALA B 469 -19.04 -35.48 6.53
N LYS B 470 -19.90 -36.47 6.28
CA LYS B 470 -19.45 -37.63 5.50
C LYS B 470 -19.35 -37.33 4.02
N ARG B 471 -19.92 -36.23 3.53
CA ARG B 471 -19.64 -35.83 2.15
C ARG B 471 -18.40 -34.97 2.03
N ILE B 472 -18.14 -34.08 3.01
CA ILE B 472 -16.92 -33.28 2.92
C ILE B 472 -15.69 -34.07 3.33
N SER B 473 -15.86 -35.24 3.92
CA SER B 473 -14.71 -36.02 4.32
C SER B 473 -14.40 -37.17 3.37
N THR B 474 -15.40 -37.83 2.81
CA THR B 474 -15.15 -38.93 1.88
C THR B 474 -14.70 -38.36 0.55
N VAL B 475 -13.53 -38.79 0.10
CA VAL B 475 -12.88 -38.23 -1.08
C VAL B 475 -12.68 -39.35 -2.08
N PRO B 476 -12.98 -39.14 -3.37
CA PRO B 476 -12.81 -40.20 -4.36
C PRO B 476 -11.36 -40.60 -4.55
N GLU B 477 -11.18 -41.85 -4.97
CA GLU B 477 -9.89 -42.51 -4.94
C GLU B 477 -9.01 -42.15 -6.13
N ALA B 478 -9.51 -41.33 -7.06
CA ALA B 478 -8.65 -40.80 -8.10
C ALA B 478 -7.68 -39.78 -7.52
N VAL B 479 -8.20 -38.80 -6.79
CA VAL B 479 -7.38 -37.72 -6.25
C VAL B 479 -6.65 -38.25 -5.03
N GLU B 480 -5.40 -38.64 -5.24
CA GLU B 480 -4.59 -39.24 -4.19
C GLU B 480 -4.10 -38.15 -3.24
N MET B 481 -4.21 -38.42 -1.95
CA MET B 481 -3.98 -37.40 -0.95
C MET B 481 -2.51 -37.26 -0.61
N GLN B 482 -2.23 -36.51 0.44
CA GLN B 482 -0.95 -36.53 1.13
C GLN B 482 -1.16 -37.19 2.49
N SER B 483 -0.08 -37.72 3.05
CA SER B 483 -0.16 -38.53 4.27
C SER B 483 -0.70 -37.74 5.46
N ARG B 484 -0.21 -36.52 5.67
CA ARG B 484 -0.77 -35.71 6.76
C ARG B 484 -2.17 -35.22 6.42
N VAL B 485 -2.44 -34.97 5.14
CA VAL B 485 -3.79 -34.65 4.70
C VAL B 485 -4.71 -35.85 4.92
N ALA B 486 -4.20 -37.07 4.65
CA ALA B 486 -4.98 -38.27 4.84
C ALA B 486 -5.25 -38.52 6.31
N LYS B 487 -4.30 -38.19 7.17
CA LYS B 487 -4.54 -38.32 8.60
C LYS B 487 -5.56 -37.30 9.09
N ILE B 488 -5.53 -36.08 8.55
CA ILE B 488 -6.53 -35.09 8.95
C ILE B 488 -7.92 -35.50 8.49
N TYR B 489 -8.05 -36.00 7.27
CA TYR B 489 -9.36 -36.41 6.79
C TYR B 489 -9.87 -37.68 7.44
N GLY B 490 -8.97 -38.62 7.77
CA GLY B 490 -9.40 -39.79 8.52
C GLY B 490 -9.84 -39.42 9.93
N ASP B 491 -9.16 -38.43 10.53
CA ASP B 491 -9.56 -37.97 11.85
C ASP B 491 -10.92 -37.27 11.81
N ARG B 492 -11.18 -36.48 10.77
CA ARG B 492 -12.51 -35.88 10.75
C ARG B 492 -13.59 -36.84 10.27
N GLN B 493 -13.23 -37.93 9.59
CA GLN B 493 -14.20 -39.01 9.41
C GLN B 493 -14.55 -39.64 10.74
N ALA B 494 -13.55 -39.81 11.60
CA ALA B 494 -13.82 -40.27 12.96
C ALA B 494 -14.67 -39.26 13.72
N MET B 495 -14.47 -37.97 13.45
CA MET B 495 -15.32 -36.94 14.03
C MET B 495 -16.74 -37.02 13.50
N ALA B 496 -16.90 -37.49 12.26
CA ALA B 496 -18.24 -37.64 11.70
C ALA B 496 -18.99 -38.78 12.37
N ALA B 497 -18.27 -39.82 12.79
CA ALA B 497 -18.90 -40.94 13.46
C ALA B 497 -19.10 -40.72 14.94
N GLY B 498 -18.85 -39.51 15.44
CA GLY B 498 -18.97 -39.26 16.86
C GLY B 498 -17.85 -39.82 17.70
N GLU B 499 -16.78 -40.29 17.08
CA GLU B 499 -15.67 -40.87 17.84
C GLU B 499 -14.83 -39.77 18.47
N LYS B 500 -14.27 -38.91 17.64
CA LYS B 500 -13.40 -37.83 18.08
C LYS B 500 -14.19 -36.52 18.10
N LEU B 501 -13.91 -35.68 19.08
CA LEU B 501 -14.50 -34.36 19.11
C LEU B 501 -13.99 -33.52 17.95
N PHE B 502 -14.75 -32.48 17.63
CA PHE B 502 -14.35 -31.56 16.58
C PHE B 502 -13.18 -30.71 17.03
N ASP B 503 -12.12 -30.72 16.23
CA ASP B 503 -11.11 -29.67 16.32
C ASP B 503 -11.58 -28.50 15.48
N TRP B 504 -10.67 -27.59 15.16
CA TRP B 504 -11.11 -26.34 14.54
C TRP B 504 -11.48 -26.54 13.07
N GLY B 505 -10.59 -27.17 12.30
CA GLY B 505 -10.72 -27.12 10.86
C GLY B 505 -11.89 -27.93 10.34
N GLY B 506 -12.13 -29.09 10.94
CA GLY B 506 -13.29 -29.90 10.57
C GLY B 506 -14.59 -29.20 10.89
N ALA B 507 -14.67 -28.55 12.05
CA ALA B 507 -15.86 -27.79 12.40
C ALA B 507 -16.04 -26.57 11.51
N GLU B 508 -14.94 -26.00 11.04
CA GLU B 508 -15.06 -24.77 10.28
C GLU B 508 -15.50 -25.04 8.85
N ASN B 509 -14.93 -26.06 8.21
CA ASN B 509 -15.53 -26.35 6.91
C ASN B 509 -16.81 -27.16 7.02
N LEU B 510 -17.13 -27.73 8.19
CA LEU B 510 -18.48 -28.20 8.40
C LEU B 510 -19.47 -27.05 8.44
N ALA B 511 -19.05 -25.91 9.00
CA ALA B 511 -19.88 -24.71 8.94
C ALA B 511 -20.06 -24.25 7.50
N TYR B 512 -18.99 -24.38 6.70
CA TYR B 512 -19.11 -24.11 5.26
C TYR B 512 -20.14 -25.02 4.60
N ALA B 513 -20.09 -26.30 4.93
CA ALA B 513 -21.04 -27.24 4.32
C ALA B 513 -22.46 -26.99 4.81
N THR B 514 -22.62 -26.52 6.04
CA THR B 514 -23.94 -26.16 6.54
C THR B 514 -24.48 -24.95 5.80
N LEU B 515 -23.59 -24.06 5.38
CA LEU B 515 -24.08 -22.91 4.62
C LEU B 515 -24.40 -23.29 3.18
N VAL B 516 -23.51 -24.01 2.50
CA VAL B 516 -23.61 -24.09 1.05
C VAL B 516 -24.70 -25.01 0.53
N ASP B 517 -25.28 -25.85 1.38
CA ASP B 517 -26.37 -26.68 0.88
C ASP B 517 -27.72 -26.01 1.00
N GLU B 518 -27.90 -25.14 2.00
CA GLU B 518 -29.15 -24.44 2.21
C GLU B 518 -29.43 -23.44 1.10
N GLY B 519 -28.38 -22.91 0.48
CA GLY B 519 -28.54 -21.96 -0.60
C GLY B 519 -27.82 -20.65 -0.38
N ILE B 520 -27.05 -20.53 0.70
CA ILE B 520 -26.29 -19.32 0.99
C ILE B 520 -24.82 -19.61 0.70
N PRO B 521 -24.26 -19.05 -0.37
CA PRO B 521 -22.89 -19.40 -0.77
C PRO B 521 -21.86 -18.73 0.12
N VAL B 522 -20.63 -19.21 0.02
CA VAL B 522 -19.49 -18.67 0.77
C VAL B 522 -18.33 -18.49 -0.19
N ARG B 523 -17.81 -17.28 -0.26
CA ARG B 523 -16.55 -16.98 -0.94
C ARG B 523 -15.53 -16.70 0.16
N LEU B 524 -14.68 -17.68 0.45
CA LEU B 524 -13.48 -17.35 1.21
C LEU B 524 -12.42 -17.05 0.16
N SER B 525 -11.85 -15.86 0.23
CA SER B 525 -10.75 -15.53 -0.65
C SER B 525 -9.75 -14.80 0.22
N GLY B 526 -8.90 -15.55 0.88
CA GLY B 526 -7.82 -14.99 1.64
C GLY B 526 -6.55 -15.09 0.82
N GLU B 527 -5.50 -14.48 1.35
CA GLU B 527 -4.20 -14.90 0.91
C GLU B 527 -4.02 -16.30 1.43
N ASP B 528 -3.47 -17.18 0.56
CA ASP B 528 -2.94 -18.52 0.83
C ASP B 528 -3.77 -19.33 1.83
N SER B 529 -5.08 -19.32 1.59
CA SER B 529 -6.05 -20.02 2.43
C SER B 529 -6.79 -21.11 1.66
N GLY B 530 -6.21 -21.62 0.58
CA GLY B 530 -6.76 -22.80 -0.07
C GLY B 530 -6.51 -24.05 0.74
N ARG B 531 -5.41 -24.08 1.49
CA ARG B 531 -5.16 -25.13 2.46
C ARG B 531 -5.18 -24.59 3.88
N GLY B 532 -5.44 -23.31 4.07
CA GLY B 532 -5.24 -22.71 5.37
C GLY B 532 -3.81 -22.22 5.53
N THR B 533 -3.63 -21.28 6.44
CA THR B 533 -2.29 -20.73 6.63
C THR B 533 -1.51 -21.57 7.63
N PHE B 534 -2.18 -22.17 8.59
CA PHE B 534 -1.53 -23.02 9.57
C PHE B 534 -1.89 -24.48 9.34
N PHE B 535 -2.04 -24.85 8.08
CA PHE B 535 -2.16 -26.23 7.61
C PHE B 535 -3.41 -26.89 8.17
N HIS B 536 -4.45 -26.09 8.44
CA HIS B 536 -5.58 -26.56 9.22
C HIS B 536 -6.91 -26.44 8.53
N ARG B 537 -6.94 -26.13 7.22
CA ARG B 537 -8.19 -26.14 6.49
C ARG B 537 -8.25 -27.24 5.45
N HIS B 538 -7.32 -27.23 4.50
CA HIS B 538 -7.18 -28.25 3.45
C HIS B 538 -8.45 -28.40 2.62
N ALA B 539 -9.14 -27.30 2.36
CA ALA B 539 -10.36 -27.37 1.57
C ALA B 539 -10.09 -27.59 0.10
N VAL B 540 -8.85 -27.50 -0.34
CA VAL B 540 -8.46 -27.94 -1.67
C VAL B 540 -7.44 -29.05 -1.47
N ILE B 541 -7.82 -30.26 -1.82
CA ILE B 541 -6.91 -31.40 -1.77
C ILE B 541 -6.18 -31.45 -3.09
N HIS B 542 -4.88 -31.17 -3.08
CA HIS B 542 -4.09 -31.34 -4.28
C HIS B 542 -3.80 -32.82 -4.50
N ASN B 543 -4.14 -33.31 -5.68
CA ASN B 543 -3.73 -34.67 -6.05
C ASN B 543 -2.24 -34.63 -6.33
N GLN B 544 -1.44 -35.02 -5.33
CA GLN B 544 0.00 -35.01 -5.46
C GLN B 544 0.52 -36.17 -6.31
N SER B 545 -0.36 -37.00 -6.83
CA SER B 545 0.02 -38.01 -7.81
C SER B 545 -0.15 -37.52 -9.24
N ASN B 546 -1.13 -36.66 -9.51
CA ASN B 546 -1.35 -36.16 -10.85
C ASN B 546 -1.07 -34.67 -10.99
N GLY B 547 -1.57 -33.85 -10.07
CA GLY B 547 -1.33 -32.43 -10.10
C GLY B 547 -2.58 -31.59 -10.09
N SER B 548 -3.70 -32.13 -10.56
CA SER B 548 -4.95 -31.40 -10.53
C SER B 548 -5.51 -31.37 -9.12
N THR B 549 -6.56 -30.59 -8.92
CA THR B 549 -7.10 -30.32 -7.60
C THR B 549 -8.49 -30.91 -7.46
N TYR B 550 -8.89 -31.11 -6.22
CA TYR B 550 -10.26 -31.49 -5.90
C TYR B 550 -10.70 -30.73 -4.66
N THR B 551 -11.86 -30.09 -4.75
CA THR B 551 -12.42 -29.36 -3.65
C THR B 551 -13.62 -30.13 -3.10
N PRO B 552 -13.54 -30.70 -1.92
CA PRO B 552 -14.67 -31.48 -1.40
C PRO B 552 -15.83 -30.65 -0.88
N LEU B 553 -15.85 -29.36 -1.14
CA LEU B 553 -17.02 -28.55 -0.90
C LEU B 553 -17.73 -28.12 -2.17
N GLN B 554 -17.12 -28.30 -3.33
CA GLN B 554 -17.80 -28.00 -4.58
C GLN B 554 -18.48 -29.21 -5.18
N HIS B 555 -18.65 -30.28 -4.41
CA HIS B 555 -19.25 -31.50 -4.92
C HIS B 555 -20.19 -32.11 -3.89
N ILE B 556 -21.03 -31.27 -3.29
CA ILE B 556 -21.99 -31.76 -2.32
C ILE B 556 -23.25 -32.24 -3.04
N HIS B 557 -23.97 -31.31 -3.68
CA HIS B 557 -25.09 -31.69 -4.53
C HIS B 557 -25.33 -30.56 -5.52
N ASN B 558 -26.09 -30.87 -6.55
CA ASN B 558 -26.48 -29.83 -7.48
C ASN B 558 -27.58 -28.97 -6.89
N GLY B 559 -27.56 -27.68 -7.22
CA GLY B 559 -28.44 -26.74 -6.58
C GLY B 559 -27.93 -26.22 -5.27
N GLN B 560 -26.62 -26.30 -5.03
CA GLN B 560 -26.01 -25.91 -3.76
C GLN B 560 -25.80 -24.39 -3.72
N GLY B 561 -25.00 -23.93 -2.76
CA GLY B 561 -24.44 -22.60 -2.83
C GLY B 561 -23.08 -22.61 -3.50
N ALA B 562 -22.81 -21.57 -4.27
CA ALA B 562 -21.58 -21.50 -5.06
C ALA B 562 -20.40 -21.16 -4.14
N PHE B 563 -19.62 -22.16 -3.80
CA PHE B 563 -18.50 -22.03 -2.88
C PHE B 563 -17.19 -22.02 -3.68
N ARG B 564 -16.44 -20.93 -3.62
CA ARG B 564 -15.20 -20.85 -4.39
C ARG B 564 -14.10 -20.21 -3.56
N VAL B 565 -13.09 -21.02 -3.21
CA VAL B 565 -11.90 -20.57 -2.51
C VAL B 565 -10.93 -20.01 -3.54
N TRP B 566 -10.36 -18.85 -3.26
CA TRP B 566 -9.34 -18.30 -4.14
C TRP B 566 -8.14 -17.89 -3.30
N ASP B 567 -7.02 -18.57 -3.51
CA ASP B 567 -5.76 -18.13 -2.94
C ASP B 567 -5.35 -16.82 -3.59
N SER B 568 -5.26 -15.78 -2.78
CA SER B 568 -4.95 -14.46 -3.31
C SER B 568 -3.49 -14.36 -3.71
N VAL B 569 -3.22 -13.44 -4.63
CA VAL B 569 -1.89 -12.92 -4.74
C VAL B 569 -1.60 -12.07 -3.52
N LEU B 570 -0.32 -11.89 -3.22
CA LEU B 570 0.12 -11.34 -1.94
C LEU B 570 -0.19 -9.85 -1.94
N SER B 571 -1.46 -9.49 -1.72
CA SER B 571 -1.80 -8.04 -1.74
C SER B 571 -1.94 -7.47 -0.33
N GLU B 572 -2.85 -8.05 0.46
CA GLU B 572 -3.10 -7.71 1.87
C GLU B 572 -3.64 -6.30 2.09
N GLU B 573 -3.71 -5.47 1.04
CA GLU B 573 -4.29 -4.13 1.13
C GLU B 573 -5.15 -3.78 -0.06
N ALA B 574 -5.16 -4.59 -1.11
CA ALA B 574 -6.11 -4.47 -2.20
C ALA B 574 -6.79 -5.78 -2.54
N VAL B 575 -6.47 -6.87 -1.85
CA VAL B 575 -7.39 -7.99 -1.84
C VAL B 575 -8.52 -7.68 -0.85
N LEU B 576 -8.27 -6.86 0.16
CA LEU B 576 -9.30 -6.66 1.14
C LEU B 576 -10.34 -5.68 0.62
N ALA B 577 -9.93 -4.71 -0.16
CA ALA B 577 -10.92 -3.86 -0.79
C ALA B 577 -11.67 -4.59 -1.88
N PHE B 578 -11.04 -5.61 -2.48
CA PHE B 578 -11.76 -6.47 -3.41
C PHE B 578 -12.84 -7.26 -2.70
N GLU B 579 -12.54 -7.81 -1.54
CA GLU B 579 -13.56 -8.53 -0.82
C GLU B 579 -14.58 -7.59 -0.20
N TYR B 580 -14.22 -6.32 0.00
CA TYR B 580 -15.21 -5.34 0.36
C TYR B 580 -16.22 -5.15 -0.75
N GLY B 581 -15.72 -4.84 -1.95
CA GLY B 581 -16.61 -4.61 -3.09
C GLY B 581 -17.39 -5.84 -3.49
N TYR B 582 -16.85 -7.02 -3.22
CA TYR B 582 -17.65 -8.22 -3.42
C TYR B 582 -18.64 -8.41 -2.30
N ALA B 583 -18.35 -7.90 -1.11
CA ALA B 583 -19.26 -8.07 0.01
C ALA B 583 -20.37 -7.05 0.05
N THR B 584 -20.12 -5.85 -0.40
CA THR B 584 -21.14 -4.81 -0.37
C THR B 584 -22.02 -4.81 -1.59
N ALA B 585 -21.76 -5.68 -2.56
CA ALA B 585 -22.63 -5.79 -3.72
C ALA B 585 -23.28 -7.16 -3.84
N GLU B 586 -23.20 -8.00 -2.81
CA GLU B 586 -23.99 -9.21 -2.69
C GLU B 586 -24.17 -9.60 -1.24
N PRO B 587 -25.36 -9.48 -0.70
CA PRO B 587 -25.57 -9.78 0.71
C PRO B 587 -25.69 -11.26 1.00
N ARG B 588 -25.97 -12.05 -0.04
CA ARG B 588 -26.18 -13.48 0.16
C ARG B 588 -24.88 -14.18 0.51
N THR B 589 -23.86 -13.98 -0.31
CA THR B 589 -22.60 -14.72 -0.16
C THR B 589 -21.88 -14.31 1.10
N LEU B 590 -21.62 -15.27 1.98
CA LEU B 590 -20.80 -15.00 3.14
C LEU B 590 -19.36 -14.89 2.70
N THR B 591 -18.86 -13.67 2.59
CA THR B 591 -17.52 -13.42 2.06
C THR B 591 -16.58 -13.21 3.23
N ILE B 592 -15.71 -14.17 3.47
CA ILE B 592 -14.78 -14.03 4.58
C ILE B 592 -13.40 -13.86 4.00
N TRP B 593 -12.52 -13.27 4.80
CA TRP B 593 -11.18 -12.93 4.35
C TRP B 593 -10.19 -13.40 5.41
N GLU B 594 -9.27 -14.26 5.02
CA GLU B 594 -8.31 -14.83 5.95
C GLU B 594 -6.92 -14.35 5.62
N ALA B 595 -6.31 -13.62 6.53
CA ALA B 595 -4.94 -13.17 6.38
C ALA B 595 -3.99 -14.33 6.64
N GLN B 596 -2.73 -14.12 6.30
CA GLN B 596 -1.73 -15.14 6.64
C GLN B 596 -1.43 -15.11 8.14
N PHE B 597 -1.31 -13.93 8.71
CA PHE B 597 -1.05 -13.77 10.14
C PHE B 597 -1.83 -12.59 10.65
N GLY B 598 -1.65 -12.28 11.93
CA GLY B 598 -2.38 -11.20 12.55
C GLY B 598 -1.97 -9.84 12.08
N ASP B 599 -0.76 -9.40 12.42
CA ASP B 599 -0.35 -8.07 12.01
C ASP B 599 0.30 -8.08 10.64
N PHE B 600 0.26 -9.20 9.94
CA PHE B 600 0.53 -9.19 8.51
C PHE B 600 -0.69 -8.69 7.75
N ALA B 601 -1.83 -8.59 8.43
CA ALA B 601 -3.03 -7.92 7.94
C ALA B 601 -3.05 -6.46 8.32
N ASN B 602 -1.89 -5.82 8.43
CA ASN B 602 -1.88 -4.42 8.80
C ASN B 602 -1.74 -3.54 7.57
N GLY B 603 -1.50 -4.15 6.41
CA GLY B 603 -1.36 -3.38 5.19
C GLY B 603 -2.65 -2.69 4.80
N ALA B 604 -3.74 -3.45 4.73
CA ALA B 604 -5.06 -2.83 4.62
C ALA B 604 -5.39 -2.23 5.97
N GLN B 605 -4.98 -0.99 6.15
CA GLN B 605 -5.57 -0.24 7.24
C GLN B 605 -6.59 0.76 6.74
N VAL B 606 -6.36 1.32 5.56
CA VAL B 606 -7.30 2.27 4.98
C VAL B 606 -8.63 1.60 4.67
N VAL B 607 -8.58 0.35 4.22
CA VAL B 607 -9.79 -0.39 3.92
C VAL B 607 -10.53 -0.75 5.20
N ILE B 608 -9.81 -0.98 6.29
CA ILE B 608 -10.50 -1.25 7.54
C ILE B 608 -10.99 0.03 8.18
N ASP B 609 -10.16 1.06 8.22
CA ASP B 609 -10.51 2.26 8.96
C ASP B 609 -11.56 3.11 8.27
N GLN B 610 -11.62 3.11 6.94
CA GLN B 610 -12.51 4.04 6.27
C GLN B 610 -13.58 3.39 5.41
N PHE B 611 -13.46 2.12 5.05
CA PHE B 611 -14.60 1.43 4.45
C PHE B 611 -15.41 0.64 5.46
N ILE B 612 -14.79 -0.36 6.08
CA ILE B 612 -15.62 -1.37 6.73
C ILE B 612 -16.06 -0.89 8.09
N SER B 613 -15.32 0.02 8.70
CA SER B 613 -15.69 0.43 10.05
C SER B 613 -16.32 1.79 10.05
N SER B 614 -16.42 2.42 8.87
CA SER B 614 -17.03 3.76 8.75
C SER B 614 -18.12 3.78 7.66
N GLY B 615 -18.32 2.65 6.98
CA GLY B 615 -19.29 2.55 5.87
C GLY B 615 -20.73 2.82 6.25
N GLU B 616 -21.18 2.29 7.40
CA GLU B 616 -22.56 2.43 7.83
C GLU B 616 -22.83 3.81 8.36
N GLN B 617 -21.89 4.39 9.09
CA GLN B 617 -22.16 5.70 9.66
C GLN B 617 -21.90 6.83 8.67
N LYS B 618 -21.01 6.66 7.70
CA LYS B 618 -20.81 7.74 6.74
C LYS B 618 -21.87 7.70 5.66
N TRP B 619 -21.91 6.65 4.86
CA TRP B 619 -22.79 6.63 3.73
C TRP B 619 -24.13 5.99 4.00
N GLY B 620 -24.25 5.20 5.06
CA GLY B 620 -25.40 4.34 5.17
C GLY B 620 -25.28 3.14 4.28
N ARG B 621 -24.07 2.70 4.00
CA ARG B 621 -23.80 1.52 3.20
C ARG B 621 -23.47 0.36 4.14
N MET B 622 -24.10 -0.78 3.93
CA MET B 622 -23.91 -1.94 4.79
C MET B 622 -22.89 -2.88 4.17
N CYS B 623 -22.12 -3.56 5.04
CA CYS B 623 -21.17 -4.57 4.60
C CYS B 623 -20.98 -5.64 5.66
N GLY B 624 -21.01 -6.89 5.25
CA GLY B 624 -20.88 -7.99 6.18
C GLY B 624 -19.70 -8.91 5.95
N LEU B 625 -18.53 -8.33 5.68
CA LEU B 625 -17.31 -9.14 5.58
C LEU B 625 -16.97 -9.79 6.92
N VAL B 626 -16.18 -10.84 6.84
CA VAL B 626 -15.58 -11.46 8.00
C VAL B 626 -14.08 -11.43 7.80
N MET B 627 -13.35 -10.98 8.81
CA MET B 627 -11.91 -10.98 8.77
C MET B 627 -11.41 -12.13 9.62
N LEU B 628 -11.10 -13.26 9.00
CA LEU B 628 -10.39 -14.31 9.72
C LEU B 628 -8.99 -13.82 10.00
N LEU B 629 -8.73 -13.46 11.24
CA LEU B 629 -7.40 -13.02 11.59
C LEU B 629 -6.79 -13.99 12.59
N PRO B 630 -5.59 -14.49 12.32
CA PRO B 630 -4.84 -15.20 13.34
C PRO B 630 -4.50 -14.27 14.49
N HIS B 631 -4.38 -14.84 15.68
CA HIS B 631 -4.13 -14.05 16.87
C HIS B 631 -3.61 -14.99 17.95
N GLY B 632 -2.36 -14.82 18.33
CA GLY B 632 -1.81 -15.73 19.31
C GLY B 632 -0.51 -15.24 19.92
N TYR B 633 -0.34 -15.60 21.18
CA TYR B 633 0.87 -15.31 21.93
C TYR B 633 1.62 -16.58 22.30
N GLU B 634 1.80 -17.48 21.34
CA GLU B 634 2.66 -18.63 21.56
C GLU B 634 4.11 -18.21 21.72
N GLY B 635 4.49 -17.08 21.14
CA GLY B 635 5.87 -16.66 21.12
C GLY B 635 6.57 -16.93 19.82
N GLN B 636 5.84 -17.13 18.74
CA GLN B 636 6.48 -17.40 17.47
C GLN B 636 7.13 -16.17 16.87
N GLY B 637 6.76 -14.98 17.32
CA GLY B 637 7.33 -13.78 16.76
C GLY B 637 6.74 -12.56 17.40
N PRO B 638 7.32 -11.41 17.14
CA PRO B 638 6.75 -10.18 17.68
C PRO B 638 5.62 -9.67 16.81
N GLU B 639 5.67 -9.94 15.49
CA GLU B 639 4.62 -9.50 14.58
C GLU B 639 4.17 -10.62 13.65
N HIS B 640 4.63 -11.84 13.88
CA HIS B 640 3.86 -13.02 13.51
C HIS B 640 2.79 -13.34 14.52
N SER B 641 2.70 -12.56 15.61
CA SER B 641 1.95 -12.97 16.79
C SER B 641 0.48 -12.54 16.73
N SER B 642 0.23 -11.24 16.67
CA SER B 642 -1.12 -10.79 16.94
C SER B 642 -1.45 -9.64 16.03
N ALA B 643 -2.69 -9.62 15.54
CA ALA B 643 -3.26 -8.39 15.04
C ALA B 643 -3.55 -7.46 16.21
N ARG B 644 -3.47 -6.17 15.96
CA ARG B 644 -3.74 -5.20 17.01
C ARG B 644 -5.23 -5.22 17.28
N LEU B 645 -5.63 -5.60 18.49
CA LEU B 645 -7.06 -5.75 18.75
C LEU B 645 -7.72 -4.40 19.00
N GLU B 646 -7.01 -3.46 19.60
CA GLU B 646 -7.54 -2.11 19.76
C GLU B 646 -7.66 -1.38 18.43
N ARG B 647 -6.93 -1.82 17.42
CA ARG B 647 -7.17 -1.31 16.09
C ARG B 647 -8.45 -1.88 15.50
N TYR B 648 -9.11 -2.82 16.19
CA TYR B 648 -10.51 -3.12 15.95
C TYR B 648 -11.37 -2.82 17.15
N LEU B 649 -10.86 -2.08 18.13
CA LEU B 649 -11.68 -1.65 19.25
C LEU B 649 -11.54 -0.18 19.59
N GLN B 650 -10.66 0.55 18.93
CA GLN B 650 -10.78 2.00 18.93
C GLN B 650 -11.73 2.48 17.85
N LEU B 651 -12.34 1.56 17.14
CA LEU B 651 -13.49 1.84 16.31
C LEU B 651 -14.79 1.64 17.05
N CYS B 652 -14.74 1.80 18.39
CA CYS B 652 -15.83 1.51 19.33
C CYS B 652 -16.97 2.50 19.21
N ALA B 653 -17.95 2.21 18.36
CA ALA B 653 -18.95 3.21 18.04
C ALA B 653 -20.23 2.58 17.53
N GLU B 654 -21.26 2.54 18.38
CA GLU B 654 -22.65 2.48 17.96
C GLU B 654 -22.97 1.23 17.14
N GLN B 655 -22.47 0.08 17.62
CA GLN B 655 -22.79 -1.25 17.10
C GLN B 655 -22.39 -1.39 15.63
N ASN B 656 -21.27 -0.77 15.26
CA ASN B 656 -20.87 -0.73 13.87
C ASN B 656 -20.24 -2.04 13.42
N MET B 657 -19.06 -2.35 13.93
CA MET B 657 -18.48 -3.65 13.67
C MET B 657 -19.01 -4.63 14.70
N GLN B 658 -18.39 -5.80 14.73
CA GLN B 658 -18.56 -6.74 15.83
C GLN B 658 -17.32 -7.63 15.85
N VAL B 659 -16.46 -7.41 16.82
CA VAL B 659 -15.32 -8.28 17.04
C VAL B 659 -15.75 -9.41 17.96
N CYS B 660 -15.34 -10.62 17.63
CA CYS B 660 -15.66 -11.77 18.46
C CYS B 660 -14.53 -12.76 18.37
N VAL B 661 -14.21 -13.37 19.50
CA VAL B 661 -13.07 -14.27 19.62
C VAL B 661 -13.58 -15.66 19.89
N PRO B 662 -13.68 -16.53 18.88
CA PRO B 662 -14.15 -17.89 19.13
C PRO B 662 -13.08 -18.72 19.82
N SER B 663 -13.45 -19.28 20.97
CA SER B 663 -12.54 -20.19 21.66
C SER B 663 -12.79 -21.63 21.20
N THR B 664 -13.97 -22.15 21.45
CA THR B 664 -14.30 -23.48 20.98
C THR B 664 -14.58 -23.42 19.48
N PRO B 665 -14.38 -24.52 18.78
CA PRO B 665 -14.88 -24.60 17.40
C PRO B 665 -16.40 -24.55 17.28
N ALA B 666 -17.14 -24.89 18.34
CA ALA B 666 -18.57 -24.63 18.36
C ALA B 666 -18.85 -23.14 18.21
N GLN B 667 -17.97 -22.31 18.79
CA GLN B 667 -18.11 -20.87 18.62
C GLN B 667 -17.84 -20.45 17.19
N VAL B 668 -16.90 -21.09 16.49
CA VAL B 668 -16.68 -20.59 15.14
C VAL B 668 -17.81 -21.06 14.22
N TYR B 669 -18.44 -22.19 14.57
CA TYR B 669 -19.63 -22.64 13.87
C TYR B 669 -20.77 -21.62 14.01
N HIS B 670 -21.08 -21.28 15.26
CA HIS B 670 -22.15 -20.32 15.50
C HIS B 670 -21.80 -18.92 15.03
N MET B 671 -20.52 -18.54 15.00
CA MET B 671 -20.21 -17.19 14.52
C MET B 671 -20.32 -17.08 13.01
N LEU B 672 -19.83 -18.08 12.27
CA LEU B 672 -19.99 -17.98 10.81
C LEU B 672 -21.45 -18.12 10.38
N ARG B 673 -22.23 -18.94 11.07
CA ARG B 673 -23.63 -18.89 10.68
C ARG B 673 -24.38 -17.73 11.30
N ARG B 674 -23.82 -17.09 12.33
CA ARG B 674 -24.41 -15.88 12.87
C ARG B 674 -24.20 -14.74 11.90
N GLN B 675 -23.09 -14.74 11.19
CA GLN B 675 -22.89 -13.71 10.19
C GLN B 675 -23.62 -14.03 8.90
N ALA B 676 -23.75 -15.31 8.57
CA ALA B 676 -24.22 -15.67 7.24
C ALA B 676 -25.71 -15.40 7.08
N LEU B 677 -26.55 -16.09 7.85
CA LEU B 677 -27.99 -16.09 7.62
C LEU B 677 -28.78 -15.38 8.72
N ARG B 678 -28.25 -14.29 9.24
CA ARG B 678 -28.96 -13.56 10.28
C ARG B 678 -29.98 -12.58 9.71
N GLY B 679 -29.55 -11.74 8.78
CA GLY B 679 -30.36 -10.65 8.29
C GLY B 679 -29.71 -9.29 8.42
N MET B 680 -28.67 -9.17 9.23
CA MET B 680 -27.88 -7.96 9.35
C MET B 680 -26.50 -8.21 8.76
N ARG B 681 -25.95 -7.22 8.08
CA ARG B 681 -24.64 -7.35 7.45
C ARG B 681 -23.71 -6.30 8.03
N ARG B 682 -23.03 -6.65 9.11
CA ARG B 682 -22.07 -5.79 9.76
C ARG B 682 -20.79 -6.58 10.00
N PRO B 683 -19.61 -5.93 9.90
CA PRO B 683 -18.37 -6.68 9.69
C PRO B 683 -17.92 -7.44 10.93
N LEU B 684 -17.47 -8.66 10.73
CA LEU B 684 -16.77 -9.39 11.78
C LEU B 684 -15.27 -9.23 11.62
N VAL B 685 -14.58 -9.21 12.75
CA VAL B 685 -13.15 -9.39 12.78
C VAL B 685 -12.85 -10.52 13.76
N VAL B 686 -12.85 -11.75 13.27
CA VAL B 686 -12.77 -12.89 14.16
C VAL B 686 -11.30 -13.22 14.40
N MET B 687 -11.01 -13.58 15.65
CA MET B 687 -9.65 -13.88 16.06
C MET B 687 -9.42 -15.40 16.00
N SER B 688 -9.34 -15.89 14.78
CA SER B 688 -9.18 -17.33 14.55
C SER B 688 -7.80 -17.80 14.99
N PRO B 689 -7.69 -18.50 16.10
CA PRO B 689 -6.39 -18.62 16.76
C PRO B 689 -5.43 -19.60 16.10
N LYS B 690 -4.29 -19.83 16.75
CA LYS B 690 -3.23 -20.68 16.24
C LYS B 690 -3.02 -21.93 17.07
N SER B 691 -2.88 -21.78 18.39
CA SER B 691 -2.65 -22.94 19.24
C SER B 691 -3.89 -23.79 19.40
N LEU B 692 -5.07 -23.23 19.19
CA LEU B 692 -6.29 -24.03 19.32
C LEU B 692 -6.57 -24.87 18.09
N LEU B 693 -5.76 -24.75 17.04
CA LEU B 693 -5.97 -25.58 15.87
C LEU B 693 -5.52 -27.02 16.11
N ARG B 694 -4.55 -27.21 16.98
CA ARG B 694 -3.96 -28.52 17.26
C ARG B 694 -4.05 -28.81 18.75
N HIS B 695 -5.17 -28.46 19.36
CA HIS B 695 -5.22 -28.48 20.80
C HIS B 695 -6.11 -29.60 21.28
N PRO B 696 -5.71 -30.38 22.29
CA PRO B 696 -6.52 -31.52 22.73
C PRO B 696 -7.73 -31.16 23.56
N LEU B 697 -8.02 -29.88 23.78
CA LEU B 697 -9.24 -29.46 24.44
C LEU B 697 -10.15 -28.63 23.55
N ALA B 698 -10.18 -28.90 22.25
CA ALA B 698 -11.16 -28.26 21.38
C ALA B 698 -12.53 -28.87 21.65
N VAL B 699 -13.20 -28.39 22.68
CA VAL B 699 -14.44 -29.00 23.17
C VAL B 699 -15.55 -28.61 22.22
N SER B 700 -15.84 -29.50 21.27
CA SER B 700 -16.94 -29.30 20.34
C SER B 700 -17.52 -30.66 19.99
N SER B 701 -18.57 -31.05 20.70
CA SER B 701 -19.32 -32.24 20.34
C SER B 701 -20.34 -31.90 19.26
N LEU B 702 -20.84 -32.95 18.61
CA LEU B 702 -21.91 -32.73 17.65
C LEU B 702 -23.24 -32.46 18.36
N GLU B 703 -23.33 -32.79 19.65
CA GLU B 703 -24.40 -32.28 20.49
C GLU B 703 -24.35 -30.76 20.57
N GLU B 704 -23.15 -30.19 20.63
CA GLU B 704 -23.01 -28.75 20.74
C GLU B 704 -23.22 -28.02 19.43
N LEU B 705 -23.48 -28.72 18.33
CA LEU B 705 -23.76 -28.01 17.08
C LEU B 705 -25.20 -28.12 16.64
N ALA B 706 -25.88 -29.22 16.91
CA ALA B 706 -27.29 -29.33 16.53
C ALA B 706 -28.17 -28.57 17.51
N ASN B 707 -28.17 -28.99 18.76
CA ASN B 707 -28.91 -28.30 19.80
C ASN B 707 -28.12 -27.17 20.43
N GLY B 708 -26.88 -26.95 19.98
CA GLY B 708 -26.12 -25.82 20.45
C GLY B 708 -26.69 -24.52 19.92
N THR B 709 -26.39 -23.44 20.63
CA THR B 709 -27.02 -22.16 20.35
C THR B 709 -25.95 -21.08 20.20
N PHE B 710 -26.41 -19.88 19.88
CA PHE B 710 -25.54 -18.71 19.84
C PHE B 710 -25.17 -18.28 21.24
N LEU B 711 -23.86 -18.23 21.50
CA LEU B 711 -23.39 -17.89 22.82
C LEU B 711 -22.36 -16.77 22.74
N PRO B 712 -22.65 -15.61 23.34
CA PRO B 712 -21.67 -14.53 23.33
C PRO B 712 -20.71 -14.62 24.49
N ALA B 713 -21.13 -15.20 25.60
CA ALA B 713 -20.36 -15.17 26.83
C ALA B 713 -20.54 -16.48 27.57
N ILE B 714 -19.69 -17.45 27.26
CA ILE B 714 -19.81 -18.76 27.87
C ILE B 714 -19.24 -18.71 29.28
N GLY B 715 -20.07 -19.03 30.26
CA GLY B 715 -19.65 -19.08 31.64
C GLY B 715 -18.90 -20.35 31.96
N GLU B 716 -19.04 -20.79 33.19
CA GLU B 716 -18.24 -21.91 33.67
C GLU B 716 -18.76 -23.22 33.13
N ILE B 717 -17.88 -23.99 32.48
CA ILE B 717 -18.29 -25.29 31.96
C ILE B 717 -18.06 -26.42 32.95
N ASP B 718 -17.17 -26.24 33.92
CA ASP B 718 -16.92 -27.28 34.89
C ASP B 718 -17.93 -27.14 36.03
N GLU B 719 -17.82 -28.01 37.04
CA GLU B 719 -18.67 -27.93 38.21
C GLU B 719 -17.90 -27.24 39.34
N LEU B 720 -18.46 -26.14 39.84
CA LEU B 720 -17.86 -25.39 40.94
C LEU B 720 -18.96 -24.96 41.90
N ASP B 721 -18.66 -24.99 43.18
CA ASP B 721 -19.61 -24.50 44.19
C ASP B 721 -19.43 -23.01 44.38
N PRO B 722 -20.41 -22.19 44.00
CA PRO B 722 -20.21 -20.73 44.01
C PRO B 722 -20.22 -20.10 45.40
N LYS B 723 -20.53 -20.85 46.46
CA LYS B 723 -20.50 -20.29 47.80
C LYS B 723 -19.07 -20.07 48.27
N GLY B 724 -18.18 -20.97 47.95
CA GLY B 724 -16.79 -20.80 48.32
C GLY B 724 -15.94 -20.03 47.34
N VAL B 725 -16.50 -19.65 46.20
CA VAL B 725 -15.73 -19.00 45.14
C VAL B 725 -15.44 -17.55 45.52
N LYS B 726 -14.16 -17.18 45.50
CA LYS B 726 -13.70 -15.85 45.87
C LYS B 726 -13.15 -15.07 44.70
N ARG B 727 -13.08 -15.66 43.51
CA ARG B 727 -12.57 -15.00 42.32
C ARG B 727 -13.26 -15.55 41.08
N VAL B 728 -13.61 -14.67 40.16
CA VAL B 728 -13.97 -15.09 38.82
C VAL B 728 -13.04 -14.36 37.86
N VAL B 729 -12.76 -14.99 36.74
CA VAL B 729 -11.76 -14.51 35.80
C VAL B 729 -12.45 -14.39 34.45
N MET B 730 -12.71 -13.15 34.02
CA MET B 730 -13.24 -12.89 32.70
C MET B 730 -12.07 -12.83 31.74
N CYS B 731 -12.01 -13.75 30.78
CA CYS B 731 -10.87 -13.72 29.86
C CYS B 731 -11.27 -14.29 28.53
N SER B 732 -10.73 -13.70 27.46
CA SER B 732 -11.04 -14.13 26.12
C SER B 732 -9.78 -14.58 25.41
N GLY B 733 -9.95 -15.47 24.44
CA GLY B 733 -8.85 -16.01 23.68
C GLY B 733 -8.43 -17.38 24.17
N LYS B 734 -7.21 -17.75 23.79
CA LYS B 734 -6.69 -19.05 24.21
C LYS B 734 -6.36 -19.09 25.69
N VAL B 735 -6.22 -17.93 26.33
CA VAL B 735 -5.66 -17.84 27.69
C VAL B 735 -6.57 -18.53 28.70
N TYR B 736 -7.88 -18.57 28.41
CA TYR B 736 -8.84 -19.41 29.13
C TYR B 736 -8.35 -20.81 29.31
N TYR B 737 -8.06 -21.48 28.19
CA TYR B 737 -7.56 -22.84 28.24
C TYR B 737 -6.24 -22.90 28.99
N ASP B 738 -5.39 -21.87 28.84
CA ASP B 738 -4.19 -21.78 29.66
C ASP B 738 -4.54 -21.72 31.13
N LEU B 739 -5.46 -20.81 31.48
CA LEU B 739 -5.98 -20.77 32.84
C LEU B 739 -6.66 -22.07 33.21
N LEU B 740 -7.36 -22.67 32.25
CA LEU B 740 -8.01 -23.93 32.53
C LEU B 740 -6.98 -25.02 32.74
N GLU B 741 -5.91 -24.98 31.95
CA GLU B 741 -4.84 -25.96 32.15
C GLU B 741 -3.96 -25.61 33.34
N GLN B 742 -4.25 -24.52 34.05
CA GLN B 742 -3.67 -24.34 35.37
C GLN B 742 -4.69 -24.52 36.47
N ARG B 743 -5.99 -24.39 36.15
CA ARG B 743 -6.95 -24.52 37.23
C ARG B 743 -7.18 -25.97 37.59
N ARG B 744 -7.50 -26.80 36.59
CA ARG B 744 -7.64 -28.22 36.85
C ARG B 744 -6.31 -28.92 37.07
N LYS B 745 -5.19 -28.27 36.75
CA LYS B 745 -3.90 -28.84 37.12
C LYS B 745 -3.66 -28.71 38.61
N ASN B 746 -4.01 -27.57 39.20
CA ASN B 746 -3.84 -27.34 40.63
C ASN B 746 -5.17 -27.25 41.35
N ASN B 747 -6.17 -27.98 40.85
CA ASN B 747 -7.49 -28.32 41.47
C ASN B 747 -8.08 -27.23 42.35
N GLN B 748 -8.02 -26.00 41.85
CA GLN B 748 -8.41 -24.83 42.62
C GLN B 748 -9.90 -24.58 42.43
N HIS B 749 -10.64 -24.59 43.54
CA HIS B 749 -12.09 -24.58 43.50
C HIS B 749 -12.71 -23.20 43.71
N ASP B 750 -12.02 -22.28 44.36
CA ASP B 750 -12.61 -21.02 44.77
C ASP B 750 -12.49 -19.93 43.71
N VAL B 751 -12.29 -20.29 42.45
CA VAL B 751 -12.23 -19.33 41.36
C VAL B 751 -12.81 -19.95 40.10
N ALA B 752 -13.77 -19.27 39.50
CA ALA B 752 -14.35 -19.69 38.24
C ALA B 752 -13.81 -18.85 37.11
N ILE B 753 -13.93 -19.36 35.89
CA ILE B 753 -13.45 -18.66 34.71
C ILE B 753 -14.64 -18.46 33.79
N VAL B 754 -14.75 -17.28 33.19
CA VAL B 754 -15.81 -16.94 32.26
C VAL B 754 -15.19 -16.40 31.00
N ARG B 755 -15.51 -17.01 29.87
CA ARG B 755 -15.06 -16.45 28.61
C ARG B 755 -16.01 -15.39 28.11
N ILE B 756 -15.49 -14.52 27.26
CA ILE B 756 -16.28 -13.51 26.58
C ILE B 756 -15.99 -13.72 25.10
N GLU B 757 -16.86 -14.47 24.42
CA GLU B 757 -16.59 -14.88 23.05
C GLU B 757 -16.75 -13.74 22.08
N GLN B 758 -17.52 -12.71 22.45
CA GLN B 758 -17.82 -11.58 21.58
C GLN B 758 -17.60 -10.29 22.35
N LEU B 759 -16.93 -9.32 21.72
CA LEU B 759 -16.51 -8.14 22.46
C LEU B 759 -17.25 -6.87 22.08
N TYR B 760 -17.35 -6.57 20.79
CA TYR B 760 -17.70 -5.20 20.39
C TYR B 760 -19.15 -4.83 20.66
N PRO B 761 -20.19 -5.61 20.23
CA PRO B 761 -21.52 -5.23 20.68
C PRO B 761 -21.59 -5.61 22.13
N PHE B 762 -21.67 -4.61 23.01
CA PHE B 762 -21.45 -4.70 24.45
C PHE B 762 -22.38 -5.77 25.02
N PRO B 763 -21.88 -6.95 25.35
CA PRO B 763 -22.80 -8.04 25.67
C PRO B 763 -23.39 -7.83 27.05
N HIS B 764 -24.59 -7.27 27.09
CA HIS B 764 -25.22 -6.97 28.36
C HIS B 764 -25.96 -8.17 28.92
N LYS B 765 -26.94 -8.66 28.17
CA LYS B 765 -27.73 -9.82 28.54
C LYS B 765 -26.86 -11.03 28.79
N ALA B 766 -25.88 -11.26 27.91
CA ALA B 766 -25.07 -12.46 27.96
C ALA B 766 -24.15 -12.48 29.17
N MET B 767 -23.65 -11.31 29.58
CA MET B 767 -22.78 -11.30 30.74
C MET B 767 -23.56 -11.31 32.05
N GLN B 768 -24.67 -10.59 32.13
CA GLN B 768 -25.42 -10.59 33.37
C GLN B 768 -26.18 -11.88 33.57
N GLU B 769 -26.44 -12.64 32.51
CA GLU B 769 -27.09 -13.92 32.71
C GLU B 769 -26.12 -14.99 33.21
N VAL B 770 -24.81 -14.80 33.00
CA VAL B 770 -23.83 -15.77 33.43
C VAL B 770 -23.09 -15.31 34.68
N LEU B 771 -23.52 -14.20 35.27
CA LEU B 771 -22.94 -13.74 36.53
C LEU B 771 -23.93 -13.72 37.68
N GLN B 772 -25.20 -14.07 37.45
CA GLN B 772 -26.14 -14.20 38.55
C GLN B 772 -25.82 -15.40 39.43
N GLN B 773 -25.08 -16.37 38.90
CA GLN B 773 -24.59 -17.48 39.69
C GLN B 773 -23.30 -17.16 40.44
N PHE B 774 -22.63 -16.06 40.11
CA PHE B 774 -21.40 -15.61 40.77
C PHE B 774 -21.48 -14.13 41.08
N ALA B 775 -22.58 -13.69 41.68
CA ALA B 775 -22.76 -12.25 41.90
C ALA B 775 -22.22 -11.77 43.23
N HIS B 776 -22.22 -12.62 44.25
CA HIS B 776 -21.88 -12.16 45.60
C HIS B 776 -20.38 -11.94 45.77
N VAL B 777 -19.56 -12.58 44.94
CA VAL B 777 -18.12 -12.34 44.96
C VAL B 777 -17.82 -10.93 44.45
N LYS B 778 -16.93 -10.23 45.15
CA LYS B 778 -16.69 -8.81 44.90
C LYS B 778 -15.59 -8.60 43.86
N ASP B 779 -14.39 -9.08 44.12
CA ASP B 779 -13.23 -8.77 43.29
C ASP B 779 -13.22 -9.63 42.04
N PHE B 780 -13.46 -9.00 40.89
CA PHE B 780 -13.33 -9.71 39.63
C PHE B 780 -12.01 -9.30 38.99
N VAL B 781 -11.55 -10.12 38.03
CA VAL B 781 -10.39 -9.75 37.25
C VAL B 781 -10.75 -9.88 35.79
N TRP B 782 -9.93 -9.26 34.94
CA TRP B 782 -10.05 -9.41 33.50
C TRP B 782 -8.70 -9.87 33.01
N CYS B 783 -8.48 -11.18 32.99
CA CYS B 783 -7.24 -11.66 32.43
C CYS B 783 -7.26 -11.53 30.91
N GLN B 784 -6.07 -11.58 30.34
CA GLN B 784 -5.87 -11.66 28.90
C GLN B 784 -4.44 -12.11 28.69
N GLU B 785 -4.16 -12.57 27.49
CA GLU B 785 -2.76 -12.81 27.18
C GLU B 785 -2.15 -11.67 26.39
N GLU B 786 -2.80 -10.54 26.33
CA GLU B 786 -2.22 -9.48 25.55
C GLU B 786 -1.59 -8.47 26.48
N PRO B 787 -0.72 -7.58 25.98
CA PRO B 787 -0.17 -6.54 26.83
C PRO B 787 -1.22 -5.54 27.31
N LEU B 788 -0.80 -4.68 28.24
CA LEU B 788 -1.73 -3.85 28.98
C LEU B 788 -2.33 -2.77 28.11
N ASN B 789 -1.60 -2.27 27.11
CA ASN B 789 -2.26 -1.41 26.14
C ASN B 789 -3.15 -2.22 25.22
N GLN B 790 -2.73 -3.44 24.88
CA GLN B 790 -3.44 -4.23 23.88
C GLN B 790 -4.65 -4.92 24.52
N GLY B 791 -5.41 -5.64 23.69
CA GLY B 791 -6.47 -6.49 24.19
C GLY B 791 -7.88 -5.94 24.10
N ALA B 792 -8.66 -6.16 25.14
CA ALA B 792 -9.85 -5.37 25.38
C ALA B 792 -9.73 -4.94 26.82
N TRP B 793 -8.86 -3.98 27.05
CA TRP B 793 -8.76 -3.34 28.34
C TRP B 793 -9.17 -1.90 28.24
N TYR B 794 -9.14 -1.34 27.06
CA TYR B 794 -9.75 -0.05 26.79
C TYR B 794 -11.09 -0.24 26.09
N CYS B 795 -11.77 -1.30 26.50
CA CYS B 795 -13.21 -1.42 26.44
C CYS B 795 -13.79 -1.64 27.83
N SER B 796 -12.94 -1.55 28.86
CA SER B 796 -13.36 -1.91 30.21
C SER B 796 -14.35 -0.89 30.76
N GLN B 797 -14.03 0.39 30.63
CA GLN B 797 -14.87 1.44 31.19
C GLN B 797 -16.21 1.54 30.47
N HIS B 798 -16.28 1.03 29.25
CA HIS B 798 -17.55 1.02 28.55
C HIS B 798 -18.51 0.01 29.16
N HIS B 799 -18.12 -1.25 29.30
CA HIS B 799 -19.12 -2.16 29.85
C HIS B 799 -18.62 -3.17 30.88
N PHE B 800 -17.32 -3.37 31.07
CA PHE B 800 -16.88 -4.22 32.16
C PHE B 800 -17.16 -3.60 33.51
N ARG B 801 -17.23 -2.28 33.57
CA ARG B 801 -17.58 -1.63 34.83
C ARG B 801 -19.07 -1.38 34.95
N GLU B 802 -19.89 -2.03 34.13
CA GLU B 802 -21.30 -2.16 34.44
C GLU B 802 -21.75 -3.61 34.52
N VAL B 803 -20.99 -4.55 33.95
CA VAL B 803 -21.23 -5.97 34.20
C VAL B 803 -20.94 -6.32 35.65
N ILE B 804 -19.95 -5.63 36.24
CA ILE B 804 -19.53 -5.80 37.63
C ILE B 804 -20.72 -5.55 38.57
N PRO B 805 -20.84 -6.27 39.68
CA PRO B 805 -21.89 -5.95 40.64
C PRO B 805 -21.61 -4.66 41.39
N PHE B 806 -22.59 -4.26 42.19
CA PHE B 806 -22.49 -3.00 42.93
C PHE B 806 -21.40 -3.05 43.99
N GLY B 807 -21.60 -3.86 45.03
CA GLY B 807 -20.59 -4.07 46.05
C GLY B 807 -19.53 -5.02 45.56
N ALA B 808 -18.67 -4.53 44.67
CA ALA B 808 -17.76 -5.38 43.93
C ALA B 808 -16.63 -4.54 43.39
N SER B 809 -15.58 -5.21 42.90
CA SER B 809 -14.42 -4.51 42.37
C SER B 809 -13.83 -5.26 41.20
N LEU B 810 -13.05 -4.54 40.41
CA LEU B 810 -12.35 -5.10 39.27
C LEU B 810 -10.87 -4.79 39.43
N ARG B 811 -10.02 -5.70 38.96
CA ARG B 811 -8.61 -5.38 38.82
C ARG B 811 -8.10 -6.08 37.58
N TYR B 812 -6.85 -5.81 37.24
CA TYR B 812 -6.29 -6.28 35.99
C TYR B 812 -5.28 -7.39 36.21
N ALA B 813 -5.29 -8.36 35.30
CA ALA B 813 -4.18 -9.27 35.11
C ALA B 813 -3.90 -9.34 33.63
N GLY B 814 -2.63 -9.40 33.27
CA GLY B 814 -2.24 -9.48 31.88
C GLY B 814 -0.77 -9.13 31.77
N ARG B 815 -0.27 -9.22 30.54
CA ARG B 815 1.09 -8.82 30.30
C ARG B 815 1.23 -7.31 30.48
N PRO B 816 2.29 -6.84 31.09
CA PRO B 816 2.54 -5.39 31.14
C PRO B 816 2.89 -4.89 29.76
N ALA B 817 2.50 -3.63 29.49
CA ALA B 817 2.46 -3.12 28.14
C ALA B 817 3.84 -2.93 27.55
N SER B 818 4.01 -3.42 26.33
CA SER B 818 5.24 -3.26 25.58
C SER B 818 4.89 -2.90 24.16
N ALA B 819 5.86 -2.33 23.45
CA ALA B 819 5.61 -1.86 22.10
C ALA B 819 5.38 -3.02 21.16
N SER B 820 6.36 -3.91 21.07
CA SER B 820 6.13 -5.23 20.54
C SER B 820 5.12 -5.93 21.44
N PRO B 821 3.98 -6.38 20.91
CA PRO B 821 3.03 -7.09 21.77
C PRO B 821 3.56 -8.42 22.24
N ALA B 822 4.41 -9.07 21.47
CA ALA B 822 5.06 -10.28 21.94
C ALA B 822 6.56 -10.05 21.91
N VAL B 823 7.23 -10.44 23.00
CA VAL B 823 8.68 -10.41 23.00
C VAL B 823 9.20 -11.49 22.06
N GLY B 824 10.34 -11.23 21.44
CA GLY B 824 10.83 -12.12 20.41
C GLY B 824 11.40 -13.42 20.91
N HIS B 825 11.82 -13.48 22.17
CA HIS B 825 12.53 -14.64 22.67
C HIS B 825 11.61 -15.55 23.43
N MET B 826 11.72 -16.85 23.14
CA MET B 826 10.75 -17.84 23.59
C MET B 826 10.83 -18.08 25.08
N SER B 827 12.03 -18.00 25.65
CA SER B 827 12.25 -18.34 27.05
C SER B 827 11.57 -17.33 27.98
N VAL B 828 11.83 -16.03 27.75
CA VAL B 828 11.18 -15.00 28.55
C VAL B 828 9.69 -14.94 28.24
N HIS B 829 9.29 -15.40 27.05
CA HIS B 829 7.88 -15.46 26.70
C HIS B 829 7.14 -16.45 27.57
N GLN B 830 7.64 -17.69 27.64
CA GLN B 830 7.02 -18.68 28.51
C GLN B 830 7.16 -18.32 29.97
N LYS B 831 8.24 -17.62 30.33
CA LYS B 831 8.44 -17.18 31.71
C LYS B 831 7.34 -16.23 32.16
N GLN B 832 7.14 -15.15 31.40
CA GLN B 832 6.08 -14.22 31.78
C GLN B 832 4.69 -14.80 31.52
N GLN B 833 4.58 -15.78 30.63
CA GLN B 833 3.32 -16.48 30.41
C GLN B 833 2.90 -17.25 31.66
N GLN B 834 3.78 -18.12 32.14
CA GLN B 834 3.52 -18.90 33.35
C GLN B 834 3.36 -18.04 34.58
N ASP B 835 4.16 -16.98 34.70
CA ASP B 835 4.00 -16.06 35.82
C ASP B 835 2.68 -15.32 35.75
N LEU B 836 2.21 -15.02 34.53
CA LEU B 836 0.93 -14.33 34.42
C LEU B 836 -0.23 -15.25 34.74
N VAL B 837 -0.14 -16.50 34.31
CA VAL B 837 -1.23 -17.44 34.61
C VAL B 837 -1.28 -17.74 36.09
N ASN B 838 -0.12 -17.94 36.73
CA ASN B 838 -0.09 -18.15 38.17
C ASN B 838 -0.25 -16.86 38.96
N ASP B 839 -0.26 -15.71 38.30
CA ASP B 839 -0.69 -14.47 38.94
C ASP B 839 -2.19 -14.27 38.81
N ALA B 840 -2.80 -14.76 37.73
CA ALA B 840 -4.24 -14.61 37.58
C ALA B 840 -4.99 -15.49 38.57
N LEU B 841 -4.40 -16.60 38.97
CA LEU B 841 -4.96 -17.45 40.02
C LEU B 841 -4.14 -17.19 41.27
N ASN B 842 -4.60 -16.25 42.09
CA ASN B 842 -3.76 -15.73 43.15
C ASN B 842 -4.24 -16.12 44.54
N VAL B 843 -5.56 -16.14 44.78
CA VAL B 843 -6.07 -16.16 46.14
C VAL B 843 -6.01 -17.52 46.82
N GLU B 844 -5.45 -18.54 46.18
CA GLU B 844 -5.36 -19.86 46.79
C GLU B 844 -4.30 -19.88 47.90
P AMP C . 25.87 2.56 10.37
O1P AMP C . 24.53 2.80 11.01
O2P AMP C . 26.56 3.80 9.86
O3P AMP C . 25.88 1.38 9.43
O5' AMP C . 26.77 2.07 11.58
C5' AMP C . 26.53 0.82 12.21
C4' AMP C . 26.42 0.98 13.70
O4' AMP C . 25.47 2.03 13.98
C3' AMP C . 25.93 -0.26 14.45
O3' AMP C . 26.62 -0.35 15.70
C2' AMP C . 24.47 0.06 14.71
O2' AMP C . 23.93 -0.58 15.84
C1' AMP C . 24.52 1.56 14.91
N9 AMP C . 23.26 2.23 14.65
C8 AMP C . 22.71 2.52 13.47
N7 AMP C . 21.53 3.18 13.64
C5 AMP C . 21.34 3.31 14.95
C6 AMP C . 20.30 3.89 15.83
N6 AMP C . 19.22 4.48 15.31
N1 AMP C . 20.49 3.80 17.16
C2 AMP C . 21.57 3.21 17.69
N3 AMP C . 22.54 2.66 16.96
C4 AMP C . 22.47 2.68 15.61
O1 OAA D . -5.59 13.62 -1.50
O2 OAA D . -5.54 15.78 -2.25
O4 OAA D . -4.54 14.09 -6.57
O5 OAA D . -2.89 15.64 -6.38
O3 OAA D . -2.94 15.18 -3.53
C1 OAA D . -5.42 14.50 -2.46
C2 OAA D . -5.08 14.02 -3.83
C3 OAA D . -3.86 14.72 -4.34
C4 OAA D . -3.75 14.82 -5.83
O1 OAA E . 4.52 -13.27 4.76
O2 OAA E . 4.78 -15.53 4.57
O4 OAA E . 6.63 -14.78 0.26
O5 OAA E . 5.08 -16.37 -0.25
O3 OAA E . 3.47 -15.35 1.93
C1 OAA E . 4.89 -14.32 4.09
C2 OAA E . 5.45 -14.14 2.71
C3 OAA E . 4.72 -15.00 1.74
C4 OAA E . 5.51 -15.41 0.52
P AMP F . -27.11 -2.15 -6.60
O1P AMP F . -26.43 -2.18 -5.26
O2P AMP F . -27.45 -3.50 -7.16
O3P AMP F . -26.49 -1.18 -7.57
O5' AMP F . -28.52 -1.49 -6.28
C5' AMP F . -28.61 -0.13 -5.88
C4' AMP F . -29.42 0.01 -4.62
O4' AMP F . -28.88 -0.90 -3.63
C3' AMP F . -29.38 1.40 -3.99
O3' AMP F . -30.67 1.69 -3.42
C2' AMP F . -28.38 1.23 -2.85
O2' AMP F . -28.58 2.12 -1.78
C1' AMP F . -28.63 -0.20 -2.44
N9 AMP F . -27.51 -0.83 -1.76
C8 AMP F . -26.38 -1.30 -2.31
N7 AMP F . -25.59 -1.84 -1.36
C5 AMP F . -26.21 -1.70 -0.19
C6 AMP F . -25.93 -2.03 1.22
N6 AMP F . -24.79 -2.64 1.58
N1 AMP F . -26.85 -1.70 2.14
C2 AMP F . -28.00 -1.09 1.80
N3 AMP F . -28.31 -0.75 0.55
C4 AMP F . -27.47 -1.02 -0.47
#